data_2MQM
#
_entry.id   2MQM
#
_entity_poly.entity_id   1
_entity_poly.type   'polypeptide(L)'
_entity_poly.pdbx_seq_one_letter_code
;QKISRPGDSDDSRSVNSVLLFTILNPIYSITTDVLYTICNPCGPVQRIVIFRKNGVQAMVEFDSVQSAQRAKASLNGADI
YSGCCTLKIEYAKPTRLNVFKNDQDTWDYTNPNLSGQG
;
_entity_poly.pdbx_strand_id   A
#
# COMPACT_ATOMS: atom_id res chain seq x y z
N GLN A 1 14.80 36.69 3.26
CA GLN A 1 15.63 35.48 3.08
C GLN A 1 14.76 34.22 3.17
N LYS A 2 14.20 33.95 4.35
CA LYS A 2 13.34 32.79 4.56
C LYS A 2 12.27 33.14 5.61
N ILE A 3 11.18 32.38 5.64
CA ILE A 3 10.08 32.61 6.58
C ILE A 3 10.57 32.41 8.01
N SER A 4 9.92 33.07 8.97
CA SER A 4 10.28 33.00 10.39
C SER A 4 9.79 31.71 11.04
N ARG A 5 9.14 30.83 10.27
CA ARG A 5 8.61 29.55 10.75
C ARG A 5 8.88 28.47 9.71
N PRO A 6 10.16 28.12 9.50
CA PRO A 6 10.60 27.14 8.52
C PRO A 6 10.22 25.72 8.95
N GLY A 7 10.41 24.76 8.03
CA GLY A 7 10.09 23.36 8.30
C GLY A 7 11.04 22.72 9.31
N ASP A 8 10.74 21.48 9.69
CA ASP A 8 11.51 20.74 10.67
C ASP A 8 11.50 19.24 10.33
N SER A 9 12.34 18.46 11.01
CA SER A 9 12.47 17.02 10.76
C SER A 9 12.80 16.70 9.31
N ASP A 10 13.35 17.67 8.58
CA ASP A 10 13.69 17.54 7.17
C ASP A 10 12.52 17.00 6.35
N ASP A 11 11.29 17.34 6.76
CA ASP A 11 10.05 16.92 6.11
C ASP A 11 9.96 15.40 5.93
N SER A 12 10.69 14.64 6.77
CA SER A 12 10.76 13.18 6.72
C SER A 12 11.22 12.65 5.35
N ARG A 13 11.76 13.54 4.50
CA ARG A 13 12.25 13.21 3.16
C ARG A 13 11.20 12.50 2.30
N SER A 14 11.61 12.06 1.11
CA SER A 14 10.74 11.37 0.16
C SER A 14 11.54 10.35 -0.63
N VAL A 15 10.85 9.35 -1.20
CA VAL A 15 11.50 8.32 -2.01
C VAL A 15 10.56 7.86 -3.12
N ASN A 16 9.35 7.42 -2.78
CA ASN A 16 8.32 7.03 -3.75
C ASN A 16 6.96 6.90 -3.06
N SER A 17 5.89 6.83 -3.86
CA SER A 17 4.53 6.68 -3.36
C SER A 17 4.12 5.21 -3.35
N VAL A 18 5.07 4.30 -3.56
CA VAL A 18 4.83 2.86 -3.64
C VAL A 18 5.29 2.17 -2.36
N LEU A 19 4.50 1.21 -1.88
CA LEU A 19 4.78 0.49 -0.65
C LEU A 19 4.74 -1.03 -0.87
N LEU A 20 5.36 -1.75 0.06
CA LEU A 20 5.40 -3.19 0.10
C LEU A 20 4.79 -3.64 1.42
N PHE A 21 3.89 -4.63 1.37
CA PHE A 21 3.18 -5.14 2.53
C PHE A 21 3.50 -6.62 2.71
N THR A 22 3.58 -7.06 3.97
CA THR A 22 3.80 -8.46 4.33
C THR A 22 2.93 -8.79 5.53
N ILE A 23 2.39 -10.01 5.56
CA ILE A 23 1.53 -10.46 6.65
C ILE A 23 2.34 -11.44 7.52
N LEU A 24 2.26 -11.30 8.83
CA LEU A 24 3.08 -12.08 9.75
C LEU A 24 2.36 -13.35 10.23
N ASN A 25 1.04 -13.27 10.44
CA ASN A 25 0.24 -14.37 10.96
C ASN A 25 -1.00 -14.58 10.10
N PRO A 26 -0.83 -14.94 8.81
CA PRO A 26 -1.93 -15.09 7.89
C PRO A 26 -2.78 -16.31 8.24
N ILE A 27 -3.94 -16.09 8.87
CA ILE A 27 -4.89 -17.15 9.18
C ILE A 27 -6.30 -16.83 8.69
N TYR A 28 -6.46 -15.68 8.01
CA TYR A 28 -7.73 -15.26 7.46
C TYR A 28 -7.52 -14.82 6.01
N SER A 29 -8.63 -14.63 5.26
CA SER A 29 -8.55 -14.27 3.85
C SER A 29 -8.15 -12.81 3.68
N ILE A 30 -7.41 -12.52 2.61
CA ILE A 30 -6.98 -11.17 2.25
C ILE A 30 -7.13 -11.01 0.74
N THR A 31 -7.67 -9.86 0.32
CA THR A 31 -7.89 -9.55 -1.09
C THR A 31 -7.65 -8.07 -1.32
N THR A 32 -7.69 -7.64 -2.58
CA THR A 32 -7.49 -6.24 -2.94
C THR A 32 -8.58 -5.35 -2.35
N ASP A 33 -9.72 -5.94 -1.96
CA ASP A 33 -10.81 -5.19 -1.37
C ASP A 33 -10.58 -4.99 0.13
N VAL A 34 -9.83 -5.89 0.76
CA VAL A 34 -9.51 -5.79 2.18
C VAL A 34 -8.36 -4.81 2.39
N LEU A 35 -7.39 -4.81 1.47
CA LEU A 35 -6.25 -3.91 1.56
C LEU A 35 -6.66 -2.50 1.18
N TYR A 36 -7.70 -2.36 0.34
CA TYR A 36 -8.16 -1.04 -0.06
C TYR A 36 -8.95 -0.37 1.05
N THR A 37 -9.73 -1.14 1.82
CA THR A 37 -10.55 -0.55 2.87
C THR A 37 -9.73 -0.18 4.10
N ILE A 38 -8.52 -0.76 4.24
CA ILE A 38 -7.63 -0.37 5.33
C ILE A 38 -6.60 0.68 4.88
N CYS A 39 -6.44 0.90 3.58
CA CYS A 39 -5.51 1.91 3.08
C CYS A 39 -6.22 3.21 2.71
N ASN A 40 -7.51 3.16 2.37
CA ASN A 40 -8.26 4.33 1.95
C ASN A 40 -8.39 5.38 3.07
N PRO A 41 -8.60 5.03 4.34
CA PRO A 41 -8.74 6.02 5.40
C PRO A 41 -7.39 6.68 5.74
N CYS A 42 -6.30 6.19 5.13
CA CYS A 42 -4.97 6.76 5.34
C CYS A 42 -4.56 7.63 4.14
N GLY A 43 -5.32 7.57 3.04
CA GLY A 43 -5.05 8.38 1.87
C GLY A 43 -5.66 7.75 0.60
N PRO A 44 -5.73 8.52 -0.49
CA PRO A 44 -6.29 8.06 -1.75
C PRO A 44 -5.37 7.02 -2.39
N VAL A 45 -5.86 5.77 -2.47
CA VAL A 45 -5.13 4.68 -3.10
C VAL A 45 -5.37 4.73 -4.61
N GLN A 46 -4.42 4.23 -5.39
CA GLN A 46 -4.52 4.23 -6.84
C GLN A 46 -4.54 2.79 -7.38
N ARG A 47 -3.77 1.88 -6.79
CA ARG A 47 -3.74 0.50 -7.25
C ARG A 47 -3.13 -0.44 -6.21
N ILE A 48 -3.48 -1.73 -6.31
CA ILE A 48 -3.04 -2.77 -5.38
C ILE A 48 -2.80 -4.08 -6.15
N VAL A 49 -1.83 -4.87 -5.70
CA VAL A 49 -1.56 -6.21 -6.23
C VAL A 49 -1.12 -7.11 -5.08
N ILE A 50 -1.40 -8.42 -5.18
CA ILE A 50 -1.15 -9.37 -4.11
C ILE A 50 -0.40 -10.59 -4.64
N PHE A 51 0.42 -11.19 -3.76
CA PHE A 51 1.19 -12.38 -4.07
C PHE A 51 1.14 -13.34 -2.87
N ARG A 52 0.91 -14.63 -3.13
CA ARG A 52 0.85 -15.63 -2.07
C ARG A 52 1.35 -17.00 -2.52
N LYS A 53 2.22 -17.02 -3.54
CA LYS A 53 2.85 -18.26 -4.00
C LYS A 53 3.84 -18.76 -2.95
N ASN A 54 4.28 -17.87 -2.06
CA ASN A 54 5.10 -18.20 -0.91
C ASN A 54 4.80 -17.15 0.17
N GLY A 55 4.34 -17.58 1.34
CA GLY A 55 3.89 -16.67 2.37
C GLY A 55 2.72 -15.85 1.86
N VAL A 56 2.51 -14.64 2.41
CA VAL A 56 1.49 -13.72 1.92
C VAL A 56 2.05 -12.30 1.93
N GLN A 57 1.99 -11.63 0.77
CA GLN A 57 2.49 -10.27 0.62
C GLN A 57 1.62 -9.50 -0.36
N ALA A 58 1.75 -8.17 -0.37
CA ALA A 58 0.99 -7.31 -1.26
C ALA A 58 1.75 -6.02 -1.52
N MET A 59 1.25 -5.21 -2.46
CA MET A 59 1.83 -3.91 -2.76
C MET A 59 0.72 -2.89 -2.97
N VAL A 60 0.99 -1.63 -2.61
CA VAL A 60 0.00 -0.56 -2.67
C VAL A 60 0.65 0.71 -3.21
N GLU A 61 -0.15 1.56 -3.87
CA GLU A 61 0.31 2.81 -4.43
C GLU A 61 -0.74 3.89 -4.23
N PHE A 62 -0.29 5.11 -3.94
CA PHE A 62 -1.15 6.26 -3.65
C PHE A 62 -0.94 7.36 -4.66
N ASP A 63 -1.83 8.35 -4.64
CA ASP A 63 -1.81 9.48 -5.58
C ASP A 63 -0.71 10.47 -5.21
N SER A 64 -0.16 10.37 -3.99
CA SER A 64 0.92 11.22 -3.52
C SER A 64 1.78 10.47 -2.52
N VAL A 65 3.06 10.83 -2.42
CA VAL A 65 3.96 10.23 -1.44
C VAL A 65 3.53 10.65 -0.04
N GLN A 66 2.83 11.78 0.09
CA GLN A 66 2.36 12.26 1.37
C GLN A 66 1.34 11.27 1.94
N SER A 67 0.63 10.57 1.06
CA SER A 67 -0.38 9.59 1.45
C SER A 67 0.29 8.24 1.75
N ALA A 68 1.43 7.97 1.10
CA ALA A 68 2.17 6.74 1.35
C ALA A 68 2.97 6.86 2.65
N GLN A 69 3.34 8.09 3.02
CA GLN A 69 4.04 8.35 4.27
C GLN A 69 3.07 8.13 5.45
N ARG A 70 1.80 8.54 5.28
CA ARG A 70 0.80 8.36 6.32
C ARG A 70 0.33 6.90 6.36
N ALA A 71 0.39 6.20 5.22
CA ALA A 71 -0.09 4.83 5.14
C ALA A 71 0.75 3.90 6.02
N LYS A 72 2.08 3.91 5.85
CA LYS A 72 2.92 3.02 6.65
C LYS A 72 3.12 3.55 8.07
N ALA A 73 2.77 4.83 8.31
CA ALA A 73 2.87 5.40 9.64
C ALA A 73 1.63 5.08 10.50
N SER A 74 0.56 4.57 9.88
CA SER A 74 -0.67 4.25 10.60
C SER A 74 -1.17 2.84 10.32
N LEU A 75 -0.43 2.04 9.53
CA LEU A 75 -0.84 0.67 9.21
C LEU A 75 0.27 -0.34 9.47
N ASN A 76 1.47 0.11 9.85
CA ASN A 76 2.55 -0.81 10.14
C ASN A 76 2.34 -1.41 11.54
N GLY A 77 2.47 -2.72 11.67
CA GLY A 77 2.26 -3.43 12.92
C GLY A 77 0.78 -3.49 13.30
N ALA A 78 -0.11 -3.08 12.39
CA ALA A 78 -1.54 -3.08 12.63
C ALA A 78 -2.14 -4.47 12.38
N ASP A 79 -3.43 -4.62 12.68
CA ASP A 79 -4.16 -5.87 12.47
C ASP A 79 -5.48 -5.54 11.77
N ILE A 80 -5.97 -6.48 10.95
CA ILE A 80 -7.21 -6.27 10.20
C ILE A 80 -8.37 -7.00 10.88
N TYR A 81 -8.07 -7.93 11.79
CA TYR A 81 -9.08 -8.71 12.50
C TYR A 81 -8.94 -8.54 14.02
N SER A 82 -8.34 -7.43 14.46
CA SER A 82 -8.05 -7.16 15.87
C SER A 82 -7.17 -8.25 16.50
N GLY A 83 -6.57 -9.08 15.66
CA GLY A 83 -5.68 -10.16 16.07
C GLY A 83 -5.29 -10.99 14.86
N CYS A 84 -4.04 -11.47 14.83
CA CYS A 84 -3.48 -12.18 13.69
C CYS A 84 -3.55 -11.36 12.41
N CYS A 85 -3.05 -11.93 11.30
CA CYS A 85 -2.93 -11.22 10.04
C CYS A 85 -2.25 -9.86 10.24
N THR A 86 -1.31 -9.81 11.18
CA THR A 86 -0.58 -8.59 11.52
C THR A 86 0.17 -8.09 10.29
N LEU A 87 0.19 -6.77 10.09
CA LEU A 87 0.80 -6.14 8.93
C LEU A 87 2.23 -5.70 9.20
N LYS A 88 3.03 -5.62 8.14
CA LYS A 88 4.39 -5.12 8.16
C LYS A 88 4.58 -4.35 6.86
N ILE A 89 5.00 -3.08 6.95
CA ILE A 89 5.08 -2.22 5.79
C ILE A 89 6.46 -1.60 5.65
N GLU A 90 6.89 -1.41 4.40
CA GLU A 90 8.13 -0.74 4.02
C GLU A 90 7.98 -0.21 2.59
N TYR A 91 8.94 0.60 2.12
CA TYR A 91 8.89 1.12 0.76
C TYR A 91 9.35 0.07 -0.24
N ALA A 92 8.75 0.06 -1.43
CA ALA A 92 9.14 -0.89 -2.47
C ALA A 92 10.25 -0.31 -3.34
N LYS A 93 10.88 -1.16 -4.16
CA LYS A 93 12.01 -0.73 -5.00
C LYS A 93 11.62 0.01 -6.27
N PRO A 94 10.44 -0.20 -6.89
CA PRO A 94 10.05 0.56 -8.07
C PRO A 94 9.47 1.91 -7.66
N THR A 95 9.39 2.85 -8.62
CA THR A 95 8.80 4.16 -8.38
C THR A 95 7.35 4.20 -8.84
N ARG A 96 6.89 3.14 -9.51
CA ARG A 96 5.52 3.01 -10.00
C ARG A 96 5.14 1.54 -10.09
N LEU A 97 3.85 1.26 -9.89
CA LEU A 97 3.27 -0.07 -10.08
C LEU A 97 2.41 -0.08 -11.35
N ASN A 98 1.94 -1.26 -11.74
CA ASN A 98 1.08 -1.41 -12.90
C ASN A 98 0.01 -2.46 -12.63
N VAL A 99 -1.10 -2.39 -13.37
CA VAL A 99 -2.22 -3.32 -13.23
C VAL A 99 -2.70 -3.74 -14.61
N PHE A 100 -3.27 -4.94 -14.71
CA PHE A 100 -3.66 -5.53 -15.98
C PHE A 100 -5.16 -5.79 -16.03
N LYS A 101 -5.79 -5.93 -14.85
CA LYS A 101 -7.20 -6.27 -14.73
C LYS A 101 -7.68 -5.99 -13.30
N ASN A 102 -8.98 -6.12 -13.05
CA ASN A 102 -9.55 -5.92 -11.72
C ASN A 102 -10.18 -7.21 -11.21
N ASP A 103 -9.56 -7.80 -10.19
CA ASP A 103 -10.02 -9.00 -9.51
C ASP A 103 -9.44 -9.05 -8.08
N GLN A 104 -9.63 -10.16 -7.38
CA GLN A 104 -9.20 -10.29 -5.99
C GLN A 104 -7.68 -10.44 -5.83
N ASP A 105 -6.92 -10.45 -6.93
CA ASP A 105 -5.48 -10.60 -6.89
C ASP A 105 -4.78 -9.30 -7.28
N THR A 106 -5.44 -8.46 -8.08
CA THR A 106 -4.93 -7.14 -8.44
C THR A 106 -6.10 -6.23 -8.84
N TRP A 107 -6.03 -4.95 -8.50
CA TRP A 107 -7.09 -4.01 -8.80
C TRP A 107 -6.54 -2.61 -9.01
N ASP A 108 -7.22 -1.81 -9.83
CA ASP A 108 -6.85 -0.45 -10.11
C ASP A 108 -8.04 0.48 -9.86
N TYR A 109 -7.77 1.63 -9.22
CA TYR A 109 -8.80 2.57 -8.79
C TYR A 109 -8.66 3.93 -9.47
N THR A 110 -7.82 4.03 -10.50
CA THR A 110 -7.61 5.29 -11.21
C THR A 110 -7.72 5.12 -12.72
N ASN A 111 -7.85 3.89 -13.22
CA ASN A 111 -8.08 3.63 -14.63
C ASN A 111 -9.45 4.19 -15.05
N PRO A 112 -9.60 4.59 -16.32
CA PRO A 112 -10.85 5.11 -16.86
C PRO A 112 -11.83 3.98 -17.19
N ASN A 113 -11.43 2.73 -16.94
CA ASN A 113 -12.20 1.55 -17.26
C ASN A 113 -12.14 0.54 -16.11
N LEU A 114 -12.19 1.04 -14.88
CA LEU A 114 -12.11 0.21 -13.68
C LEU A 114 -13.38 -0.60 -13.42
N SER A 115 -14.39 -0.46 -14.29
CA SER A 115 -15.69 -1.11 -14.20
C SER A 115 -16.42 -0.81 -12.89
N GLY A 116 -17.64 -1.34 -12.75
CA GLY A 116 -18.47 -1.14 -11.57
C GLY A 116 -19.79 -1.91 -11.67
N GLN A 117 -20.67 -1.72 -10.70
CA GLN A 117 -21.96 -2.40 -10.65
C GLN A 117 -23.09 -1.44 -10.23
N GLY A 118 -22.79 -0.14 -10.14
CA GLY A 118 -23.76 0.86 -9.75
C GLY A 118 -23.16 2.26 -9.83
N GLN A 1 22.07 21.11 -4.56
CA GLN A 1 22.97 20.33 -3.70
C GLN A 1 22.46 20.31 -2.26
N LYS A 2 22.68 19.20 -1.55
CA LYS A 2 22.25 19.03 -0.16
C LYS A 2 23.35 18.36 0.67
N ILE A 3 23.20 18.45 1.99
CA ILE A 3 24.16 17.94 2.97
C ILE A 3 23.45 17.09 4.03
N SER A 4 22.17 16.77 3.79
CA SER A 4 21.32 16.00 4.71
C SER A 4 21.13 16.65 6.08
N ARG A 5 21.59 17.90 6.26
CA ARG A 5 21.38 18.67 7.48
C ARG A 5 21.30 20.17 7.20
N PRO A 6 20.57 20.61 6.16
CA PRO A 6 20.50 22.01 5.78
C PRO A 6 19.68 22.83 6.78
N GLY A 7 18.87 22.15 7.61
CA GLY A 7 18.02 22.81 8.59
C GLY A 7 16.77 21.96 8.86
N ASP A 8 15.77 22.57 9.49
CA ASP A 8 14.50 21.92 9.76
C ASP A 8 13.60 21.94 8.53
N SER A 9 12.60 21.05 8.49
CA SER A 9 11.68 20.93 7.36
C SER A 9 12.40 20.65 6.04
N ASP A 10 11.68 20.80 4.93
CA ASP A 10 12.15 20.49 3.58
C ASP A 10 12.49 19.01 3.38
N ASP A 11 12.59 18.59 2.12
CA ASP A 11 12.78 17.20 1.68
C ASP A 11 11.64 16.26 2.09
N SER A 12 10.88 16.61 3.12
CA SER A 12 9.70 15.86 3.57
C SER A 12 9.94 14.36 3.72
N ARG A 13 11.20 13.94 3.92
CA ARG A 13 11.59 12.53 4.03
C ARG A 13 11.05 11.70 2.88
N SER A 14 10.83 12.32 1.72
CA SER A 14 10.24 11.68 0.55
C SER A 14 11.16 10.61 -0.04
N VAL A 15 10.54 9.58 -0.64
CA VAL A 15 11.26 8.51 -1.32
C VAL A 15 10.49 8.13 -2.58
N ASN A 16 9.31 7.54 -2.42
CA ASN A 16 8.42 7.17 -3.51
C ASN A 16 7.00 6.93 -2.98
N SER A 17 6.03 6.89 -3.89
CA SER A 17 4.61 6.77 -3.55
C SER A 17 4.14 5.32 -3.54
N VAL A 18 5.08 4.36 -3.52
CA VAL A 18 4.77 2.94 -3.55
C VAL A 18 5.28 2.24 -2.30
N LEU A 19 4.54 1.23 -1.84
CA LEU A 19 4.84 0.52 -0.61
C LEU A 19 4.82 -1.00 -0.83
N LEU A 20 5.38 -1.72 0.15
CA LEU A 20 5.42 -3.17 0.17
C LEU A 20 4.87 -3.62 1.53
N PHE A 21 3.94 -4.58 1.50
CA PHE A 21 3.28 -5.10 2.67
C PHE A 21 3.62 -6.58 2.84
N THR A 22 3.75 -7.01 4.10
CA THR A 22 3.98 -8.41 4.43
C THR A 22 3.09 -8.78 5.60
N ILE A 23 2.54 -10.00 5.58
CA ILE A 23 1.67 -10.49 6.64
C ILE A 23 2.48 -11.47 7.49
N LEU A 24 2.36 -11.37 8.82
CA LEU A 24 3.19 -12.15 9.72
C LEU A 24 2.53 -13.46 10.14
N ASN A 25 1.21 -13.45 10.32
CA ASN A 25 0.46 -14.62 10.78
C ASN A 25 -0.77 -14.83 9.88
N PRO A 26 -0.57 -15.15 8.59
CA PRO A 26 -1.67 -15.30 7.65
C PRO A 26 -2.49 -16.56 7.96
N ILE A 27 -3.67 -16.36 8.55
CA ILE A 27 -4.62 -17.44 8.80
C ILE A 27 -6.02 -17.08 8.31
N TYR A 28 -6.17 -15.90 7.71
CA TYR A 28 -7.43 -15.42 7.16
C TYR A 28 -7.18 -14.88 5.75
N SER A 29 -8.27 -14.65 4.99
CA SER A 29 -8.16 -14.20 3.61
C SER A 29 -7.79 -12.72 3.53
N ILE A 30 -7.07 -12.36 2.47
CA ILE A 30 -6.68 -10.99 2.18
C ILE A 30 -6.85 -10.77 0.68
N THR A 31 -7.48 -9.64 0.30
CA THR A 31 -7.77 -9.32 -1.09
C THR A 31 -7.64 -7.82 -1.33
N THR A 32 -7.81 -7.39 -2.57
CA THR A 32 -7.76 -5.97 -2.92
C THR A 32 -8.86 -5.19 -2.19
N ASP A 33 -9.97 -5.85 -1.88
CA ASP A 33 -11.09 -5.23 -1.18
C ASP A 33 -10.79 -5.03 0.31
N VAL A 34 -9.84 -5.81 0.85
CA VAL A 34 -9.46 -5.69 2.26
C VAL A 34 -8.33 -4.69 2.41
N LEU A 35 -7.40 -4.66 1.46
CA LEU A 35 -6.27 -3.74 1.54
C LEU A 35 -6.68 -2.34 1.14
N TYR A 36 -7.76 -2.20 0.34
CA TYR A 36 -8.23 -0.88 -0.05
C TYR A 36 -9.01 -0.22 1.09
N THR A 37 -9.75 -1.00 1.88
CA THR A 37 -10.56 -0.40 2.93
C THR A 37 -9.70 0.03 4.11
N ILE A 38 -8.51 -0.56 4.29
CA ILE A 38 -7.60 -0.12 5.34
C ILE A 38 -6.68 1.00 4.85
N CYS A 39 -6.45 1.12 3.54
CA CYS A 39 -5.56 2.16 3.00
C CYS A 39 -6.32 3.40 2.55
N ASN A 40 -7.63 3.29 2.29
CA ASN A 40 -8.45 4.42 1.87
C ASN A 40 -8.52 5.55 2.91
N PRO A 41 -8.69 5.26 4.21
CA PRO A 41 -8.74 6.30 5.23
C PRO A 41 -7.35 6.90 5.47
N CYS A 42 -6.28 6.28 4.94
CA CYS A 42 -4.94 6.80 5.09
C CYS A 42 -4.57 7.75 3.95
N GLY A 43 -5.25 7.62 2.81
CA GLY A 43 -5.03 8.49 1.66
C GLY A 43 -5.61 7.88 0.38
N PRO A 44 -5.65 8.66 -0.71
CA PRO A 44 -6.15 8.21 -2.00
C PRO A 44 -5.23 7.15 -2.60
N VAL A 45 -5.72 5.91 -2.67
CA VAL A 45 -5.00 4.80 -3.29
C VAL A 45 -5.23 4.83 -4.79
N GLN A 46 -4.27 4.31 -5.56
CA GLN A 46 -4.37 4.27 -7.01
C GLN A 46 -4.43 2.83 -7.51
N ARG A 47 -3.73 1.90 -6.86
CA ARG A 47 -3.78 0.49 -7.24
C ARG A 47 -3.22 -0.41 -6.15
N ILE A 48 -3.58 -1.69 -6.20
CA ILE A 48 -3.17 -2.70 -5.23
C ILE A 48 -2.96 -4.04 -5.94
N VAL A 49 -2.00 -4.83 -5.45
CA VAL A 49 -1.74 -6.19 -5.93
C VAL A 49 -1.33 -7.08 -4.76
N ILE A 50 -1.75 -8.35 -4.79
CA ILE A 50 -1.50 -9.30 -3.72
C ILE A 50 -0.71 -10.50 -4.24
N PHE A 51 0.07 -11.11 -3.35
CA PHE A 51 0.80 -12.35 -3.61
C PHE A 51 0.49 -13.31 -2.46
N ARG A 52 0.28 -14.59 -2.77
CA ARG A 52 -0.20 -15.55 -1.78
C ARG A 52 0.47 -16.92 -1.92
N LYS A 53 1.64 -16.97 -2.55
CA LYS A 53 2.38 -18.22 -2.74
C LYS A 53 3.71 -18.13 -1.99
N ASN A 54 4.12 -19.24 -1.37
CA ASN A 54 5.31 -19.32 -0.54
C ASN A 54 5.32 -18.25 0.58
N GLY A 55 4.15 -17.68 0.87
CA GLY A 55 3.99 -16.61 1.86
C GLY A 55 2.81 -15.72 1.45
N VAL A 56 2.62 -14.61 2.17
CA VAL A 56 1.56 -13.65 1.83
C VAL A 56 2.12 -12.23 1.92
N GLN A 57 1.98 -11.48 0.82
CA GLN A 57 2.48 -10.12 0.70
C GLN A 57 1.57 -9.32 -0.22
N ALA A 58 1.75 -8.00 -0.27
CA ALA A 58 0.97 -7.14 -1.15
C ALA A 58 1.74 -5.85 -1.44
N MET A 59 1.27 -5.06 -2.41
CA MET A 59 1.86 -3.78 -2.74
C MET A 59 0.77 -2.75 -3.01
N VAL A 60 1.05 -1.48 -2.74
CA VAL A 60 0.09 -0.40 -2.88
C VAL A 60 0.76 0.83 -3.47
N GLU A 61 -0.01 1.63 -4.21
CA GLU A 61 0.44 2.90 -4.76
C GLU A 61 -0.60 3.97 -4.46
N PHE A 62 -0.14 5.19 -4.16
CA PHE A 62 -0.99 6.32 -3.81
C PHE A 62 -0.81 7.46 -4.81
N ASP A 63 -1.72 8.44 -4.75
CA ASP A 63 -1.70 9.58 -5.66
C ASP A 63 -0.57 10.55 -5.32
N SER A 64 0.00 10.42 -4.11
CA SER A 64 1.12 11.24 -3.69
C SER A 64 1.98 10.49 -2.67
N VAL A 65 3.24 10.90 -2.53
CA VAL A 65 4.15 10.28 -1.58
C VAL A 65 3.72 10.60 -0.15
N GLN A 66 3.03 11.72 0.08
CA GLN A 66 2.59 12.10 1.41
C GLN A 66 1.44 11.21 1.87
N SER A 67 0.73 10.60 0.92
CA SER A 67 -0.32 9.65 1.25
C SER A 67 0.27 8.29 1.57
N ALA A 68 1.44 7.99 0.99
CA ALA A 68 2.16 6.76 1.28
C ALA A 68 2.93 6.89 2.60
N GLN A 69 3.30 8.11 2.97
CA GLN A 69 3.97 8.36 4.24
C GLN A 69 3.00 8.14 5.40
N ARG A 70 1.73 8.52 5.21
CA ARG A 70 0.71 8.34 6.23
C ARG A 70 0.20 6.91 6.26
N ALA A 71 0.32 6.19 5.14
CA ALA A 71 -0.14 4.82 5.05
C ALA A 71 0.70 3.90 5.92
N LYS A 72 2.03 3.91 5.77
CA LYS A 72 2.86 3.04 6.59
C LYS A 72 3.00 3.57 8.02
N ALA A 73 2.65 4.84 8.24
CA ALA A 73 2.68 5.42 9.59
C ALA A 73 1.40 5.10 10.35
N SER A 74 0.38 4.57 9.68
CA SER A 74 -0.88 4.22 10.32
C SER A 74 -1.30 2.77 10.08
N LEU A 75 -0.51 1.98 9.35
CA LEU A 75 -0.83 0.59 9.04
C LEU A 75 0.31 -0.37 9.34
N ASN A 76 1.49 0.12 9.75
CA ASN A 76 2.58 -0.77 10.09
C ASN A 76 2.33 -1.35 11.49
N GLY A 77 2.45 -2.66 11.63
CA GLY A 77 2.17 -3.35 12.89
C GLY A 77 0.67 -3.41 13.19
N ALA A 78 -0.16 -3.02 12.21
CA ALA A 78 -1.61 -3.02 12.37
C ALA A 78 -2.18 -4.43 12.25
N ASP A 79 -3.49 -4.56 12.47
CA ASP A 79 -4.19 -5.84 12.43
C ASP A 79 -5.55 -5.64 11.75
N ILE A 80 -6.05 -6.67 11.07
CA ILE A 80 -7.29 -6.59 10.30
C ILE A 80 -8.39 -7.42 10.94
N TYR A 81 -8.04 -8.36 11.82
CA TYR A 81 -8.99 -9.26 12.45
C TYR A 81 -8.87 -9.24 13.98
N SER A 82 -8.32 -8.15 14.53
CA SER A 82 -8.07 -8.01 15.96
C SER A 82 -7.23 -9.15 16.54
N GLY A 83 -6.50 -9.85 15.66
CA GLY A 83 -5.65 -10.96 16.02
C GLY A 83 -5.19 -11.69 14.76
N CYS A 84 -3.90 -12.04 14.70
CA CYS A 84 -3.28 -12.65 13.53
C CYS A 84 -3.42 -11.77 12.28
N CYS A 85 -2.87 -12.23 11.16
CA CYS A 85 -2.82 -11.45 9.93
C CYS A 85 -2.21 -10.06 10.15
N THR A 86 -1.30 -9.96 11.14
CA THR A 86 -0.65 -8.71 11.48
C THR A 86 0.12 -8.18 10.27
N LEU A 87 0.13 -6.86 10.10
CA LEU A 87 0.75 -6.21 8.96
C LEU A 87 2.15 -5.70 9.28
N LYS A 88 2.97 -5.59 8.24
CA LYS A 88 4.31 -5.01 8.30
C LYS A 88 4.57 -4.30 6.98
N ILE A 89 5.06 -3.06 7.03
CA ILE A 89 5.19 -2.24 5.82
C ILE A 89 6.58 -1.65 5.69
N GLU A 90 7.01 -1.46 4.43
CA GLU A 90 8.24 -0.80 4.04
C GLU A 90 8.05 -0.19 2.65
N TYR A 91 9.03 0.60 2.17
CA TYR A 91 8.93 1.17 0.85
C TYR A 91 9.42 0.18 -0.21
N ALA A 92 8.78 0.18 -1.38
CA ALA A 92 9.14 -0.71 -2.46
C ALA A 92 10.27 -0.11 -3.30
N LYS A 93 10.85 -0.90 -4.21
CA LYS A 93 11.99 -0.47 -5.01
C LYS A 93 11.65 0.31 -6.28
N PRO A 94 10.47 0.16 -6.92
CA PRO A 94 10.12 0.94 -8.09
C PRO A 94 9.59 2.30 -7.68
N THR A 95 9.19 3.13 -8.66
CA THR A 95 8.58 4.43 -8.38
C THR A 95 7.08 4.42 -8.70
N ARG A 96 6.59 3.33 -9.29
CA ARG A 96 5.18 3.14 -9.62
C ARG A 96 4.87 1.65 -9.71
N LEU A 97 3.58 1.29 -9.77
CA LEU A 97 3.14 -0.09 -9.92
C LEU A 97 2.22 -0.21 -11.13
N ASN A 98 1.81 -1.43 -11.47
CA ASN A 98 0.98 -1.65 -12.65
C ASN A 98 -0.08 -2.73 -12.37
N VAL A 99 -1.14 -2.72 -13.17
CA VAL A 99 -2.26 -3.66 -13.06
C VAL A 99 -2.63 -4.17 -14.45
N PHE A 100 -3.20 -5.37 -14.53
CA PHE A 100 -3.50 -6.02 -15.79
C PHE A 100 -5.00 -6.30 -15.95
N LYS A 101 -5.70 -6.44 -14.82
CA LYS A 101 -7.14 -6.63 -14.76
C LYS A 101 -7.62 -6.35 -13.34
N ASN A 102 -8.94 -6.26 -13.13
CA ASN A 102 -9.50 -6.01 -11.81
C ASN A 102 -10.14 -7.27 -11.25
N ASP A 103 -9.61 -7.75 -10.12
CA ASP A 103 -10.11 -8.90 -9.39
C ASP A 103 -9.63 -8.85 -7.94
N GLN A 104 -9.88 -9.91 -7.17
CA GLN A 104 -9.58 -9.95 -5.75
C GLN A 104 -8.07 -10.03 -5.45
N ASP A 105 -7.22 -10.16 -6.46
CA ASP A 105 -5.78 -10.29 -6.28
C ASP A 105 -5.03 -9.08 -6.84
N THR A 106 -5.65 -8.30 -7.73
CA THR A 106 -5.08 -7.07 -8.24
C THR A 106 -6.18 -6.16 -8.74
N TRP A 107 -6.07 -4.85 -8.47
CA TRP A 107 -7.11 -3.90 -8.83
C TRP A 107 -6.51 -2.51 -9.05
N ASP A 108 -7.12 -1.73 -9.94
CA ASP A 108 -6.70 -0.37 -10.22
C ASP A 108 -7.88 0.58 -10.03
N TYR A 109 -7.62 1.74 -9.42
CA TYR A 109 -8.66 2.69 -9.04
C TYR A 109 -8.48 4.05 -9.75
N THR A 110 -7.60 4.12 -10.75
CA THR A 110 -7.32 5.38 -11.45
C THR A 110 -7.35 5.20 -12.97
N ASN A 111 -7.44 3.96 -13.46
CA ASN A 111 -7.49 3.68 -14.88
C ASN A 111 -8.91 3.92 -15.43
N PRO A 112 -9.05 4.20 -16.73
CA PRO A 112 -10.34 4.42 -17.37
C PRO A 112 -11.15 3.13 -17.51
N ASN A 113 -10.56 1.98 -17.18
CA ASN A 113 -11.23 0.70 -17.28
C ASN A 113 -12.22 0.49 -16.12
N LEU A 114 -12.17 1.37 -15.10
CA LEU A 114 -13.08 1.29 -13.97
C LEU A 114 -14.33 2.14 -14.23
N SER A 115 -14.30 2.98 -15.26
CA SER A 115 -15.43 3.84 -15.61
C SER A 115 -16.64 3.03 -16.10
N GLY A 116 -16.44 1.73 -16.35
CA GLY A 116 -17.52 0.83 -16.75
C GLY A 116 -18.35 0.38 -15.55
N GLN A 117 -17.94 0.74 -14.33
CA GLN A 117 -18.65 0.36 -13.11
C GLN A 117 -18.79 1.56 -12.16
N GLY A 118 -18.03 2.64 -12.39
CA GLY A 118 -18.08 3.83 -11.56
C GLY A 118 -17.18 4.93 -12.11
N GLN A 1 20.80 17.25 -9.13
CA GLN A 1 19.40 17.12 -8.66
C GLN A 1 19.36 16.38 -7.32
N LYS A 2 18.42 16.75 -6.45
CA LYS A 2 18.27 16.14 -5.13
C LYS A 2 16.79 15.98 -4.78
N ILE A 3 16.55 15.30 -3.66
CA ILE A 3 15.21 15.04 -3.13
C ILE A 3 14.66 16.27 -2.40
N SER A 4 15.37 17.39 -2.47
CA SER A 4 15.02 18.65 -1.81
C SER A 4 14.91 18.54 -0.29
N ARG A 5 15.29 17.38 0.28
CA ARG A 5 15.34 17.17 1.71
C ARG A 5 16.39 16.11 2.03
N PRO A 6 17.66 16.38 1.70
CA PRO A 6 18.76 15.44 1.87
C PRO A 6 19.08 15.22 3.35
N GLY A 7 19.93 14.23 3.64
CA GLY A 7 20.29 13.86 4.99
C GLY A 7 19.51 12.63 5.44
N ASP A 8 19.50 12.38 6.76
CA ASP A 8 18.83 11.23 7.35
C ASP A 8 17.82 11.67 8.40
N SER A 9 16.85 10.80 8.68
CA SER A 9 15.78 11.03 9.65
C SER A 9 14.96 12.30 9.37
N ASP A 10 14.04 12.61 10.29
CA ASP A 10 13.12 13.74 10.23
C ASP A 10 12.16 13.71 9.04
N ASP A 11 10.89 14.03 9.32
CA ASP A 11 9.80 14.06 8.35
C ASP A 11 9.68 12.77 7.53
N SER A 12 10.31 11.67 7.99
CA SER A 12 10.37 10.41 7.28
C SER A 12 10.93 10.55 5.85
N ARG A 13 11.53 11.70 5.54
CA ARG A 13 12.08 12.01 4.22
C ARG A 13 11.09 11.70 3.10
N SER A 14 11.59 11.45 1.89
CA SER A 14 10.78 11.09 0.75
C SER A 14 11.57 10.16 -0.17
N VAL A 15 10.86 9.28 -0.91
CA VAL A 15 11.51 8.36 -1.82
C VAL A 15 10.58 7.97 -2.98
N ASN A 16 9.35 7.53 -2.67
CA ASN A 16 8.37 7.17 -3.67
C ASN A 16 6.97 7.05 -3.04
N SER A 17 5.94 6.91 -3.88
CA SER A 17 4.56 6.79 -3.44
C SER A 17 4.08 5.34 -3.46
N VAL A 18 5.00 4.39 -3.53
CA VAL A 18 4.68 2.96 -3.59
C VAL A 18 5.24 2.22 -2.38
N LEU A 19 4.50 1.23 -1.89
CA LEU A 19 4.84 0.52 -0.67
C LEU A 19 4.84 -0.99 -0.86
N LEU A 20 5.44 -1.69 0.10
CA LEU A 20 5.49 -3.14 0.16
C LEU A 20 4.90 -3.58 1.48
N PHE A 21 4.04 -4.60 1.44
CA PHE A 21 3.34 -5.12 2.60
C PHE A 21 3.66 -6.60 2.77
N THR A 22 3.64 -7.08 4.02
CA THR A 22 3.84 -8.47 4.37
C THR A 22 2.90 -8.81 5.50
N ILE A 23 2.41 -10.05 5.55
CA ILE A 23 1.47 -10.47 6.59
C ILE A 23 2.08 -11.62 7.40
N LEU A 24 1.93 -11.56 8.72
CA LEU A 24 2.57 -12.51 9.61
C LEU A 24 1.62 -13.59 10.15
N ASN A 25 0.32 -13.29 10.16
CA ASN A 25 -0.71 -14.18 10.69
C ASN A 25 -1.87 -14.31 9.69
N PRO A 26 -1.60 -14.84 8.49
CA PRO A 26 -2.58 -14.96 7.41
C PRO A 26 -3.60 -16.08 7.66
N ILE A 27 -4.08 -16.23 8.89
CA ILE A 27 -5.04 -17.27 9.22
C ILE A 27 -6.46 -16.91 8.75
N TYR A 28 -6.61 -15.74 8.13
CA TYR A 28 -7.88 -15.28 7.56
C TYR A 28 -7.65 -14.79 6.14
N SER A 29 -8.73 -14.61 5.38
CA SER A 29 -8.64 -14.23 3.97
C SER A 29 -8.16 -12.80 3.81
N ILE A 30 -7.40 -12.56 2.73
CA ILE A 30 -6.89 -11.24 2.36
C ILE A 30 -7.07 -11.07 0.86
N THR A 31 -7.56 -9.90 0.45
CA THR A 31 -7.80 -9.58 -0.95
C THR A 31 -7.55 -8.08 -1.18
N THR A 32 -7.60 -7.65 -2.43
CA THR A 32 -7.41 -6.25 -2.78
C THR A 32 -8.51 -5.37 -2.20
N ASP A 33 -9.64 -5.96 -1.82
CA ASP A 33 -10.74 -5.22 -1.22
C ASP A 33 -10.49 -5.00 0.27
N VAL A 34 -9.68 -5.86 0.90
CA VAL A 34 -9.34 -5.73 2.32
C VAL A 34 -8.20 -4.73 2.47
N LEU A 35 -7.25 -4.73 1.53
CA LEU A 35 -6.13 -3.79 1.60
C LEU A 35 -6.58 -2.39 1.20
N TYR A 36 -7.66 -2.28 0.42
CA TYR A 36 -8.17 -0.98 0.01
C TYR A 36 -8.96 -0.31 1.14
N THR A 37 -9.71 -1.09 1.92
CA THR A 37 -10.53 -0.51 2.97
C THR A 37 -9.69 -0.05 4.16
N ILE A 38 -8.48 -0.59 4.31
CA ILE A 38 -7.57 -0.14 5.37
C ILE A 38 -6.64 0.97 4.89
N CYS A 39 -6.41 1.10 3.58
CA CYS A 39 -5.50 2.10 3.05
C CYS A 39 -6.23 3.38 2.61
N ASN A 40 -7.52 3.29 2.27
CA ASN A 40 -8.28 4.45 1.82
C ASN A 40 -8.42 5.54 2.90
N PRO A 41 -8.65 5.21 4.18
CA PRO A 41 -8.77 6.22 5.22
C PRO A 41 -7.43 6.84 5.57
N CYS A 42 -6.33 6.33 4.98
CA CYS A 42 -5.00 6.88 5.20
C CYS A 42 -4.56 7.76 4.04
N GLY A 43 -5.31 7.75 2.93
CA GLY A 43 -5.01 8.55 1.75
C GLY A 43 -5.62 7.94 0.50
N PRO A 44 -5.70 8.70 -0.59
CA PRO A 44 -6.24 8.26 -1.86
C PRO A 44 -5.35 7.19 -2.48
N VAL A 45 -5.84 5.94 -2.50
CA VAL A 45 -5.15 4.81 -3.12
C VAL A 45 -5.39 4.87 -4.64
N GLN A 46 -4.45 4.34 -5.41
CA GLN A 46 -4.56 4.32 -6.86
C GLN A 46 -4.61 2.90 -7.40
N ARG A 47 -3.82 1.99 -6.81
CA ARG A 47 -3.82 0.58 -7.23
C ARG A 47 -3.19 -0.32 -6.17
N ILE A 48 -3.53 -1.61 -6.22
CA ILE A 48 -3.06 -2.61 -5.26
C ILE A 48 -2.81 -3.92 -6.00
N VAL A 49 -1.75 -4.64 -5.60
CA VAL A 49 -1.45 -5.96 -6.13
C VAL A 49 -1.04 -6.87 -4.98
N ILE A 50 -1.28 -8.18 -5.12
CA ILE A 50 -1.04 -9.14 -4.05
C ILE A 50 -0.31 -10.36 -4.61
N PHE A 51 0.51 -10.99 -3.76
CA PHE A 51 1.23 -12.21 -4.10
C PHE A 51 1.05 -13.21 -2.97
N ARG A 52 0.50 -14.39 -3.28
CA ARG A 52 0.21 -15.41 -2.29
C ARG A 52 0.47 -16.82 -2.83
N LYS A 53 1.24 -16.92 -3.91
CA LYS A 53 1.62 -18.21 -4.49
C LYS A 53 2.72 -18.85 -3.64
N ASN A 54 3.47 -18.01 -2.92
CA ASN A 54 4.48 -18.44 -1.96
C ASN A 54 4.56 -17.36 -0.88
N GLY A 55 4.42 -17.74 0.39
CA GLY A 55 4.34 -16.77 1.47
C GLY A 55 3.12 -15.87 1.26
N VAL A 56 3.13 -14.67 1.86
CA VAL A 56 2.06 -13.71 1.66
C VAL A 56 2.59 -12.29 1.73
N GLN A 57 2.43 -11.55 0.62
CA GLN A 57 2.86 -10.16 0.51
C GLN A 57 1.93 -9.40 -0.42
N ALA A 58 2.00 -8.06 -0.38
CA ALA A 58 1.19 -7.21 -1.25
C ALA A 58 1.92 -5.88 -1.49
N MET A 59 1.40 -5.06 -2.39
CA MET A 59 1.96 -3.75 -2.68
C MET A 59 0.84 -2.75 -2.91
N VAL A 60 1.08 -1.48 -2.59
CA VAL A 60 0.07 -0.42 -2.68
C VAL A 60 0.68 0.82 -3.30
N GLU A 61 -0.15 1.63 -3.97
CA GLU A 61 0.27 2.88 -4.59
C GLU A 61 -0.77 3.96 -4.31
N PHE A 62 -0.30 5.18 -4.06
CA PHE A 62 -1.14 6.33 -3.74
C PHE A 62 -0.95 7.46 -4.74
N ASP A 63 -1.82 8.47 -4.69
CA ASP A 63 -1.78 9.60 -5.60
C ASP A 63 -0.63 10.54 -5.26
N SER A 64 -0.05 10.42 -4.06
CA SER A 64 1.08 11.24 -3.63
C SER A 64 1.91 10.50 -2.60
N VAL A 65 3.17 10.91 -2.43
CA VAL A 65 4.04 10.32 -1.42
C VAL A 65 3.57 10.70 -0.02
N GLN A 66 2.89 11.83 0.13
CA GLN A 66 2.38 12.25 1.43
C GLN A 66 1.32 11.26 1.91
N SER A 67 0.60 10.64 0.97
CA SER A 67 -0.42 9.66 1.29
C SER A 67 0.20 8.30 1.60
N ALA A 68 1.37 8.02 1.03
CA ALA A 68 2.08 6.79 1.30
C ALA A 68 2.85 6.88 2.62
N GLN A 69 3.20 8.10 3.03
CA GLN A 69 3.86 8.34 4.32
C GLN A 69 2.86 8.12 5.46
N ARG A 70 1.59 8.48 5.24
CA ARG A 70 0.55 8.28 6.24
C ARG A 70 0.11 6.82 6.28
N ALA A 71 0.24 6.12 5.15
CA ALA A 71 -0.20 4.73 5.07
C ALA A 71 0.65 3.84 5.97
N LYS A 72 1.98 3.90 5.85
CA LYS A 72 2.83 3.06 6.69
C LYS A 72 2.95 3.61 8.11
N ALA A 73 2.54 4.86 8.33
CA ALA A 73 2.54 5.44 9.66
C ALA A 73 1.26 5.08 10.43
N SER A 74 0.26 4.51 9.75
CA SER A 74 -1.00 4.15 10.39
C SER A 74 -1.37 2.67 10.19
N LEU A 75 -0.56 1.91 9.45
CA LEU A 75 -0.86 0.51 9.17
C LEU A 75 0.31 -0.43 9.48
N ASN A 76 1.50 0.11 9.80
CA ASN A 76 2.64 -0.74 10.09
C ASN A 76 2.49 -1.29 11.51
N GLY A 77 2.70 -2.59 11.69
CA GLY A 77 2.54 -3.25 12.98
C GLY A 77 1.07 -3.39 13.37
N ALA A 78 0.15 -3.00 12.47
CA ALA A 78 -1.28 -3.09 12.70
C ALA A 78 -1.79 -4.51 12.48
N ASP A 79 -3.10 -4.71 12.68
CA ASP A 79 -3.77 -5.98 12.47
C ASP A 79 -5.12 -5.72 11.83
N ILE A 80 -5.71 -6.75 11.23
CA ILE A 80 -6.99 -6.60 10.54
C ILE A 80 -8.09 -7.38 11.25
N TYR A 81 -7.75 -8.41 12.03
CA TYR A 81 -8.74 -9.24 12.69
C TYR A 81 -8.33 -9.57 14.12
N SER A 82 -8.60 -8.66 15.05
CA SER A 82 -8.37 -8.85 16.48
C SER A 82 -6.97 -9.38 16.80
N GLY A 83 -5.94 -8.80 16.17
CA GLY A 83 -4.55 -9.19 16.40
C GLY A 83 -4.06 -10.21 15.38
N CYS A 84 -4.92 -10.63 14.45
CA CYS A 84 -4.55 -11.54 13.38
C CYS A 84 -4.35 -10.78 12.08
N CYS A 85 -3.75 -11.43 11.08
CA CYS A 85 -3.36 -10.78 9.84
C CYS A 85 -2.50 -9.54 10.14
N THR A 86 -1.57 -9.68 11.08
CA THR A 86 -0.66 -8.61 11.46
C THR A 86 0.11 -8.12 10.24
N LEU A 87 0.26 -6.80 10.11
CA LEU A 87 0.87 -6.18 8.96
C LEU A 87 2.30 -5.69 9.24
N LYS A 88 3.10 -5.63 8.19
CA LYS A 88 4.46 -5.10 8.22
C LYS A 88 4.66 -4.34 6.91
N ILE A 89 5.06 -3.05 6.99
CA ILE A 89 5.17 -2.20 5.82
C ILE A 89 6.57 -1.61 5.69
N GLU A 90 6.99 -1.41 4.44
CA GLU A 90 8.23 -0.75 4.07
C GLU A 90 8.07 -0.19 2.65
N TYR A 91 9.02 0.61 2.19
CA TYR A 91 8.95 1.18 0.85
C TYR A 91 9.41 0.15 -0.19
N ALA A 92 8.80 0.18 -1.38
CA ALA A 92 9.15 -0.73 -2.46
C ALA A 92 10.30 -0.14 -3.29
N LYS A 93 10.93 -0.97 -4.12
CA LYS A 93 12.09 -0.55 -4.90
C LYS A 93 11.78 0.20 -6.20
N PRO A 94 10.62 0.02 -6.87
CA PRO A 94 10.30 0.78 -8.06
C PRO A 94 9.75 2.15 -7.66
N THR A 95 9.43 3.00 -8.65
CA THR A 95 8.82 4.30 -8.40
C THR A 95 7.35 4.29 -8.80
N ARG A 96 6.88 3.19 -9.39
CA ARG A 96 5.51 3.01 -9.84
C ARG A 96 5.15 1.54 -9.88
N LEU A 97 3.85 1.25 -9.77
CA LEU A 97 3.30 -0.10 -9.91
C LEU A 97 2.34 -0.15 -11.09
N ASN A 98 1.92 -1.36 -11.48
CA ASN A 98 1.04 -1.55 -12.63
C ASN A 98 0.02 -2.65 -12.36
N VAL A 99 -1.06 -2.66 -13.13
CA VAL A 99 -2.15 -3.62 -13.01
C VAL A 99 -2.51 -4.14 -14.40
N PHE A 100 -3.06 -5.36 -14.46
CA PHE A 100 -3.35 -6.04 -15.73
C PHE A 100 -4.83 -6.43 -15.84
N LYS A 101 -5.52 -6.54 -14.70
CA LYS A 101 -6.94 -6.83 -14.60
C LYS A 101 -7.43 -6.52 -13.20
N ASN A 102 -8.74 -6.60 -12.97
CA ASN A 102 -9.32 -6.38 -11.65
C ASN A 102 -9.93 -7.68 -11.13
N ASP A 103 -9.32 -8.21 -10.06
CA ASP A 103 -9.76 -9.41 -9.36
C ASP A 103 -9.27 -9.36 -7.91
N GLN A 104 -9.43 -10.46 -7.17
CA GLN A 104 -9.12 -10.49 -5.74
C GLN A 104 -7.62 -10.48 -5.44
N ASP A 105 -6.75 -10.54 -6.46
CA ASP A 105 -5.31 -10.55 -6.27
C ASP A 105 -4.64 -9.31 -6.87
N THR A 106 -5.36 -8.55 -7.70
CA THR A 106 -4.84 -7.32 -8.25
C THR A 106 -6.01 -6.43 -8.69
N TRP A 107 -5.92 -5.12 -8.41
CA TRP A 107 -7.01 -4.21 -8.73
C TRP A 107 -6.48 -2.79 -8.96
N ASP A 108 -7.17 -2.03 -9.80
CA ASP A 108 -6.80 -0.65 -10.10
C ASP A 108 -8.01 0.25 -9.84
N TYR A 109 -7.77 1.42 -9.22
CA TYR A 109 -8.81 2.34 -8.81
C TYR A 109 -8.70 3.69 -9.53
N THR A 110 -7.80 3.81 -10.51
CA THR A 110 -7.61 5.05 -11.27
C THR A 110 -7.58 4.77 -12.78
N ASN A 111 -7.56 3.50 -13.18
CA ASN A 111 -7.59 3.11 -14.58
C ASN A 111 -8.98 3.44 -15.16
N PRO A 112 -9.04 4.27 -16.21
CA PRO A 112 -10.30 4.69 -16.82
C PRO A 112 -10.97 3.55 -17.58
N ASN A 113 -10.27 2.44 -17.79
CA ASN A 113 -10.82 1.27 -18.48
C ASN A 113 -11.26 0.20 -17.48
N LEU A 114 -11.19 0.52 -16.18
CA LEU A 114 -11.54 -0.40 -15.10
C LEU A 114 -10.83 -1.75 -15.24
N SER A 115 -9.68 -1.76 -15.93
CA SER A 115 -8.87 -2.94 -16.19
C SER A 115 -9.65 -4.06 -16.87
N GLY A 116 -10.80 -3.75 -17.48
CA GLY A 116 -11.62 -4.73 -18.17
C GLY A 116 -12.26 -5.73 -17.23
N GLN A 117 -12.85 -6.79 -17.79
CA GLN A 117 -13.50 -7.85 -17.03
C GLN A 117 -13.24 -9.23 -17.63
N GLY A 118 -12.32 -9.30 -18.61
CA GLY A 118 -12.01 -10.55 -19.30
C GLY A 118 -13.15 -10.96 -20.23
N GLN A 1 10.18 13.87 22.30
CA GLN A 1 10.65 15.08 21.60
C GLN A 1 11.88 14.75 20.75
N LYS A 2 12.21 15.63 19.79
CA LYS A 2 13.36 15.44 18.92
C LYS A 2 13.93 16.80 18.52
N ILE A 3 13.11 17.60 17.83
CA ILE A 3 13.48 18.92 17.34
C ILE A 3 12.20 19.70 17.08
N SER A 4 12.30 21.02 16.87
CA SER A 4 11.14 21.87 16.61
C SER A 4 10.82 21.96 15.12
N ARG A 5 11.56 21.24 14.27
CA ARG A 5 11.42 21.29 12.82
C ARG A 5 11.46 19.89 12.17
N PRO A 6 10.77 18.88 12.71
CA PRO A 6 10.80 17.53 12.18
C PRO A 6 10.03 17.44 10.85
N GLY A 7 9.22 18.45 10.53
CA GLY A 7 8.45 18.50 9.30
C GLY A 7 9.25 19.17 8.17
N ASP A 8 10.53 19.46 8.40
CA ASP A 8 11.39 20.14 7.45
C ASP A 8 12.79 19.53 7.45
N SER A 9 13.61 19.88 6.45
CA SER A 9 14.96 19.36 6.29
C SER A 9 14.96 17.83 6.16
N ASP A 10 16.16 17.24 6.16
CA ASP A 10 16.36 15.80 6.00
C ASP A 10 15.65 15.26 4.76
N ASP A 11 15.53 16.10 3.72
CA ASP A 11 14.88 15.76 2.46
C ASP A 11 13.46 15.21 2.66
N SER A 12 12.82 15.57 3.79
CA SER A 12 11.49 15.11 4.17
C SER A 12 11.35 13.59 4.16
N ARG A 13 12.48 12.87 4.13
CA ARG A 13 12.53 11.41 4.16
C ARG A 13 11.64 10.76 3.10
N SER A 14 11.35 11.48 2.01
CA SER A 14 10.52 10.97 0.93
C SER A 14 11.32 10.05 0.02
N VAL A 15 10.63 9.09 -0.63
CA VAL A 15 11.26 8.15 -1.55
C VAL A 15 10.36 7.92 -2.75
N ASN A 16 9.18 7.33 -2.53
CA ASN A 16 8.22 7.04 -3.57
C ASN A 16 6.84 6.81 -2.95
N SER A 17 5.79 6.85 -3.79
CA SER A 17 4.42 6.65 -3.37
C SER A 17 4.03 5.17 -3.37
N VAL A 18 5.02 4.28 -3.44
CA VAL A 18 4.79 2.84 -3.53
C VAL A 18 5.28 2.12 -2.29
N LEU A 19 4.48 1.16 -1.81
CA LEU A 19 4.77 0.42 -0.59
C LEU A 19 4.71 -1.08 -0.82
N LEU A 20 5.28 -1.82 0.13
CA LEU A 20 5.29 -3.27 0.15
C LEU A 20 4.72 -3.72 1.50
N PHE A 21 3.79 -4.67 1.46
CA PHE A 21 3.11 -5.19 2.64
C PHE A 21 3.41 -6.67 2.81
N THR A 22 3.48 -7.11 4.07
CA THR A 22 3.67 -8.52 4.41
C THR A 22 2.73 -8.88 5.55
N ILE A 23 2.20 -10.11 5.54
CA ILE A 23 1.30 -10.56 6.60
C ILE A 23 2.03 -11.61 7.44
N LEU A 24 1.91 -11.53 8.77
CA LEU A 24 2.65 -12.38 9.68
C LEU A 24 1.81 -13.56 10.19
N ASN A 25 0.49 -13.41 10.24
CA ASN A 25 -0.43 -14.43 10.74
C ASN A 25 -1.62 -14.54 9.80
N PRO A 26 -1.41 -15.02 8.56
CA PRO A 26 -2.42 -15.10 7.51
C PRO A 26 -3.40 -16.25 7.74
N ILE A 27 -4.02 -16.32 8.92
CA ILE A 27 -4.98 -17.38 9.24
C ILE A 27 -6.35 -17.09 8.62
N TYR A 28 -6.49 -15.95 7.93
CA TYR A 28 -7.69 -15.58 7.20
C TYR A 28 -7.29 -15.00 5.84
N SER A 29 -8.26 -14.81 4.95
CA SER A 29 -8.01 -14.35 3.60
C SER A 29 -7.78 -12.85 3.56
N ILE A 30 -6.97 -12.41 2.59
CA ILE A 30 -6.69 -11.00 2.33
C ILE A 30 -6.79 -10.78 0.82
N THR A 31 -7.39 -9.66 0.41
CA THR A 31 -7.62 -9.35 -0.99
C THR A 31 -7.42 -7.86 -1.23
N THR A 32 -7.48 -7.44 -2.50
CA THR A 32 -7.33 -6.03 -2.86
C THR A 32 -8.45 -5.20 -2.25
N ASP A 33 -9.58 -5.82 -1.91
CA ASP A 33 -10.71 -5.12 -1.30
C ASP A 33 -10.50 -4.94 0.20
N VAL A 34 -9.74 -5.84 0.84
CA VAL A 34 -9.43 -5.74 2.25
C VAL A 34 -8.32 -4.71 2.47
N LEU A 35 -7.34 -4.67 1.55
CA LEU A 35 -6.24 -3.74 1.66
C LEU A 35 -6.67 -2.33 1.25
N TYR A 36 -7.73 -2.22 0.45
CA TYR A 36 -8.22 -0.91 0.04
C TYR A 36 -9.01 -0.25 1.16
N THR A 37 -9.75 -1.03 1.96
CA THR A 37 -10.57 -0.44 3.01
C THR A 37 -9.72 -0.02 4.21
N ILE A 38 -8.52 -0.60 4.38
CA ILE A 38 -7.63 -0.16 5.45
C ILE A 38 -6.69 0.96 4.99
N CYS A 39 -6.47 1.10 3.68
CA CYS A 39 -5.57 2.14 3.17
C CYS A 39 -6.31 3.38 2.72
N ASN A 40 -7.61 3.27 2.41
CA ASN A 40 -8.41 4.40 1.99
C ASN A 40 -8.48 5.52 3.04
N PRO A 41 -8.70 5.22 4.33
CA PRO A 41 -8.73 6.25 5.37
C PRO A 41 -7.34 6.82 5.65
N CYS A 42 -6.28 6.21 5.11
CA CYS A 42 -4.92 6.69 5.30
C CYS A 42 -4.48 7.60 4.15
N GLY A 43 -5.16 7.50 3.00
CA GLY A 43 -4.87 8.34 1.85
C GLY A 43 -5.49 7.75 0.58
N PRO A 44 -5.53 8.54 -0.50
CA PRO A 44 -6.05 8.13 -1.79
C PRO A 44 -5.15 7.07 -2.43
N VAL A 45 -5.68 5.85 -2.55
CA VAL A 45 -4.98 4.73 -3.19
C VAL A 45 -5.24 4.77 -4.69
N GLN A 46 -4.29 4.28 -5.48
CA GLN A 46 -4.41 4.24 -6.93
C GLN A 46 -4.51 2.80 -7.43
N ARG A 47 -3.79 1.87 -6.80
CA ARG A 47 -3.85 0.46 -7.17
C ARG A 47 -3.26 -0.44 -6.09
N ILE A 48 -3.66 -1.72 -6.13
CA ILE A 48 -3.21 -2.73 -5.18
C ILE A 48 -3.06 -4.08 -5.90
N VAL A 49 -2.04 -4.86 -5.54
CA VAL A 49 -1.84 -6.19 -6.09
C VAL A 49 -1.42 -7.16 -4.98
N ILE A 50 -1.69 -8.45 -5.16
CA ILE A 50 -1.43 -9.49 -4.16
C ILE A 50 -0.35 -10.46 -4.65
N PHE A 51 0.37 -11.06 -3.71
CA PHE A 51 1.35 -12.11 -3.98
C PHE A 51 1.18 -13.21 -2.94
N ARG A 52 1.31 -14.47 -3.37
CA ARG A 52 1.04 -15.62 -2.50
C ARG A 52 2.00 -16.79 -2.75
N LYS A 53 3.19 -16.48 -3.30
CA LYS A 53 4.23 -17.47 -3.55
C LYS A 53 5.37 -17.30 -2.57
N ASN A 54 5.91 -18.42 -2.08
CA ASN A 54 6.99 -18.45 -1.09
C ASN A 54 6.69 -17.57 0.13
N GLY A 55 5.41 -17.29 0.37
CA GLY A 55 4.96 -16.44 1.46
C GLY A 55 3.67 -15.74 1.06
N VAL A 56 3.31 -14.65 1.75
CA VAL A 56 2.15 -13.85 1.41
C VAL A 56 2.46 -12.37 1.62
N GLN A 57 2.22 -11.59 0.57
CA GLN A 57 2.55 -10.17 0.53
C GLN A 57 1.58 -9.43 -0.39
N ALA A 58 1.66 -8.10 -0.39
CA ALA A 58 0.87 -7.26 -1.25
C ALA A 58 1.63 -5.96 -1.51
N MET A 59 1.18 -5.17 -2.49
CA MET A 59 1.79 -3.88 -2.79
C MET A 59 0.70 -2.84 -3.03
N VAL A 60 1.00 -1.59 -2.71
CA VAL A 60 0.05 -0.49 -2.81
C VAL A 60 0.73 0.74 -3.39
N GLU A 61 -0.04 1.54 -4.14
CA GLU A 61 0.43 2.80 -4.69
C GLU A 61 -0.60 3.88 -4.39
N PHE A 62 -0.12 5.08 -4.02
CA PHE A 62 -0.96 6.21 -3.66
C PHE A 62 -0.79 7.36 -4.65
N ASP A 63 -1.66 8.36 -4.55
CA ASP A 63 -1.64 9.51 -5.46
C ASP A 63 -0.47 10.44 -5.15
N SER A 64 0.13 10.32 -3.96
CA SER A 64 1.28 11.14 -3.57
C SER A 64 2.14 10.39 -2.56
N VAL A 65 3.41 10.81 -2.43
CA VAL A 65 4.32 10.20 -1.47
C VAL A 65 3.89 10.53 -0.05
N GLN A 66 3.19 11.67 0.14
CA GLN A 66 2.74 12.07 1.45
C GLN A 66 1.61 11.15 1.94
N SER A 67 0.89 10.52 1.00
CA SER A 67 -0.16 9.58 1.34
C SER A 67 0.44 8.22 1.68
N ALA A 68 1.59 7.90 1.08
CA ALA A 68 2.29 6.65 1.39
C ALA A 68 3.06 6.77 2.70
N GLN A 69 3.45 8.00 3.08
CA GLN A 69 4.12 8.23 4.36
C GLN A 69 3.14 8.02 5.51
N ARG A 70 1.88 8.42 5.31
CA ARG A 70 0.85 8.25 6.33
C ARG A 70 0.34 6.81 6.36
N ALA A 71 0.42 6.10 5.23
CA ALA A 71 -0.07 4.74 5.14
C ALA A 71 0.76 3.80 6.01
N LYS A 72 2.10 3.84 5.90
CA LYS A 72 2.93 2.97 6.72
C LYS A 72 3.08 3.49 8.14
N ALA A 73 2.71 4.76 8.37
CA ALA A 73 2.72 5.32 9.71
C ALA A 73 1.43 5.00 10.46
N SER A 74 0.42 4.46 9.76
CA SER A 74 -0.86 4.13 10.39
C SER A 74 -1.27 2.66 10.19
N LEU A 75 -0.47 1.86 9.47
CA LEU A 75 -0.80 0.47 9.20
C LEU A 75 0.36 -0.49 9.48
N ASN A 76 1.55 0.01 9.81
CA ASN A 76 2.67 -0.87 10.12
C ASN A 76 2.49 -1.45 11.52
N GLY A 77 2.64 -2.76 11.66
CA GLY A 77 2.45 -3.45 12.93
C GLY A 77 0.97 -3.53 13.31
N ALA A 78 0.07 -3.10 12.43
CA ALA A 78 -1.36 -3.10 12.67
C ALA A 78 -1.97 -4.48 12.43
N ASP A 79 -3.28 -4.59 12.66
CA ASP A 79 -4.04 -5.80 12.42
C ASP A 79 -5.39 -5.42 11.80
N ILE A 80 -6.02 -6.37 11.10
CA ILE A 80 -7.25 -6.09 10.35
C ILE A 80 -8.49 -6.66 11.03
N TYR A 81 -8.33 -7.68 11.89
CA TYR A 81 -9.46 -8.37 12.50
C TYR A 81 -9.42 -8.32 14.02
N SER A 82 -8.95 -7.21 14.58
CA SER A 82 -8.77 -7.02 16.02
C SER A 82 -7.86 -8.10 16.61
N GLY A 83 -7.07 -8.75 15.75
CA GLY A 83 -6.16 -9.82 16.09
C GLY A 83 -5.76 -10.55 14.81
N CYS A 84 -4.67 -11.32 14.85
CA CYS A 84 -4.08 -12.02 13.72
C CYS A 84 -3.92 -11.14 12.48
N CYS A 85 -3.53 -11.76 11.35
CA CYS A 85 -3.31 -11.05 10.10
C CYS A 85 -2.49 -9.78 10.31
N THR A 86 -1.52 -9.83 11.23
CA THR A 86 -0.70 -8.68 11.58
C THR A 86 0.06 -8.21 10.35
N LEU A 87 0.13 -6.89 10.17
CA LEU A 87 0.75 -6.28 9.00
C LEU A 87 2.18 -5.81 9.27
N LYS A 88 2.96 -5.71 8.21
CA LYS A 88 4.30 -5.14 8.21
C LYS A 88 4.49 -4.40 6.89
N ILE A 89 5.03 -3.18 6.95
CA ILE A 89 5.17 -2.35 5.76
C ILE A 89 6.60 -1.82 5.60
N GLU A 90 6.99 -1.63 4.35
CA GLU A 90 8.25 -1.02 3.95
C GLU A 90 8.08 -0.42 2.55
N TYR A 91 9.05 0.38 2.09
CA TYR A 91 8.96 0.99 0.77
C TYR A 91 9.45 0.01 -0.29
N ALA A 92 8.80 0.01 -1.46
CA ALA A 92 9.18 -0.85 -2.57
C ALA A 92 10.23 -0.16 -3.44
N LYS A 93 10.84 -0.90 -4.37
CA LYS A 93 11.90 -0.36 -5.22
C LYS A 93 11.42 0.36 -6.48
N PRO A 94 10.24 0.09 -7.07
CA PRO A 94 9.78 0.79 -8.25
C PRO A 94 9.13 2.12 -7.83
N THR A 95 8.92 3.03 -8.79
CA THR A 95 8.29 4.31 -8.52
C THR A 95 6.79 4.26 -8.79
N ARG A 96 6.30 3.15 -9.36
CA ARG A 96 4.90 2.92 -9.63
C ARG A 96 4.62 1.43 -9.75
N LEU A 97 3.34 1.04 -9.77
CA LEU A 97 2.92 -0.34 -9.93
C LEU A 97 2.05 -0.48 -11.17
N ASN A 98 1.78 -1.71 -11.61
CA ASN A 98 1.00 -1.95 -12.81
C ASN A 98 -0.12 -2.96 -12.53
N VAL A 99 -1.19 -2.88 -13.32
CA VAL A 99 -2.36 -3.74 -13.19
C VAL A 99 -2.80 -4.18 -14.59
N PHE A 100 -3.41 -5.36 -14.68
CA PHE A 100 -3.78 -5.97 -15.95
C PHE A 100 -5.28 -6.27 -16.01
N LYS A 101 -5.92 -6.35 -14.85
CA LYS A 101 -7.33 -6.67 -14.69
C LYS A 101 -7.77 -6.29 -13.28
N ASN A 102 -9.08 -6.28 -13.03
CA ASN A 102 -9.62 -5.95 -11.72
C ASN A 102 -10.37 -7.14 -11.12
N ASP A 103 -9.76 -7.72 -10.08
CA ASP A 103 -10.32 -8.80 -9.30
C ASP A 103 -9.72 -8.80 -7.89
N GLN A 104 -10.01 -9.82 -7.10
CA GLN A 104 -9.60 -9.87 -5.69
C GLN A 104 -8.09 -10.05 -5.49
N ASP A 105 -7.31 -10.24 -6.57
CA ASP A 105 -5.87 -10.45 -6.47
C ASP A 105 -5.09 -9.29 -7.09
N THR A 106 -5.75 -8.45 -7.89
CA THR A 106 -5.14 -7.26 -8.47
C THR A 106 -6.25 -6.30 -8.89
N TRP A 107 -6.10 -5.01 -8.56
CA TRP A 107 -7.13 -4.03 -8.85
C TRP A 107 -6.52 -2.64 -9.05
N ASP A 108 -7.15 -1.83 -9.91
CA ASP A 108 -6.75 -0.45 -10.16
C ASP A 108 -7.95 0.48 -9.94
N TYR A 109 -7.74 1.56 -9.19
CA TYR A 109 -8.79 2.47 -8.77
C TYR A 109 -8.69 3.83 -9.49
N THR A 110 -7.74 3.98 -10.41
CA THR A 110 -7.59 5.20 -11.20
C THR A 110 -7.77 4.91 -12.69
N ASN A 111 -7.97 3.62 -13.01
CA ASN A 111 -8.26 3.16 -14.36
C ASN A 111 -9.64 3.65 -14.79
N PRO A 112 -9.74 4.37 -15.93
CA PRO A 112 -11.00 4.90 -16.44
C PRO A 112 -12.05 3.83 -16.70
N ASN A 113 -11.66 2.55 -16.78
CA ASN A 113 -12.59 1.46 -17.05
C ASN A 113 -13.09 0.84 -15.75
N LEU A 114 -12.27 0.90 -14.69
CA LEU A 114 -12.57 0.37 -13.36
C LEU A 114 -12.96 -1.11 -13.31
N SER A 115 -13.06 -1.79 -14.46
CA SER A 115 -13.44 -3.21 -14.51
C SER A 115 -12.86 -3.92 -15.74
N GLY A 116 -11.93 -3.29 -16.46
CA GLY A 116 -11.35 -3.87 -17.66
C GLY A 116 -10.12 -3.10 -18.12
N GLN A 117 -9.57 -3.50 -19.26
CA GLN A 117 -8.36 -2.90 -19.82
C GLN A 117 -8.48 -2.64 -21.32
N GLY A 118 -9.67 -2.89 -21.89
CA GLY A 118 -9.91 -2.69 -23.31
C GLY A 118 -11.31 -3.16 -23.69
N GLN A 1 32.62 11.86 -6.41
CA GLN A 1 31.37 11.24 -5.92
C GLN A 1 30.95 11.89 -4.60
N LYS A 2 29.64 12.01 -4.38
CA LYS A 2 29.08 12.58 -3.16
C LYS A 2 27.73 11.93 -2.83
N ILE A 3 27.16 12.29 -1.68
CA ILE A 3 25.88 11.76 -1.23
C ILE A 3 24.77 12.20 -2.18
N SER A 4 23.66 11.45 -2.21
CA SER A 4 22.54 11.73 -3.10
C SER A 4 21.63 12.84 -2.59
N ARG A 5 21.97 13.42 -1.42
CA ARG A 5 21.21 14.49 -0.79
C ARG A 5 22.14 15.54 -0.20
N PRO A 6 22.94 16.21 -1.05
CA PRO A 6 23.93 17.18 -0.60
C PRO A 6 23.24 18.39 0.02
N GLY A 7 23.84 18.92 1.11
CA GLY A 7 23.31 20.07 1.81
C GLY A 7 22.06 19.74 2.62
N ASP A 8 21.70 18.46 2.74
CA ASP A 8 20.51 18.05 3.48
C ASP A 8 20.73 16.72 4.21
N SER A 9 20.00 16.50 5.31
CA SER A 9 20.12 15.30 6.11
C SER A 9 18.85 15.07 6.94
N ASP A 10 18.84 13.96 7.69
CA ASP A 10 17.75 13.52 8.56
C ASP A 10 16.42 13.28 7.82
N ASP A 11 15.50 12.60 8.52
CA ASP A 11 14.18 12.20 8.06
C ASP A 11 14.18 11.33 6.79
N SER A 12 15.35 11.08 6.21
CA SER A 12 15.53 10.31 4.97
C SER A 12 14.73 10.84 3.77
N ARG A 13 13.95 11.90 3.97
CA ARG A 13 13.10 12.53 2.94
C ARG A 13 12.18 11.53 2.24
N SER A 14 11.48 12.00 1.20
CA SER A 14 10.57 11.19 0.41
C SER A 14 11.35 10.22 -0.47
N VAL A 15 10.69 9.14 -0.91
CA VAL A 15 11.31 8.12 -1.75
C VAL A 15 10.41 7.79 -2.93
N ASN A 16 9.25 7.20 -2.67
CA ASN A 16 8.29 6.84 -3.70
C ASN A 16 6.88 6.68 -3.11
N SER A 17 5.85 6.75 -3.96
CA SER A 17 4.47 6.67 -3.53
C SER A 17 3.96 5.23 -3.52
N VAL A 18 4.87 4.25 -3.60
CA VAL A 18 4.51 2.84 -3.63
C VAL A 18 5.10 2.11 -2.43
N LEU A 19 4.37 1.13 -1.91
CA LEU A 19 4.73 0.41 -0.70
C LEU A 19 4.68 -1.10 -0.89
N LEU A 20 5.29 -1.83 0.05
CA LEU A 20 5.31 -3.27 0.09
C LEU A 20 4.74 -3.72 1.43
N PHE A 21 3.84 -4.70 1.40
CA PHE A 21 3.15 -5.22 2.58
C PHE A 21 3.45 -6.70 2.75
N THR A 22 3.55 -7.14 4.01
CA THR A 22 3.72 -8.54 4.36
C THR A 22 2.84 -8.87 5.55
N ILE A 23 2.27 -10.08 5.56
CA ILE A 23 1.42 -10.53 6.66
C ILE A 23 2.20 -11.57 7.46
N LEU A 24 2.13 -11.48 8.80
CA LEU A 24 2.92 -12.32 9.67
C LEU A 24 2.18 -13.59 10.09
N ASN A 25 0.85 -13.50 10.26
CA ASN A 25 0.01 -14.61 10.68
C ASN A 25 -1.24 -14.66 9.81
N PRO A 26 -1.09 -14.98 8.51
CA PRO A 26 -2.17 -15.00 7.54
C PRO A 26 -3.11 -16.18 7.73
N ILE A 27 -3.81 -16.23 8.86
CA ILE A 27 -4.79 -17.28 9.14
C ILE A 27 -6.14 -16.97 8.52
N TYR A 28 -6.27 -15.78 7.90
CA TYR A 28 -7.47 -15.36 7.20
C TYR A 28 -7.10 -14.85 5.81
N SER A 29 -8.09 -14.69 4.92
CA SER A 29 -7.83 -14.29 3.55
C SER A 29 -7.62 -12.79 3.45
N ILE A 30 -6.92 -12.37 2.39
CA ILE A 30 -6.64 -10.97 2.09
C ILE A 30 -6.88 -10.74 0.60
N THR A 31 -7.46 -9.61 0.25
CA THR A 31 -7.78 -9.27 -1.14
C THR A 31 -7.58 -7.77 -1.36
N THR A 32 -7.69 -7.34 -2.62
CA THR A 32 -7.55 -5.92 -2.96
C THR A 32 -8.63 -5.09 -2.29
N ASP A 33 -9.77 -5.71 -1.97
CA ASP A 33 -10.87 -5.02 -1.33
C ASP A 33 -10.61 -4.83 0.18
N VAL A 34 -9.84 -5.74 0.78
CA VAL A 34 -9.51 -5.66 2.20
C VAL A 34 -8.38 -4.65 2.42
N LEU A 35 -7.41 -4.62 1.50
CA LEU A 35 -6.28 -3.70 1.62
C LEU A 35 -6.70 -2.28 1.24
N TYR A 36 -7.77 -2.13 0.45
CA TYR A 36 -8.23 -0.82 0.05
C TYR A 36 -9.02 -0.16 1.18
N THR A 37 -9.79 -0.94 1.95
CA THR A 37 -10.61 -0.37 3.01
C THR A 37 -9.76 0.05 4.20
N ILE A 38 -8.58 -0.55 4.38
CA ILE A 38 -7.68 -0.12 5.46
C ILE A 38 -6.74 1.00 5.00
N CYS A 39 -6.51 1.14 3.70
CA CYS A 39 -5.62 2.19 3.18
C CYS A 39 -6.39 3.44 2.76
N ASN A 40 -7.70 3.33 2.52
CA ASN A 40 -8.52 4.47 2.12
C ASN A 40 -8.52 5.60 3.14
N PRO A 41 -8.67 5.33 4.45
CA PRO A 41 -8.65 6.39 5.46
C PRO A 41 -7.24 6.96 5.67
N CYS A 42 -6.21 6.32 5.12
CA CYS A 42 -4.83 6.79 5.25
C CYS A 42 -4.48 7.75 4.11
N GLY A 43 -5.18 7.64 2.98
CA GLY A 43 -4.96 8.51 1.84
C GLY A 43 -5.59 7.93 0.58
N PRO A 44 -5.62 8.70 -0.51
CA PRO A 44 -6.17 8.28 -1.79
C PRO A 44 -5.28 7.20 -2.41
N VAL A 45 -5.81 5.97 -2.48
CA VAL A 45 -5.12 4.84 -3.10
C VAL A 45 -5.39 4.87 -4.60
N GLN A 46 -4.45 4.34 -5.39
CA GLN A 46 -4.56 4.29 -6.83
C GLN A 46 -4.62 2.85 -7.33
N ARG A 47 -3.85 1.93 -6.73
CA ARG A 47 -3.89 0.53 -7.11
C ARG A 47 -3.29 -0.38 -6.04
N ILE A 48 -3.67 -1.67 -6.09
CA ILE A 48 -3.24 -2.68 -5.15
C ILE A 48 -3.08 -4.02 -5.87
N VAL A 49 -2.08 -4.81 -5.47
CA VAL A 49 -1.87 -6.15 -6.00
C VAL A 49 -1.40 -7.08 -4.89
N ILE A 50 -1.74 -8.37 -4.99
CA ILE A 50 -1.40 -9.38 -3.99
C ILE A 50 -0.42 -10.39 -4.57
N PHE A 51 0.41 -10.99 -3.70
CA PHE A 51 1.36 -12.02 -4.08
C PHE A 51 1.34 -13.14 -3.03
N ARG A 52 1.63 -14.37 -3.46
CA ARG A 52 1.57 -15.55 -2.59
C ARG A 52 2.69 -16.56 -2.90
N LYS A 53 3.73 -16.14 -3.62
CA LYS A 53 4.84 -17.01 -3.98
C LYS A 53 5.53 -17.56 -2.73
N ASN A 54 5.49 -16.77 -1.65
CA ASN A 54 5.98 -17.18 -0.34
C ASN A 54 5.18 -16.43 0.72
N GLY A 55 4.54 -17.15 1.65
CA GLY A 55 3.67 -16.53 2.64
C GLY A 55 2.56 -15.75 1.94
N VAL A 56 2.17 -14.60 2.51
CA VAL A 56 1.21 -13.71 1.89
C VAL A 56 1.77 -12.28 1.91
N GLN A 57 1.73 -11.61 0.76
CA GLN A 57 2.27 -10.27 0.60
C GLN A 57 1.39 -9.46 -0.36
N ALA A 58 1.58 -8.15 -0.39
CA ALA A 58 0.83 -7.27 -1.26
C ALA A 58 1.60 -5.97 -1.50
N MET A 59 1.12 -5.14 -2.41
CA MET A 59 1.71 -3.84 -2.70
C MET A 59 0.61 -2.81 -2.89
N VAL A 60 0.89 -1.55 -2.55
CA VAL A 60 -0.09 -0.47 -2.61
C VAL A 60 0.54 0.76 -3.24
N GLU A 61 -0.28 1.58 -3.91
CA GLU A 61 0.15 2.81 -4.53
C GLU A 61 -0.84 3.93 -4.22
N PHE A 62 -0.33 5.13 -3.97
CA PHE A 62 -1.13 6.30 -3.63
C PHE A 62 -0.92 7.42 -4.65
N ASP A 63 -1.78 8.44 -4.60
CA ASP A 63 -1.72 9.56 -5.53
C ASP A 63 -0.60 10.53 -5.16
N SER A 64 -0.02 10.37 -3.97
CA SER A 64 1.08 11.22 -3.51
C SER A 64 1.96 10.44 -2.54
N VAL A 65 3.24 10.80 -2.47
CA VAL A 65 4.17 10.15 -1.56
C VAL A 65 3.83 10.51 -0.13
N GLN A 66 3.19 11.66 0.10
CA GLN A 66 2.82 12.07 1.45
C GLN A 66 1.68 11.19 1.97
N SER A 67 0.90 10.59 1.05
CA SER A 67 -0.17 9.68 1.41
C SER A 67 0.40 8.30 1.71
N ALA A 68 1.54 7.97 1.10
CA ALA A 68 2.22 6.71 1.37
C ALA A 68 3.05 6.80 2.65
N GLN A 69 3.48 8.01 3.03
CA GLN A 69 4.18 8.22 4.28
C GLN A 69 3.22 8.01 5.45
N ARG A 70 1.96 8.43 5.29
CA ARG A 70 0.96 8.27 6.33
C ARG A 70 0.43 6.83 6.35
N ALA A 71 0.52 6.13 5.22
CA ALA A 71 -0.01 4.78 5.12
C ALA A 71 0.81 3.81 5.97
N LYS A 72 2.14 3.81 5.83
CA LYS A 72 2.98 2.92 6.64
C LYS A 72 3.15 3.45 8.06
N ALA A 73 2.83 4.72 8.29
CA ALA A 73 2.90 5.29 9.63
C ALA A 73 1.62 5.01 10.44
N SER A 74 0.58 4.47 9.79
CA SER A 74 -0.67 4.17 10.47
C SER A 74 -1.12 2.72 10.29
N LEU A 75 -0.41 1.94 9.45
CA LEU A 75 -0.78 0.55 9.18
C LEU A 75 0.34 -0.45 9.46
N ASN A 76 1.54 0.04 9.82
CA ASN A 76 2.63 -0.87 10.13
C ASN A 76 2.43 -1.42 11.54
N GLY A 77 2.54 -2.74 11.71
CA GLY A 77 2.30 -3.40 12.98
C GLY A 77 0.81 -3.47 13.31
N ALA A 78 -0.06 -3.05 12.39
CA ALA A 78 -1.50 -3.08 12.59
C ALA A 78 -2.06 -4.48 12.32
N ASP A 79 -3.38 -4.64 12.52
CA ASP A 79 -4.08 -5.87 12.27
C ASP A 79 -5.42 -5.56 11.61
N ILE A 80 -6.01 -6.56 10.96
CA ILE A 80 -7.25 -6.36 10.19
C ILE A 80 -8.43 -7.10 10.84
N TYR A 81 -8.16 -8.11 11.66
CA TYR A 81 -9.21 -8.96 12.24
C TYR A 81 -9.21 -8.93 13.76
N SER A 82 -8.75 -7.82 14.36
CA SER A 82 -8.64 -7.65 15.80
C SER A 82 -7.75 -8.72 16.44
N GLY A 83 -6.97 -9.42 15.62
CA GLY A 83 -6.06 -10.47 16.04
C GLY A 83 -5.52 -11.20 14.82
N CYS A 84 -4.25 -11.64 14.90
CA CYS A 84 -3.55 -12.27 13.79
C CYS A 84 -3.58 -11.41 12.52
N CYS A 85 -3.09 -11.97 11.41
CA CYS A 85 -2.97 -11.26 10.14
C CYS A 85 -2.27 -9.92 10.33
N THR A 86 -1.32 -9.86 11.25
CA THR A 86 -0.59 -8.64 11.56
C THR A 86 0.16 -8.16 10.33
N LEU A 87 0.16 -6.84 10.12
CA LEU A 87 0.76 -6.23 8.94
C LEU A 87 2.18 -5.75 9.22
N LYS A 88 2.98 -5.68 8.15
CA LYS A 88 4.34 -5.17 8.18
C LYS A 88 4.59 -4.45 6.86
N ILE A 89 5.08 -3.21 6.91
CA ILE A 89 5.18 -2.37 5.72
C ILE A 89 6.57 -1.77 5.54
N GLU A 90 6.96 -1.59 4.28
CA GLU A 90 8.21 -0.96 3.89
C GLU A 90 8.02 -0.34 2.50
N TYR A 91 9.01 0.40 2.01
CA TYR A 91 8.92 0.99 0.68
C TYR A 91 9.33 -0.01 -0.39
N ALA A 92 8.65 0.02 -1.54
CA ALA A 92 8.92 -0.91 -2.63
C ALA A 92 10.10 -0.44 -3.48
N LYS A 93 10.60 -1.33 -4.35
CA LYS A 93 11.75 -1.05 -5.21
C LYS A 93 11.40 -0.12 -6.39
N PRO A 94 10.29 -0.36 -7.13
CA PRO A 94 9.92 0.49 -8.26
C PRO A 94 9.34 1.81 -7.76
N THR A 95 8.99 2.70 -8.69
CA THR A 95 8.39 3.99 -8.37
C THR A 95 6.92 4.03 -8.77
N ARG A 96 6.43 3.01 -9.47
CA ARG A 96 5.05 2.91 -9.90
C ARG A 96 4.68 1.45 -10.11
N LEU A 97 3.51 1.03 -9.63
CA LEU A 97 3.05 -0.36 -9.77
C LEU A 97 2.30 -0.56 -11.09
N ASN A 98 1.99 -1.81 -11.42
CA ASN A 98 1.31 -2.14 -12.67
C ASN A 98 0.14 -3.09 -12.39
N VAL A 99 -0.89 -3.03 -13.24
CA VAL A 99 -2.10 -3.84 -13.12
C VAL A 99 -2.52 -4.32 -14.51
N PHE A 100 -3.22 -5.45 -14.59
CA PHE A 100 -3.57 -6.07 -15.86
C PHE A 100 -5.07 -6.34 -15.94
N LYS A 101 -5.75 -6.37 -14.79
CA LYS A 101 -7.18 -6.67 -14.69
C LYS A 101 -7.66 -6.25 -13.29
N ASN A 102 -8.98 -6.27 -13.08
CA ASN A 102 -9.58 -5.92 -11.80
C ASN A 102 -10.31 -7.11 -11.21
N ASP A 103 -9.74 -7.67 -10.14
CA ASP A 103 -10.32 -8.74 -9.35
C ASP A 103 -9.76 -8.71 -7.92
N GLN A 104 -10.07 -9.73 -7.12
CA GLN A 104 -9.71 -9.76 -5.71
C GLN A 104 -8.20 -9.93 -5.46
N ASP A 105 -7.39 -10.13 -6.50
CA ASP A 105 -5.95 -10.34 -6.35
C ASP A 105 -5.14 -9.20 -6.98
N THR A 106 -5.76 -8.40 -7.85
CA THR A 106 -5.13 -7.24 -8.45
C THR A 106 -6.21 -6.27 -8.91
N TRP A 107 -6.05 -4.98 -8.62
CA TRP A 107 -7.06 -3.99 -8.97
C TRP A 107 -6.44 -2.61 -9.17
N ASP A 108 -7.03 -1.83 -10.08
CA ASP A 108 -6.61 -0.47 -10.37
C ASP A 108 -7.80 0.47 -10.19
N TYR A 109 -7.66 1.43 -9.26
CA TYR A 109 -8.74 2.34 -8.89
C TYR A 109 -8.65 3.65 -9.66
N THR A 110 -7.58 3.84 -10.46
CA THR A 110 -7.41 5.01 -11.30
C THR A 110 -7.53 4.63 -12.77
N ASN A 111 -8.06 3.43 -13.04
CA ASN A 111 -8.26 2.92 -14.38
C ASN A 111 -9.34 3.73 -15.09
N PRO A 112 -9.06 4.30 -16.27
CA PRO A 112 -10.04 5.04 -17.06
C PRO A 112 -11.28 4.23 -17.40
N ASN A 113 -11.20 2.90 -17.30
CA ASN A 113 -12.33 2.02 -17.60
C ASN A 113 -13.20 1.78 -16.36
N LEU A 114 -12.82 2.38 -15.22
CA LEU A 114 -13.57 2.26 -13.98
C LEU A 114 -14.10 3.62 -13.53
N SER A 115 -13.50 4.71 -14.04
CA SER A 115 -13.92 6.07 -13.74
C SER A 115 -14.85 6.62 -14.81
N GLY A 116 -15.08 5.84 -15.88
CA GLY A 116 -15.98 6.23 -16.96
C GLY A 116 -17.44 6.05 -16.57
N GLN A 117 -18.35 6.54 -17.41
CA GLN A 117 -19.79 6.45 -17.17
C GLN A 117 -20.56 6.17 -18.46
N GLY A 118 -19.85 5.84 -19.55
CA GLY A 118 -20.48 5.56 -20.83
C GLY A 118 -19.41 5.25 -21.89
N GLN A 1 16.15 20.79 8.56
CA GLN A 1 16.04 21.74 7.42
C GLN A 1 17.03 21.37 6.34
N LYS A 2 16.67 21.63 5.07
CA LYS A 2 17.52 21.32 3.92
C LYS A 2 17.37 22.41 2.85
N ILE A 3 18.36 22.51 1.96
CA ILE A 3 18.36 23.49 0.88
C ILE A 3 17.21 23.24 -0.09
N SER A 4 16.77 24.28 -0.80
CA SER A 4 15.70 24.16 -1.78
C SER A 4 16.14 23.33 -2.98
N ARG A 5 15.17 22.80 -3.73
CA ARG A 5 15.41 21.93 -4.87
C ARG A 5 16.47 20.86 -4.53
N PRO A 6 16.25 20.08 -3.46
CA PRO A 6 17.20 19.10 -2.98
C PRO A 6 17.28 17.90 -3.92
N GLY A 7 18.33 17.09 -3.77
CA GLY A 7 18.56 15.92 -4.60
C GLY A 7 19.87 15.22 -4.27
N ASP A 8 20.59 15.68 -3.24
CA ASP A 8 21.86 15.11 -2.85
C ASP A 8 22.06 15.22 -1.33
N SER A 9 22.86 14.32 -0.76
CA SER A 9 23.12 14.18 0.66
C SER A 9 21.87 13.85 1.49
N ASP A 10 22.09 13.15 2.60
CA ASP A 10 21.06 12.68 3.53
C ASP A 10 19.86 12.03 2.83
N ASP A 11 20.05 11.53 1.61
CA ASP A 11 19.01 10.92 0.79
C ASP A 11 17.81 11.84 0.55
N SER A 12 17.95 13.13 0.86
CA SER A 12 16.92 14.16 0.68
C SER A 12 15.58 13.82 1.32
N ARG A 13 15.57 12.90 2.30
CA ARG A 13 14.38 12.46 3.03
C ARG A 13 13.32 11.81 2.13
N SER A 14 12.37 11.11 2.77
CA SER A 14 11.29 10.39 2.13
C SER A 14 11.80 9.34 1.12
N VAL A 15 10.88 8.65 0.44
CA VAL A 15 11.22 7.61 -0.51
C VAL A 15 10.37 7.72 -1.77
N ASN A 16 9.23 7.01 -1.83
CA ASN A 16 8.37 7.00 -2.99
C ASN A 16 6.93 6.66 -2.59
N SER A 17 5.99 6.82 -3.53
CA SER A 17 4.57 6.59 -3.29
C SER A 17 4.18 5.11 -3.39
N VAL A 18 5.17 4.21 -3.49
CA VAL A 18 4.92 2.78 -3.61
C VAL A 18 5.32 2.05 -2.33
N LEU A 19 4.47 1.12 -1.89
CA LEU A 19 4.68 0.39 -0.65
C LEU A 19 4.66 -1.12 -0.88
N LEU A 20 5.22 -1.84 0.09
CA LEU A 20 5.27 -3.28 0.14
C LEU A 20 4.68 -3.72 1.47
N PHE A 21 3.76 -4.68 1.42
CA PHE A 21 3.07 -5.19 2.60
C PHE A 21 3.39 -6.67 2.77
N THR A 22 3.48 -7.11 4.03
CA THR A 22 3.72 -8.51 4.37
C THR A 22 2.84 -8.86 5.57
N ILE A 23 2.29 -10.08 5.57
CA ILE A 23 1.45 -10.54 6.66
C ILE A 23 2.26 -11.55 7.47
N LEU A 24 2.21 -11.44 8.81
CA LEU A 24 3.05 -12.25 9.68
C LEU A 24 2.34 -13.51 10.17
N ASN A 25 1.03 -13.44 10.42
CA ASN A 25 0.24 -14.55 10.95
C ASN A 25 -1.02 -14.75 10.10
N PRO A 26 -0.88 -15.08 8.82
CA PRO A 26 -2.00 -15.22 7.91
C PRO A 26 -2.83 -16.45 8.26
N ILE A 27 -3.97 -16.22 8.93
CA ILE A 27 -4.93 -17.28 9.24
C ILE A 27 -6.34 -16.91 8.79
N TYR A 28 -6.50 -15.74 8.15
CA TYR A 28 -7.76 -15.28 7.61
C TYR A 28 -7.56 -14.81 6.17
N SER A 29 -8.66 -14.61 5.44
CA SER A 29 -8.60 -14.24 4.04
C SER A 29 -8.17 -12.78 3.87
N ILE A 30 -7.43 -12.49 2.81
CA ILE A 30 -6.99 -11.15 2.46
C ILE A 30 -7.15 -10.98 0.95
N THR A 31 -7.68 -9.82 0.52
CA THR A 31 -7.90 -9.52 -0.88
C THR A 31 -7.66 -8.03 -1.12
N THR A 32 -7.67 -7.61 -2.39
CA THR A 32 -7.47 -6.21 -2.73
C THR A 32 -8.61 -5.35 -2.18
N ASP A 33 -9.75 -5.96 -1.87
CA ASP A 33 -10.88 -5.24 -1.29
C ASP A 33 -10.69 -5.03 0.20
N VAL A 34 -9.92 -5.91 0.87
CA VAL A 34 -9.63 -5.78 2.29
C VAL A 34 -8.49 -4.78 2.48
N LEU A 35 -7.51 -4.81 1.58
CA LEU A 35 -6.38 -3.90 1.67
C LEU A 35 -6.80 -2.48 1.28
N TYR A 36 -7.81 -2.34 0.43
CA TYR A 36 -8.27 -1.02 0.01
C TYR A 36 -9.05 -0.34 1.12
N THR A 37 -9.86 -1.08 1.87
CA THR A 37 -10.69 -0.48 2.91
C THR A 37 -9.88 -0.07 4.12
N ILE A 38 -8.68 -0.66 4.31
CA ILE A 38 -7.83 -0.26 5.44
C ILE A 38 -6.91 0.90 5.08
N CYS A 39 -6.59 1.12 3.80
CA CYS A 39 -5.67 2.18 3.42
C CYS A 39 -6.35 3.34 2.69
N ASN A 40 -7.64 3.22 2.37
CA ASN A 40 -8.39 4.31 1.77
C ASN A 40 -8.46 5.54 2.69
N PRO A 41 -8.69 5.41 4.00
CA PRO A 41 -8.74 6.56 4.89
C PRO A 41 -7.34 7.15 5.15
N CYS A 42 -6.29 6.49 4.67
CA CYS A 42 -4.93 6.98 4.85
C CYS A 42 -4.54 7.96 3.76
N GLY A 43 -5.23 7.92 2.62
CA GLY A 43 -4.97 8.82 1.51
C GLY A 43 -5.51 8.25 0.19
N PRO A 44 -5.40 9.02 -0.90
CA PRO A 44 -5.87 8.62 -2.22
C PRO A 44 -5.04 7.46 -2.76
N VAL A 45 -5.64 6.27 -2.80
CA VAL A 45 -5.01 5.07 -3.34
C VAL A 45 -5.18 5.06 -4.86
N GLN A 46 -4.22 4.46 -5.57
CA GLN A 46 -4.28 4.36 -7.02
C GLN A 46 -4.46 2.91 -7.46
N ARG A 47 -3.79 1.96 -6.79
CA ARG A 47 -3.91 0.55 -7.13
C ARG A 47 -3.32 -0.35 -6.04
N ILE A 48 -3.70 -1.62 -6.08
CA ILE A 48 -3.26 -2.64 -5.13
C ILE A 48 -3.08 -3.97 -5.87
N VAL A 49 -2.03 -4.71 -5.55
CA VAL A 49 -1.80 -6.05 -6.10
C VAL A 49 -1.32 -6.99 -4.99
N ILE A 50 -1.51 -8.29 -5.18
CA ILE A 50 -1.19 -9.29 -4.17
C ILE A 50 -0.31 -10.39 -4.74
N PHE A 51 0.50 -11.01 -3.87
CA PHE A 51 1.38 -12.11 -4.21
C PHE A 51 1.36 -13.15 -3.10
N ARG A 52 1.46 -14.43 -3.48
CA ARG A 52 1.43 -15.53 -2.52
C ARG A 52 2.42 -16.64 -2.88
N LYS A 53 3.37 -16.33 -3.77
CA LYS A 53 4.36 -17.29 -4.22
C LYS A 53 5.49 -17.47 -3.21
N ASN A 54 5.52 -16.62 -2.17
CA ASN A 54 6.56 -16.64 -1.16
C ASN A 54 5.98 -16.52 0.26
N GLY A 55 4.66 -16.67 0.40
CA GLY A 55 3.97 -16.47 1.67
C GLY A 55 2.66 -15.71 1.40
N VAL A 56 2.43 -14.64 2.14
CA VAL A 56 1.30 -13.75 1.90
C VAL A 56 1.80 -12.31 1.94
N GLN A 57 1.77 -11.64 0.79
CA GLN A 57 2.29 -10.28 0.65
C GLN A 57 1.43 -9.48 -0.33
N ALA A 58 1.57 -8.16 -0.32
CA ALA A 58 0.82 -7.29 -1.19
C ALA A 58 1.59 -5.99 -1.46
N MET A 59 1.09 -5.16 -2.38
CA MET A 59 1.70 -3.88 -2.70
C MET A 59 0.62 -2.84 -2.94
N VAL A 60 0.93 -1.57 -2.69
CA VAL A 60 -0.01 -0.47 -2.83
C VAL A 60 0.69 0.74 -3.43
N GLU A 61 -0.05 1.56 -4.17
CA GLU A 61 0.46 2.80 -4.75
C GLU A 61 -0.53 3.93 -4.47
N PHE A 62 -0.01 5.11 -4.15
CA PHE A 62 -0.79 6.30 -3.83
C PHE A 62 -0.52 7.41 -4.85
N ASP A 63 -1.35 8.45 -4.80
CA ASP A 63 -1.23 9.58 -5.71
C ASP A 63 -0.13 10.55 -5.24
N SER A 64 0.36 10.36 -4.01
CA SER A 64 1.42 11.18 -3.45
C SER A 64 2.24 10.37 -2.46
N VAL A 65 3.52 10.71 -2.33
CA VAL A 65 4.40 10.03 -1.39
C VAL A 65 3.99 10.35 0.04
N GLN A 66 3.37 11.52 0.27
CA GLN A 66 2.94 11.90 1.60
C GLN A 66 1.76 11.04 2.05
N SER A 67 1.01 10.47 1.10
CA SER A 67 -0.09 9.58 1.41
C SER A 67 0.44 8.18 1.72
N ALA A 68 1.60 7.82 1.15
CA ALA A 68 2.23 6.53 1.44
C ALA A 68 3.00 6.59 2.77
N GLN A 69 3.45 7.78 3.15
CA GLN A 69 4.08 8.02 4.45
C GLN A 69 3.03 7.86 5.55
N ARG A 70 1.79 8.27 5.27
CA ARG A 70 0.70 8.19 6.24
C ARG A 70 0.07 6.78 6.26
N ALA A 71 0.14 6.05 5.13
CA ALA A 71 -0.42 4.72 5.07
C ALA A 71 0.40 3.75 5.93
N LYS A 72 1.73 3.84 5.86
CA LYS A 72 2.58 3.04 6.72
C LYS A 72 2.49 3.55 8.17
N ALA A 73 2.20 4.83 8.37
CA ALA A 73 2.09 5.39 9.70
C ALA A 73 0.76 5.02 10.36
N SER A 74 -0.16 4.43 9.61
CA SER A 74 -1.47 4.03 10.13
C SER A 74 -1.75 2.54 9.99
N LEU A 75 -0.85 1.78 9.33
CA LEU A 75 -1.07 0.35 9.09
C LEU A 75 0.16 -0.51 9.38
N ASN A 76 1.33 0.08 9.64
CA ASN A 76 2.50 -0.74 9.93
C ASN A 76 2.37 -1.31 11.33
N GLY A 77 2.57 -2.62 11.49
CA GLY A 77 2.42 -3.29 12.77
C GLY A 77 0.96 -3.42 13.19
N ALA A 78 0.03 -3.03 12.32
CA ALA A 78 -1.40 -3.10 12.60
C ALA A 78 -1.96 -4.50 12.38
N ASP A 79 -3.26 -4.66 12.60
CA ASP A 79 -3.97 -5.91 12.36
C ASP A 79 -5.34 -5.61 11.75
N ILE A 80 -5.98 -6.62 11.15
CA ILE A 80 -7.25 -6.43 10.46
C ILE A 80 -8.39 -7.19 11.14
N TYR A 81 -8.07 -8.16 12.01
CA TYR A 81 -9.08 -8.99 12.65
C TYR A 81 -8.97 -8.97 14.17
N SER A 82 -8.53 -7.84 14.74
CA SER A 82 -8.31 -7.67 16.17
C SER A 82 -7.35 -8.72 16.75
N GLY A 83 -6.60 -9.38 15.86
CA GLY A 83 -5.63 -10.40 16.22
C GLY A 83 -5.22 -11.18 14.98
N CYS A 84 -3.97 -11.65 14.96
CA CYS A 84 -3.38 -12.33 13.81
C CYS A 84 -3.47 -11.49 12.53
N CYS A 85 -3.00 -12.05 11.42
CA CYS A 85 -2.90 -11.33 10.15
C CYS A 85 -2.21 -9.98 10.33
N THR A 86 -1.27 -9.91 11.28
CA THR A 86 -0.54 -8.69 11.58
C THR A 86 0.20 -8.20 10.34
N LEU A 87 0.19 -6.89 10.13
CA LEU A 87 0.78 -6.25 8.96
C LEU A 87 2.21 -5.80 9.24
N LYS A 88 3.00 -5.70 8.17
CA LYS A 88 4.37 -5.18 8.19
C LYS A 88 4.55 -4.43 6.88
N ILE A 89 4.92 -3.15 6.95
CA ILE A 89 5.00 -2.30 5.75
C ILE A 89 6.38 -1.68 5.61
N GLU A 90 6.82 -1.53 4.36
CA GLU A 90 8.06 -0.88 3.98
C GLU A 90 7.92 -0.35 2.56
N TYR A 91 8.90 0.42 2.07
CA TYR A 91 8.85 0.95 0.72
C TYR A 91 9.41 -0.06 -0.28
N ALA A 92 8.85 -0.04 -1.50
CA ALA A 92 9.29 -0.94 -2.56
C ALA A 92 10.30 -0.24 -3.47
N LYS A 93 11.00 -1.03 -4.31
CA LYS A 93 12.07 -0.51 -5.15
C LYS A 93 11.60 0.18 -6.45
N PRO A 94 10.44 -0.15 -7.05
CA PRO A 94 9.99 0.55 -8.24
C PRO A 94 9.33 1.89 -7.86
N THR A 95 9.23 2.81 -8.81
CA THR A 95 8.62 4.11 -8.58
C THR A 95 7.13 4.08 -8.87
N ARG A 96 6.64 2.99 -9.47
CA ARG A 96 5.22 2.78 -9.74
C ARG A 96 4.93 1.30 -9.89
N LEU A 97 3.65 0.93 -9.91
CA LEU A 97 3.19 -0.43 -10.09
C LEU A 97 2.32 -0.54 -11.34
N ASN A 98 1.93 -1.75 -11.73
CA ASN A 98 1.11 -1.95 -12.92
C ASN A 98 -0.03 -2.93 -12.61
N VAL A 99 -1.12 -2.83 -13.37
CA VAL A 99 -2.31 -3.67 -13.21
C VAL A 99 -2.79 -4.11 -14.58
N PHE A 100 -3.41 -5.29 -14.64
CA PHE A 100 -3.82 -5.89 -15.91
C PHE A 100 -5.32 -6.17 -15.95
N LYS A 101 -5.95 -6.24 -14.76
CA LYS A 101 -7.35 -6.55 -14.60
C LYS A 101 -7.81 -6.19 -13.19
N ASN A 102 -9.11 -6.22 -12.94
CA ASN A 102 -9.66 -5.95 -11.61
C ASN A 102 -10.36 -7.18 -11.05
N ASP A 103 -9.83 -7.70 -9.95
CA ASP A 103 -10.37 -8.84 -9.20
C ASP A 103 -9.81 -8.83 -7.78
N GLN A 104 -10.09 -9.88 -7.01
CA GLN A 104 -9.70 -9.94 -5.60
C GLN A 104 -8.20 -10.10 -5.37
N ASP A 105 -7.39 -10.18 -6.43
CA ASP A 105 -5.95 -10.38 -6.33
C ASP A 105 -5.17 -9.22 -6.93
N THR A 106 -5.80 -8.43 -7.81
CA THR A 106 -5.21 -7.24 -8.39
C THR A 106 -6.31 -6.26 -8.78
N TRP A 107 -6.12 -4.97 -8.50
CA TRP A 107 -7.13 -3.96 -8.80
C TRP A 107 -6.50 -2.59 -9.01
N ASP A 108 -7.13 -1.76 -9.85
CA ASP A 108 -6.71 -0.40 -10.10
C ASP A 108 -7.89 0.55 -9.92
N TYR A 109 -7.66 1.70 -9.27
CA TYR A 109 -8.71 2.64 -8.90
C TYR A 109 -8.56 3.99 -9.62
N THR A 110 -7.62 4.10 -10.56
CA THR A 110 -7.40 5.34 -11.32
C THR A 110 -7.53 5.09 -12.82
N ASN A 111 -7.62 3.82 -13.22
CA ASN A 111 -7.85 3.41 -14.59
C ASN A 111 -9.29 3.78 -14.99
N PRO A 112 -9.49 4.53 -16.09
CA PRO A 112 -10.82 4.87 -16.60
C PRO A 112 -11.69 3.65 -16.95
N ASN A 113 -11.12 2.44 -16.88
CA ASN A 113 -11.81 1.21 -17.22
C ASN A 113 -11.99 0.31 -15.99
N LEU A 114 -11.91 0.88 -14.78
CA LEU A 114 -12.00 0.11 -13.55
C LEU A 114 -13.36 -0.57 -13.34
N SER A 115 -14.32 -0.30 -14.23
CA SER A 115 -15.65 -0.90 -14.17
C SER A 115 -16.09 -1.37 -15.56
N GLY A 116 -15.13 -1.51 -16.49
CA GLY A 116 -15.41 -1.90 -17.86
C GLY A 116 -15.96 -0.72 -18.66
N GLN A 117 -16.43 -1.00 -19.88
CA GLN A 117 -16.97 0.01 -20.79
C GLN A 117 -18.36 -0.40 -21.30
N GLY A 118 -18.92 -1.51 -20.79
CA GLY A 118 -20.21 -2.01 -21.20
C GLY A 118 -20.56 -3.28 -20.45
N GLN A 1 16.57 27.42 7.12
CA GLN A 1 17.75 26.67 6.64
C GLN A 1 17.46 25.17 6.61
N LYS A 2 18.26 24.42 5.84
CA LYS A 2 18.11 22.98 5.72
C LYS A 2 18.85 22.28 6.85
N ILE A 3 18.52 21.01 7.09
CA ILE A 3 19.15 20.22 8.15
C ILE A 3 20.64 20.04 7.86
N SER A 4 21.45 19.89 8.91
CA SER A 4 22.90 19.76 8.79
C SER A 4 23.32 18.36 8.31
N ARG A 5 22.35 17.46 8.14
CA ARG A 5 22.58 16.11 7.64
C ARG A 5 21.45 15.75 6.67
N PRO A 6 21.51 16.29 5.44
CA PRO A 6 20.46 16.14 4.44
C PRO A 6 20.38 14.72 3.90
N GLY A 7 21.32 13.85 4.29
CA GLY A 7 21.33 12.45 3.88
C GLY A 7 20.31 11.61 4.65
N ASP A 8 19.64 12.21 5.65
CA ASP A 8 18.64 11.52 6.45
C ASP A 8 17.58 12.52 6.91
N SER A 9 16.34 12.05 7.10
CA SER A 9 15.21 12.89 7.51
C SER A 9 15.02 14.10 6.58
N ASP A 10 14.18 15.04 7.01
CA ASP A 10 13.83 16.24 6.25
C ASP A 10 13.16 15.89 4.91
N ASP A 11 12.66 16.90 4.20
CA ASP A 11 11.99 16.73 2.92
C ASP A 11 10.88 15.67 3.02
N SER A 12 10.21 15.62 4.18
CA SER A 12 9.15 14.65 4.49
C SER A 12 9.58 13.19 4.26
N ARG A 13 10.89 12.95 4.25
CA ARG A 13 11.48 11.62 4.02
C ARG A 13 10.95 10.99 2.73
N SER A 14 10.60 11.83 1.75
CA SER A 14 10.05 11.39 0.49
C SER A 14 11.05 10.54 -0.29
N VAL A 15 10.55 9.52 -1.00
CA VAL A 15 11.37 8.66 -1.85
C VAL A 15 10.53 8.09 -3.01
N ASN A 16 9.33 7.59 -2.71
CA ASN A 16 8.38 7.15 -3.72
C ASN A 16 6.98 7.00 -3.11
N SER A 17 5.97 6.88 -3.97
CA SER A 17 4.57 6.78 -3.56
C SER A 17 4.08 5.32 -3.57
N VAL A 18 5.00 4.36 -3.55
CA VAL A 18 4.68 2.94 -3.60
C VAL A 18 5.24 2.21 -2.39
N LEU A 19 4.50 1.21 -1.90
CA LEU A 19 4.83 0.50 -0.68
C LEU A 19 4.79 -1.01 -0.89
N LEU A 20 5.41 -1.73 0.05
CA LEU A 20 5.44 -3.18 0.10
C LEU A 20 4.83 -3.62 1.42
N PHE A 21 3.94 -4.60 1.37
CA PHE A 21 3.24 -5.12 2.53
C PHE A 21 3.56 -6.60 2.72
N THR A 22 3.63 -7.03 3.97
CA THR A 22 3.87 -8.42 4.33
C THR A 22 2.99 -8.76 5.53
N ILE A 23 2.49 -10.00 5.58
CA ILE A 23 1.65 -10.46 6.67
C ILE A 23 2.45 -11.43 7.53
N LEU A 24 2.37 -11.28 8.86
CA LEU A 24 3.20 -12.06 9.77
C LEU A 24 2.50 -13.34 10.23
N ASN A 25 1.17 -13.29 10.41
CA ASN A 25 0.38 -14.42 10.90
C ASN A 25 -0.84 -14.63 10.00
N PRO A 26 -0.63 -14.95 8.71
CA PRO A 26 -1.72 -15.07 7.75
C PRO A 26 -2.56 -16.31 8.05
N ILE A 27 -3.72 -16.12 8.68
CA ILE A 27 -4.67 -17.20 8.93
C ILE A 27 -6.06 -16.87 8.38
N TYR A 28 -6.21 -15.69 7.76
CA TYR A 28 -7.45 -15.25 7.15
C TYR A 28 -7.17 -14.73 5.74
N SER A 29 -8.22 -14.55 4.94
CA SER A 29 -8.07 -14.13 3.55
C SER A 29 -7.69 -12.65 3.46
N ILE A 30 -6.98 -12.29 2.38
CA ILE A 30 -6.59 -10.93 2.07
C ILE A 30 -6.77 -10.73 0.57
N THR A 31 -7.36 -9.59 0.18
CA THR A 31 -7.65 -9.28 -1.22
C THR A 31 -7.52 -7.78 -1.45
N THR A 32 -7.69 -7.35 -2.71
CA THR A 32 -7.62 -5.95 -3.08
C THR A 32 -8.73 -5.16 -2.39
N ASP A 33 -9.85 -5.81 -2.04
CA ASP A 33 -10.96 -5.16 -1.38
C ASP A 33 -10.71 -5.01 0.13
N VAL A 34 -9.78 -5.80 0.69
CA VAL A 34 -9.45 -5.72 2.11
C VAL A 34 -8.30 -4.73 2.32
N LEU A 35 -7.34 -4.71 1.40
CA LEU A 35 -6.20 -3.82 1.52
C LEU A 35 -6.59 -2.39 1.13
N TYR A 36 -7.65 -2.23 0.34
CA TYR A 36 -8.11 -0.90 -0.04
C TYR A 36 -8.90 -0.25 1.10
N THR A 37 -9.68 -1.04 1.84
CA THR A 37 -10.51 -0.48 2.90
C THR A 37 -9.68 -0.15 4.14
N ILE A 38 -8.47 -0.71 4.26
CA ILE A 38 -7.57 -0.35 5.35
C ILE A 38 -6.56 0.72 4.92
N CYS A 39 -6.35 0.93 3.63
CA CYS A 39 -5.45 1.99 3.15
C CYS A 39 -6.20 3.27 2.82
N ASN A 40 -7.48 3.18 2.49
CA ASN A 40 -8.27 4.35 2.12
C ASN A 40 -8.37 5.40 3.23
N PRO A 41 -8.54 5.04 4.51
CA PRO A 41 -8.62 6.02 5.59
C PRO A 41 -7.26 6.66 5.87
N CYS A 42 -6.19 6.21 5.21
CA CYS A 42 -4.86 6.76 5.38
C CYS A 42 -4.44 7.60 4.16
N GLY A 43 -5.19 7.50 3.05
CA GLY A 43 -4.92 8.28 1.85
C GLY A 43 -5.57 7.66 0.62
N PRO A 44 -5.65 8.42 -0.48
CA PRO A 44 -6.21 7.97 -1.74
C PRO A 44 -5.29 6.96 -2.41
N VAL A 45 -5.78 5.72 -2.51
CA VAL A 45 -5.06 4.64 -3.17
C VAL A 45 -5.36 4.68 -4.67
N GLN A 46 -4.41 4.21 -5.49
CA GLN A 46 -4.55 4.18 -6.94
C GLN A 46 -4.61 2.75 -7.44
N ARG A 47 -3.84 1.84 -6.82
CA ARG A 47 -3.87 0.42 -7.20
C ARG A 47 -3.23 -0.46 -6.13
N ILE A 48 -3.58 -1.76 -6.17
CA ILE A 48 -3.09 -2.76 -5.23
C ILE A 48 -2.91 -4.09 -5.94
N VAL A 49 -1.90 -4.86 -5.53
CA VAL A 49 -1.67 -6.22 -6.01
C VAL A 49 -1.28 -7.13 -4.85
N ILE A 50 -1.62 -8.42 -4.95
CA ILE A 50 -1.39 -9.39 -3.88
C ILE A 50 -0.61 -10.60 -4.39
N PHE A 51 0.15 -11.21 -3.48
CA PHE A 51 0.87 -12.44 -3.69
C PHE A 51 0.51 -13.38 -2.55
N ARG A 52 0.28 -14.67 -2.86
CA ARG A 52 -0.22 -15.61 -1.86
C ARG A 52 0.43 -17.00 -2.00
N LYS A 53 1.62 -17.05 -2.58
CA LYS A 53 2.36 -18.30 -2.75
C LYS A 53 3.70 -18.19 -2.00
N ASN A 54 4.13 -19.29 -1.38
CA ASN A 54 5.31 -19.33 -0.53
C ASN A 54 5.29 -18.25 0.56
N GLY A 55 4.10 -17.74 0.88
CA GLY A 55 3.91 -16.67 1.85
C GLY A 55 2.75 -15.77 1.43
N VAL A 56 2.56 -14.66 2.12
CA VAL A 56 1.52 -13.69 1.77
C VAL A 56 2.09 -12.28 1.84
N GLN A 57 1.96 -11.55 0.73
CA GLN A 57 2.48 -10.19 0.60
C GLN A 57 1.59 -9.39 -0.35
N ALA A 58 1.78 -8.07 -0.39
CA ALA A 58 1.03 -7.20 -1.28
C ALA A 58 1.80 -5.92 -1.55
N MET A 59 1.33 -5.11 -2.50
CA MET A 59 1.93 -3.82 -2.81
C MET A 59 0.82 -2.80 -3.05
N VAL A 60 1.11 -1.52 -2.76
CA VAL A 60 0.13 -0.46 -2.85
C VAL A 60 0.74 0.79 -3.48
N GLU A 61 -0.08 1.56 -4.18
CA GLU A 61 0.32 2.83 -4.80
C GLU A 61 -0.71 3.89 -4.46
N PHE A 62 -0.23 5.11 -4.15
CA PHE A 62 -1.08 6.23 -3.77
C PHE A 62 -0.96 7.37 -4.78
N ASP A 63 -1.86 8.34 -4.68
CA ASP A 63 -1.90 9.48 -5.58
C ASP A 63 -0.79 10.49 -5.24
N SER A 64 -0.20 10.36 -4.06
CA SER A 64 0.87 11.23 -3.60
C SER A 64 1.76 10.49 -2.61
N VAL A 65 3.03 10.89 -2.52
CA VAL A 65 3.95 10.29 -1.56
C VAL A 65 3.54 10.65 -0.14
N GLN A 66 2.87 11.78 0.05
CA GLN A 66 2.44 12.20 1.38
C GLN A 66 1.36 11.25 1.90
N SER A 67 0.65 10.59 0.97
CA SER A 67 -0.37 9.62 1.32
C SER A 67 0.25 8.27 1.64
N ALA A 68 1.42 7.98 1.05
CA ALA A 68 2.14 6.76 1.34
C ALA A 68 2.95 6.90 2.64
N GLN A 69 3.30 8.15 3.00
CA GLN A 69 3.99 8.41 4.26
C GLN A 69 3.03 8.19 5.43
N ARG A 70 1.76 8.56 5.25
CA ARG A 70 0.75 8.37 6.30
C ARG A 70 0.31 6.92 6.35
N ALA A 71 0.40 6.20 5.22
CA ALA A 71 -0.03 4.82 5.14
C ALA A 71 0.83 3.93 6.04
N LYS A 72 2.16 3.96 5.88
CA LYS A 72 3.02 3.12 6.71
C LYS A 72 3.16 3.67 8.12
N ALA A 73 2.78 4.94 8.35
CA ALA A 73 2.85 5.53 9.67
C ALA A 73 1.63 5.19 10.52
N SER A 74 0.57 4.64 9.91
CA SER A 74 -0.65 4.30 10.63
C SER A 74 -1.13 2.88 10.35
N LEU A 75 -0.40 2.09 9.56
CA LEU A 75 -0.82 0.73 9.22
C LEU A 75 0.30 -0.29 9.47
N ASN A 76 1.50 0.15 9.85
CA ASN A 76 2.58 -0.78 10.14
C ASN A 76 2.37 -1.38 11.53
N GLY A 77 2.48 -2.70 11.65
CA GLY A 77 2.24 -3.41 12.90
C GLY A 77 0.76 -3.49 13.24
N ALA A 78 -0.12 -3.02 12.33
CA ALA A 78 -1.55 -3.06 12.52
C ALA A 78 -2.11 -4.45 12.24
N ASP A 79 -3.42 -4.62 12.43
CA ASP A 79 -4.10 -5.87 12.16
C ASP A 79 -5.47 -5.56 11.53
N ILE A 80 -6.07 -6.55 10.87
CA ILE A 80 -7.32 -6.36 10.16
C ILE A 80 -8.46 -7.19 10.76
N TYR A 81 -8.14 -8.19 11.59
CA TYR A 81 -9.13 -9.09 12.16
C TYR A 81 -9.11 -9.07 13.69
N SER A 82 -8.72 -7.95 14.29
CA SER A 82 -8.59 -7.78 15.74
C SER A 82 -7.65 -8.81 16.36
N GLY A 83 -6.85 -9.48 15.53
CA GLY A 83 -5.88 -10.48 15.94
C GLY A 83 -5.37 -11.22 14.71
N CYS A 84 -4.12 -11.67 14.76
CA CYS A 84 -3.45 -12.32 13.64
C CYS A 84 -3.49 -11.48 12.37
N CYS A 85 -2.97 -12.02 11.26
CA CYS A 85 -2.85 -11.30 10.01
C CYS A 85 -2.18 -9.94 10.20
N THR A 86 -1.27 -9.85 11.18
CA THR A 86 -0.59 -8.60 11.50
C THR A 86 0.19 -8.12 10.28
N LEU A 87 0.14 -6.80 10.05
CA LEU A 87 0.76 -6.18 8.88
C LEU A 87 2.19 -5.71 9.17
N LYS A 88 2.97 -5.59 8.10
CA LYS A 88 4.30 -5.00 8.10
C LYS A 88 4.43 -4.18 6.83
N ILE A 89 5.01 -2.99 6.92
CA ILE A 89 5.12 -2.11 5.76
C ILE A 89 6.52 -1.53 5.63
N GLU A 90 6.99 -1.43 4.39
CA GLU A 90 8.23 -0.78 4.01
C GLU A 90 8.10 -0.26 2.58
N TYR A 91 9.03 0.58 2.13
CA TYR A 91 8.95 1.13 0.77
C TYR A 91 9.40 0.10 -0.26
N ALA A 92 8.75 0.11 -1.43
CA ALA A 92 9.09 -0.79 -2.52
C ALA A 92 10.25 -0.22 -3.35
N LYS A 93 10.87 -1.04 -4.19
CA LYS A 93 12.03 -0.64 -4.97
C LYS A 93 11.71 0.16 -6.25
N PRO A 94 10.55 0.00 -6.91
CA PRO A 94 10.21 0.80 -8.08
C PRO A 94 9.68 2.16 -7.64
N THR A 95 9.36 3.02 -8.61
CA THR A 95 8.78 4.34 -8.34
C THR A 95 7.28 4.36 -8.66
N ARG A 96 6.79 3.30 -9.30
CA ARG A 96 5.38 3.14 -9.64
C ARG A 96 5.02 1.66 -9.73
N LEU A 97 3.72 1.35 -9.79
CA LEU A 97 3.22 -0.01 -9.93
C LEU A 97 2.26 -0.10 -11.11
N ASN A 98 1.87 -1.31 -11.49
CA ASN A 98 0.97 -1.53 -12.62
C ASN A 98 -0.06 -2.60 -12.32
N VAL A 99 -1.11 -2.63 -13.15
CA VAL A 99 -2.24 -3.56 -13.04
C VAL A 99 -2.63 -4.00 -14.44
N PHE A 100 -3.26 -5.17 -14.55
CA PHE A 100 -3.61 -5.77 -15.83
C PHE A 100 -5.10 -6.08 -15.93
N LYS A 101 -5.76 -6.23 -14.78
CA LYS A 101 -7.16 -6.59 -14.67
C LYS A 101 -7.65 -6.27 -13.26
N ASN A 102 -8.96 -6.33 -13.05
CA ASN A 102 -9.56 -6.04 -11.75
C ASN A 102 -10.23 -7.28 -11.19
N ASP A 103 -9.63 -7.84 -10.13
CA ASP A 103 -10.12 -8.98 -9.39
C ASP A 103 -9.56 -8.96 -7.97
N GLN A 104 -9.75 -10.05 -7.21
CA GLN A 104 -9.38 -10.09 -5.80
C GLN A 104 -7.87 -10.16 -5.56
N ASP A 105 -7.04 -10.23 -6.61
CA ASP A 105 -5.59 -10.32 -6.46
C ASP A 105 -4.87 -9.14 -7.11
N THR A 106 -5.55 -8.38 -7.97
CA THR A 106 -5.00 -7.18 -8.59
C THR A 106 -6.14 -6.25 -8.98
N TRP A 107 -6.01 -4.95 -8.68
CA TRP A 107 -7.05 -3.98 -8.97
C TRP A 107 -6.49 -2.57 -9.06
N ASP A 108 -7.04 -1.74 -9.94
CA ASP A 108 -6.71 -0.33 -9.98
C ASP A 108 -7.96 0.54 -9.97
N TYR A 109 -7.89 1.65 -9.24
CA TYR A 109 -9.03 2.54 -9.02
C TYR A 109 -8.86 3.87 -9.78
N THR A 110 -7.68 4.10 -10.35
CA THR A 110 -7.40 5.28 -11.17
C THR A 110 -7.72 4.98 -12.63
N ASN A 111 -8.20 3.76 -12.90
CA ASN A 111 -8.54 3.28 -14.23
C ASN A 111 -9.89 3.84 -14.67
N PRO A 112 -9.95 4.54 -15.81
CA PRO A 112 -11.16 5.19 -16.29
C PRO A 112 -12.18 4.20 -16.83
N ASN A 113 -11.76 2.95 -17.09
CA ASN A 113 -12.64 1.91 -17.60
C ASN A 113 -12.94 0.87 -16.52
N LEU A 114 -12.24 0.96 -15.38
CA LEU A 114 -12.38 0.04 -14.26
C LEU A 114 -12.32 -1.42 -14.71
N SER A 115 -11.63 -1.69 -15.83
CA SER A 115 -11.56 -3.02 -16.42
C SER A 115 -10.14 -3.31 -16.92
N GLY A 116 -9.84 -4.59 -17.16
CA GLY A 116 -8.53 -5.02 -17.62
C GLY A 116 -8.28 -4.68 -19.09
N GLN A 117 -7.07 -4.97 -19.58
CA GLN A 117 -6.68 -4.71 -20.95
C GLN A 117 -7.05 -5.86 -21.88
N GLY A 118 -7.68 -6.92 -21.34
CA GLY A 118 -8.07 -8.09 -22.11
C GLY A 118 -8.83 -9.08 -21.24
N GLN A 1 -2.69 14.67 23.99
CA GLN A 1 -1.57 14.09 24.74
C GLN A 1 -0.26 14.79 24.39
N LYS A 2 0.20 14.65 23.13
CA LYS A 2 1.43 15.27 22.67
C LYS A 2 1.30 15.62 21.19
N ILE A 3 2.21 16.46 20.68
CA ILE A 3 2.20 16.89 19.28
C ILE A 3 2.36 15.68 18.35
N SER A 4 1.85 15.80 17.12
CA SER A 4 1.84 14.71 16.16
C SER A 4 3.23 14.41 15.58
N ARG A 5 4.23 15.24 15.92
CA ARG A 5 5.62 15.03 15.51
C ARG A 5 6.54 15.48 16.64
N PRO A 6 6.82 14.61 17.61
CA PRO A 6 7.71 14.89 18.72
C PRO A 6 9.17 14.82 18.29
N GLY A 7 9.44 14.27 17.11
CA GLY A 7 10.79 14.19 16.55
C GLY A 7 11.18 15.50 15.88
N ASP A 8 12.41 15.57 15.36
CA ASP A 8 12.92 16.75 14.69
C ASP A 8 13.89 16.35 13.57
N SER A 9 14.05 17.23 12.59
CA SER A 9 14.88 17.04 11.40
C SER A 9 14.57 15.76 10.63
N ASP A 10 15.33 15.53 9.55
CA ASP A 10 15.24 14.38 8.65
C ASP A 10 13.91 14.28 7.89
N ASP A 11 12.82 14.88 8.41
CA ASP A 11 11.51 14.90 7.76
C ASP A 11 11.04 13.52 7.30
N SER A 12 11.51 12.46 7.97
CA SER A 12 11.22 11.06 7.63
C SER A 12 11.59 10.70 6.20
N ARG A 13 12.34 11.57 5.51
CA ARG A 13 12.79 11.40 4.13
C ARG A 13 11.65 11.13 3.15
N SER A 14 12.01 10.92 1.89
CA SER A 14 11.07 10.61 0.81
C SER A 14 11.77 9.78 -0.25
N VAL A 15 11.05 8.90 -0.94
CA VAL A 15 11.65 8.06 -1.98
C VAL A 15 10.65 7.69 -3.07
N ASN A 16 9.43 7.28 -2.70
CA ASN A 16 8.39 6.93 -3.66
C ASN A 16 7.01 6.86 -2.99
N SER A 17 5.97 6.77 -3.82
CA SER A 17 4.59 6.64 -3.37
C SER A 17 4.14 5.18 -3.38
N VAL A 18 5.10 4.25 -3.46
CA VAL A 18 4.85 2.83 -3.56
C VAL A 18 5.27 2.10 -2.29
N LEU A 19 4.45 1.15 -1.85
CA LEU A 19 4.69 0.40 -0.63
C LEU A 19 4.65 -1.10 -0.86
N LEU A 20 5.26 -1.83 0.06
CA LEU A 20 5.29 -3.29 0.09
C LEU A 20 4.74 -3.74 1.43
N PHE A 21 3.80 -4.69 1.41
CA PHE A 21 3.13 -5.19 2.60
C PHE A 21 3.48 -6.66 2.78
N THR A 22 3.61 -7.08 4.05
CA THR A 22 3.85 -8.47 4.43
C THR A 22 3.01 -8.79 5.65
N ILE A 23 2.50 -10.03 5.72
CA ILE A 23 1.67 -10.45 6.84
C ILE A 23 2.48 -11.41 7.72
N LEU A 24 2.39 -11.24 9.04
CA LEU A 24 3.21 -12.00 9.97
C LEU A 24 2.51 -13.27 10.47
N ASN A 25 1.19 -13.21 10.65
CA ASN A 25 0.41 -14.33 11.16
C ASN A 25 -0.79 -14.58 10.26
N PRO A 26 -0.57 -14.96 8.98
CA PRO A 26 -1.64 -15.14 8.02
C PRO A 26 -2.47 -16.37 8.36
N ILE A 27 -3.65 -16.14 8.95
CA ILE A 27 -4.60 -17.21 9.26
C ILE A 27 -5.98 -16.90 8.67
N TYR A 28 -6.10 -15.78 7.94
CA TYR A 28 -7.33 -15.38 7.28
C TYR A 28 -7.01 -14.91 5.86
N SER A 29 -8.03 -14.75 5.02
CA SER A 29 -7.84 -14.37 3.63
C SER A 29 -7.57 -12.87 3.51
N ILE A 30 -6.83 -12.49 2.47
CA ILE A 30 -6.52 -11.11 2.15
C ILE A 30 -6.68 -10.91 0.65
N THR A 31 -7.29 -9.80 0.25
CA THR A 31 -7.52 -9.47 -1.16
C THR A 31 -7.36 -7.97 -1.39
N THR A 32 -7.49 -7.54 -2.65
CA THR A 32 -7.39 -6.14 -3.01
C THR A 32 -8.49 -5.32 -2.35
N ASP A 33 -9.60 -5.95 -1.98
CA ASP A 33 -10.72 -5.26 -1.34
C ASP A 33 -10.47 -5.07 0.16
N VAL A 34 -9.63 -5.91 0.76
CA VAL A 34 -9.33 -5.82 2.18
C VAL A 34 -8.22 -4.79 2.40
N LEU A 35 -7.24 -4.74 1.50
CA LEU A 35 -6.16 -3.79 1.63
C LEU A 35 -6.59 -2.40 1.18
N TYR A 36 -7.64 -2.29 0.36
CA TYR A 36 -8.13 -0.99 -0.06
C TYR A 36 -8.95 -0.34 1.06
N THR A 37 -9.69 -1.13 1.84
CA THR A 37 -10.54 -0.55 2.88
C THR A 37 -9.73 -0.11 4.09
N ILE A 38 -8.53 -0.66 4.29
CA ILE A 38 -7.68 -0.20 5.38
C ILE A 38 -6.75 0.94 4.93
N CYS A 39 -6.48 1.06 3.63
CA CYS A 39 -5.58 2.10 3.13
C CYS A 39 -6.35 3.33 2.67
N ASN A 40 -7.63 3.20 2.33
CA ASN A 40 -8.45 4.33 1.90
C ASN A 40 -8.55 5.45 2.94
N PRO A 41 -8.79 5.14 4.23
CA PRO A 41 -8.86 6.17 5.27
C PRO A 41 -7.46 6.74 5.58
N CYS A 42 -6.40 6.12 5.08
CA CYS A 42 -5.04 6.61 5.31
C CYS A 42 -4.59 7.53 4.18
N GLY A 43 -5.23 7.42 3.01
CA GLY A 43 -4.92 8.27 1.87
C GLY A 43 -5.55 7.73 0.58
N PRO A 44 -5.57 8.53 -0.48
CA PRO A 44 -6.10 8.15 -1.78
C PRO A 44 -5.23 7.07 -2.43
N VAL A 45 -5.72 5.83 -2.42
CA VAL A 45 -5.05 4.71 -3.08
C VAL A 45 -5.33 4.78 -4.58
N GLN A 46 -4.41 4.24 -5.39
CA GLN A 46 -4.56 4.23 -6.83
C GLN A 46 -4.67 2.80 -7.34
N ARG A 47 -3.88 1.86 -6.80
CA ARG A 47 -3.97 0.45 -7.21
C ARG A 47 -3.29 -0.49 -6.21
N ILE A 48 -3.67 -1.77 -6.24
CA ILE A 48 -3.16 -2.80 -5.34
C ILE A 48 -2.98 -4.13 -6.09
N VAL A 49 -2.03 -4.95 -5.64
CA VAL A 49 -1.81 -6.30 -6.15
C VAL A 49 -1.44 -7.22 -4.98
N ILE A 50 -1.83 -8.49 -5.08
CA ILE A 50 -1.65 -9.47 -4.01
C ILE A 50 -0.70 -10.58 -4.46
N PHE A 51 0.04 -11.14 -3.51
CA PHE A 51 0.92 -12.27 -3.76
C PHE A 51 0.82 -13.26 -2.61
N ARG A 52 0.66 -14.55 -2.93
CA ARG A 52 0.60 -15.59 -1.91
C ARG A 52 1.14 -16.93 -2.39
N LYS A 53 2.00 -16.90 -3.43
CA LYS A 53 2.66 -18.10 -3.92
C LYS A 53 3.67 -18.64 -2.90
N ASN A 54 4.09 -17.76 -1.99
CA ASN A 54 4.94 -18.10 -0.86
C ASN A 54 4.68 -17.05 0.24
N GLY A 55 4.24 -17.49 1.43
CA GLY A 55 3.84 -16.55 2.46
C GLY A 55 2.65 -15.73 1.98
N VAL A 56 2.47 -14.52 2.52
CA VAL A 56 1.43 -13.61 2.05
C VAL A 56 1.98 -12.19 2.03
N GLN A 57 1.85 -11.51 0.89
CA GLN A 57 2.35 -10.16 0.68
C GLN A 57 1.45 -9.41 -0.30
N ALA A 58 1.64 -8.09 -0.41
CA ALA A 58 0.90 -7.26 -1.33
C ALA A 58 1.68 -5.97 -1.61
N MET A 59 1.27 -5.22 -2.64
CA MET A 59 1.88 -3.93 -2.96
C MET A 59 0.80 -2.90 -3.23
N VAL A 60 1.04 -1.66 -2.80
CA VAL A 60 0.06 -0.58 -2.88
C VAL A 60 0.70 0.67 -3.47
N GLU A 61 -0.11 1.49 -4.14
CA GLU A 61 0.33 2.75 -4.73
C GLU A 61 -0.69 3.84 -4.42
N PHE A 62 -0.21 5.05 -4.12
CA PHE A 62 -1.05 6.18 -3.77
C PHE A 62 -0.88 7.32 -4.77
N ASP A 63 -1.76 8.31 -4.69
CA ASP A 63 -1.75 9.46 -5.60
C ASP A 63 -0.59 10.40 -5.30
N SER A 64 0.00 10.30 -4.10
CA SER A 64 1.14 11.11 -3.72
C SER A 64 2.00 10.37 -2.68
N VAL A 65 3.26 10.78 -2.55
CA VAL A 65 4.15 10.19 -1.55
C VAL A 65 3.67 10.57 -0.15
N GLN A 66 3.02 11.72 0.01
CA GLN A 66 2.53 12.15 1.30
C GLN A 66 1.45 11.18 1.79
N SER A 67 0.72 10.58 0.86
CA SER A 67 -0.33 9.61 1.19
C SER A 67 0.29 8.27 1.53
N ALA A 68 1.45 7.95 0.96
CA ALA A 68 2.14 6.70 1.27
C ALA A 68 2.92 6.82 2.58
N GLN A 69 3.31 8.04 2.95
CA GLN A 69 3.99 8.29 4.22
C GLN A 69 3.02 8.11 5.37
N ARG A 70 1.75 8.50 5.19
CA ARG A 70 0.74 8.35 6.22
C ARG A 70 0.22 6.92 6.27
N ALA A 71 0.31 6.19 5.14
CA ALA A 71 -0.16 4.83 5.08
C ALA A 71 0.66 3.90 5.97
N LYS A 72 2.00 3.91 5.83
CA LYS A 72 2.80 3.02 6.66
C LYS A 72 2.96 3.58 8.08
N ALA A 73 2.65 4.86 8.29
CA ALA A 73 2.72 5.45 9.62
C ALA A 73 1.47 5.11 10.45
N SER A 74 0.40 4.61 9.81
CA SER A 74 -0.83 4.26 10.50
C SER A 74 -1.27 2.82 10.27
N LEU A 75 -0.50 2.02 9.50
CA LEU A 75 -0.86 0.64 9.21
C LEU A 75 0.28 -0.34 9.48
N ASN A 76 1.47 0.14 9.84
CA ASN A 76 2.57 -0.76 10.14
C ASN A 76 2.37 -1.34 11.55
N GLY A 77 2.51 -2.66 11.69
CA GLY A 77 2.29 -3.34 12.95
C GLY A 77 0.81 -3.43 13.31
N ALA A 78 -0.07 -3.00 12.40
CA ALA A 78 -1.51 -3.04 12.61
C ALA A 78 -2.06 -4.44 12.37
N ASP A 79 -3.37 -4.61 12.53
CA ASP A 79 -4.06 -5.87 12.27
C ASP A 79 -5.41 -5.57 11.60
N ILE A 80 -6.00 -6.59 10.98
CA ILE A 80 -7.24 -6.43 10.24
C ILE A 80 -8.41 -7.22 10.87
N TYR A 81 -8.10 -8.20 11.71
CA TYR A 81 -9.12 -9.07 12.31
C TYR A 81 -9.11 -9.00 13.84
N SER A 82 -8.73 -7.84 14.39
CA SER A 82 -8.62 -7.63 15.83
C SER A 82 -7.65 -8.62 16.49
N GLY A 83 -6.82 -9.28 15.67
CA GLY A 83 -5.85 -10.26 16.12
C GLY A 83 -5.35 -11.05 14.92
N CYS A 84 -4.10 -11.52 14.97
CA CYS A 84 -3.43 -12.20 13.88
C CYS A 84 -3.45 -11.37 12.59
N CYS A 85 -2.93 -11.95 11.50
CA CYS A 85 -2.80 -11.25 10.23
C CYS A 85 -2.12 -9.89 10.39
N THR A 86 -1.21 -9.79 11.37
CA THR A 86 -0.51 -8.55 11.67
C THR A 86 0.26 -8.08 10.44
N LEU A 87 0.22 -6.77 10.19
CA LEU A 87 0.84 -6.17 9.02
C LEU A 87 2.26 -5.70 9.29
N LYS A 88 3.06 -5.62 8.23
CA LYS A 88 4.42 -5.10 8.24
C LYS A 88 4.62 -4.35 6.93
N ILE A 89 4.99 -3.07 6.99
CA ILE A 89 5.07 -2.24 5.80
C ILE A 89 6.46 -1.62 5.63
N GLU A 90 6.86 -1.46 4.37
CA GLU A 90 8.10 -0.81 3.98
C GLU A 90 7.97 -0.30 2.55
N TYR A 91 8.91 0.51 2.08
CA TYR A 91 8.86 1.02 0.72
C TYR A 91 9.33 -0.04 -0.27
N ALA A 92 8.73 -0.05 -1.46
CA ALA A 92 9.11 -0.99 -2.51
C ALA A 92 10.29 -0.43 -3.30
N LYS A 93 10.93 -1.27 -4.13
CA LYS A 93 12.09 -0.86 -4.89
C LYS A 93 11.79 -0.05 -6.17
N PRO A 94 10.64 -0.22 -6.86
CA PRO A 94 10.33 0.60 -8.01
C PRO A 94 9.72 1.93 -7.56
N THR A 95 9.57 2.88 -8.48
CA THR A 95 8.95 4.17 -8.18
C THR A 95 7.49 4.19 -8.63
N ARG A 96 7.04 3.13 -9.31
CA ARG A 96 5.66 3.01 -9.79
C ARG A 96 5.28 1.54 -9.91
N LEU A 97 3.97 1.27 -9.88
CA LEU A 97 3.40 -0.05 -10.08
C LEU A 97 2.42 0.00 -11.25
N ASN A 98 1.87 -1.15 -11.65
CA ASN A 98 0.94 -1.24 -12.75
C ASN A 98 -0.15 -2.29 -12.47
N VAL A 99 -1.23 -2.25 -13.26
CA VAL A 99 -2.33 -3.20 -13.20
C VAL A 99 -2.74 -3.59 -14.61
N PHE A 100 -3.40 -4.75 -14.77
CA PHE A 100 -3.74 -5.28 -16.08
C PHE A 100 -5.24 -5.56 -16.18
N LYS A 101 -5.86 -5.92 -15.06
CA LYS A 101 -7.30 -6.17 -14.96
C LYS A 101 -7.73 -6.04 -13.50
N ASN A 102 -9.05 -5.99 -13.25
CA ASN A 102 -9.56 -5.85 -11.89
C ASN A 102 -10.19 -7.15 -11.41
N ASP A 103 -9.63 -7.70 -10.34
CA ASP A 103 -10.10 -8.91 -9.67
C ASP A 103 -9.55 -8.93 -8.23
N GLN A 104 -9.75 -10.05 -7.53
CA GLN A 104 -9.35 -10.15 -6.12
C GLN A 104 -7.83 -10.30 -5.94
N ASP A 105 -7.06 -10.39 -7.03
CA ASP A 105 -5.62 -10.54 -6.97
C ASP A 105 -4.89 -9.26 -7.38
N THR A 106 -5.56 -8.40 -8.16
CA THR A 106 -5.04 -7.11 -8.55
C THR A 106 -6.19 -6.19 -8.96
N TRP A 107 -6.12 -4.91 -8.59
CA TRP A 107 -7.19 -3.97 -8.87
C TRP A 107 -6.65 -2.55 -9.03
N ASP A 108 -7.35 -1.74 -9.83
CA ASP A 108 -6.99 -0.36 -10.06
C ASP A 108 -8.20 0.54 -9.82
N TYR A 109 -7.98 1.66 -9.13
CA TYR A 109 -9.04 2.55 -8.71
C TYR A 109 -8.94 3.93 -9.37
N THR A 110 -8.01 4.09 -10.32
CA THR A 110 -7.82 5.36 -11.03
C THR A 110 -7.92 5.15 -12.55
N ASN A 111 -7.95 3.89 -13.00
CA ASN A 111 -8.11 3.54 -14.39
C ASN A 111 -9.50 3.93 -14.86
N PRO A 112 -9.63 4.74 -15.92
CA PRO A 112 -10.91 5.20 -16.47
C PRO A 112 -11.82 4.04 -16.88
N ASN A 113 -11.27 2.85 -17.09
CA ASN A 113 -12.05 1.67 -17.47
C ASN A 113 -12.64 0.98 -16.24
N LEU A 114 -12.03 1.19 -15.08
CA LEU A 114 -12.42 0.57 -13.81
C LEU A 114 -12.58 -0.95 -13.93
N SER A 115 -11.93 -1.58 -14.93
CA SER A 115 -12.04 -3.02 -15.14
C SER A 115 -10.75 -3.63 -15.66
N GLY A 116 -9.87 -2.83 -16.29
CA GLY A 116 -8.61 -3.32 -16.80
C GLY A 116 -8.08 -2.48 -17.96
N GLN A 117 -6.89 -2.83 -18.45
CA GLN A 117 -6.28 -2.15 -19.58
C GLN A 117 -5.35 -3.08 -20.37
N GLY A 118 -5.31 -4.36 -20.02
CA GLY A 118 -4.46 -5.35 -20.69
C GLY A 118 -4.98 -5.66 -22.09
N GLN A 1 22.98 16.37 -1.30
CA GLN A 1 22.79 15.98 0.10
C GLN A 1 22.16 17.12 0.90
N LYS A 2 21.29 16.78 1.85
CA LYS A 2 20.61 17.77 2.69
C LYS A 2 20.41 17.18 4.09
N ILE A 3 20.20 18.05 5.09
CA ILE A 3 19.98 17.62 6.46
C ILE A 3 18.61 16.93 6.58
N SER A 4 18.48 16.03 7.55
CA SER A 4 17.25 15.27 7.77
C SER A 4 16.15 16.10 8.43
N ARG A 5 16.45 17.36 8.74
CA ARG A 5 15.50 18.30 9.36
C ARG A 5 15.59 19.66 8.68
N PRO A 6 15.22 19.74 7.39
CA PRO A 6 15.36 20.94 6.58
C PRO A 6 14.34 22.00 6.98
N GLY A 7 13.28 21.62 7.70
CA GLY A 7 12.26 22.52 8.19
C GLY A 7 11.31 23.00 7.09
N ASP A 8 11.71 22.88 5.83
CA ASP A 8 10.86 23.26 4.69
C ASP A 8 11.29 22.49 3.44
N SER A 9 10.37 22.41 2.47
CA SER A 9 10.56 21.68 1.21
C SER A 9 10.84 20.19 1.39
N ASP A 10 10.76 19.44 0.28
CA ASP A 10 11.01 18.01 0.18
C ASP A 10 10.29 17.17 1.25
N ASP A 11 9.29 17.74 1.93
CA ASP A 11 8.54 17.10 3.00
C ASP A 11 9.46 16.49 4.07
N SER A 12 10.67 17.04 4.21
CA SER A 12 11.74 16.56 5.09
C SER A 12 12.22 15.13 4.77
N ARG A 13 11.43 14.34 4.04
CA ARG A 13 11.84 13.03 3.56
C ARG A 13 10.92 12.56 2.45
N SER A 14 11.47 11.84 1.46
CA SER A 14 10.69 11.27 0.37
C SER A 14 11.45 10.12 -0.29
N VAL A 15 10.72 9.18 -0.89
CA VAL A 15 11.31 8.06 -1.62
C VAL A 15 10.45 7.76 -2.84
N ASN A 16 9.24 7.27 -2.60
CA ASN A 16 8.26 6.96 -3.64
C ASN A 16 6.87 6.82 -3.03
N SER A 17 5.83 6.83 -3.88
CA SER A 17 4.45 6.66 -3.44
C SER A 17 4.05 5.18 -3.43
N VAL A 18 5.03 4.29 -3.64
CA VAL A 18 4.79 2.85 -3.72
C VAL A 18 5.27 2.14 -2.45
N LEU A 19 4.48 1.18 -1.97
CA LEU A 19 4.75 0.45 -0.75
C LEU A 19 4.68 -1.06 -0.97
N LEU A 20 5.30 -1.79 -0.04
CA LEU A 20 5.30 -3.24 0.01
C LEU A 20 4.67 -3.67 1.32
N PHE A 21 3.76 -4.64 1.28
CA PHE A 21 3.03 -5.14 2.44
C PHE A 21 3.32 -6.62 2.63
N THR A 22 3.34 -7.06 3.89
CA THR A 22 3.52 -8.46 4.25
C THR A 22 2.63 -8.79 5.44
N ILE A 23 2.11 -10.02 5.48
CA ILE A 23 1.26 -10.47 6.57
C ILE A 23 2.04 -11.51 7.39
N LEU A 24 1.98 -11.40 8.72
CA LEU A 24 2.77 -12.25 9.60
C LEU A 24 2.00 -13.49 10.08
N ASN A 25 0.68 -13.39 10.18
CA ASN A 25 -0.18 -14.47 10.64
C ASN A 25 -1.42 -14.58 9.74
N PRO A 26 -1.24 -14.99 8.48
CA PRO A 26 -2.29 -15.06 7.48
C PRO A 26 -3.24 -16.23 7.70
N ILE A 27 -3.88 -16.31 8.88
CA ILE A 27 -4.81 -17.37 9.19
C ILE A 27 -6.22 -17.06 8.65
N TYR A 28 -6.39 -15.88 8.06
CA TYR A 28 -7.64 -15.46 7.43
C TYR A 28 -7.36 -14.94 6.03
N SER A 29 -8.40 -14.77 5.22
CA SER A 29 -8.25 -14.36 3.83
C SER A 29 -7.90 -12.89 3.72
N ILE A 30 -7.14 -12.54 2.68
CA ILE A 30 -6.76 -11.18 2.35
C ILE A 30 -6.87 -11.00 0.85
N THR A 31 -7.41 -9.86 0.41
CA THR A 31 -7.62 -9.56 -1.00
C THR A 31 -7.40 -8.07 -1.25
N THR A 32 -7.46 -7.66 -2.52
CA THR A 32 -7.30 -6.25 -2.88
C THR A 32 -8.43 -5.40 -2.28
N ASP A 33 -9.56 -6.03 -1.93
CA ASP A 33 -10.68 -5.32 -1.34
C ASP A 33 -10.49 -5.12 0.17
N VAL A 34 -9.71 -6.00 0.80
CA VAL A 34 -9.41 -5.89 2.23
C VAL A 34 -8.30 -4.87 2.45
N LEU A 35 -7.31 -4.85 1.56
CA LEU A 35 -6.20 -3.92 1.69
C LEU A 35 -6.61 -2.52 1.26
N TYR A 36 -7.65 -2.40 0.42
CA TYR A 36 -8.11 -1.09 -0.02
C TYR A 36 -8.91 -0.41 1.07
N THR A 37 -9.69 -1.17 1.86
CA THR A 37 -10.53 -0.57 2.88
C THR A 37 -9.70 -0.19 4.11
N ILE A 38 -8.50 -0.77 4.28
CA ILE A 38 -7.62 -0.37 5.37
C ILE A 38 -6.59 0.67 4.94
N CYS A 39 -6.40 0.88 3.63
CA CYS A 39 -5.45 1.89 3.14
C CYS A 39 -6.15 3.20 2.76
N ASN A 40 -7.44 3.15 2.43
CA ASN A 40 -8.18 4.33 2.02
C ASN A 40 -8.30 5.39 3.13
N PRO A 41 -8.51 5.02 4.41
CA PRO A 41 -8.64 6.00 5.47
C PRO A 41 -7.29 6.64 5.84
N CYS A 42 -6.20 6.23 5.16
CA CYS A 42 -4.87 6.79 5.40
C CYS A 42 -4.38 7.59 4.21
N GLY A 43 -5.13 7.59 3.10
CA GLY A 43 -4.77 8.35 1.92
C GLY A 43 -5.44 7.80 0.66
N PRO A 44 -5.46 8.59 -0.41
CA PRO A 44 -6.05 8.20 -1.69
C PRO A 44 -5.21 7.11 -2.36
N VAL A 45 -5.72 5.88 -2.34
CA VAL A 45 -5.06 4.74 -2.99
C VAL A 45 -5.32 4.80 -4.49
N GLN A 46 -4.40 4.28 -5.30
CA GLN A 46 -4.53 4.27 -6.75
C GLN A 46 -4.59 2.85 -7.30
N ARG A 47 -3.84 1.91 -6.70
CA ARG A 47 -3.86 0.52 -7.15
C ARG A 47 -3.25 -0.41 -6.11
N ILE A 48 -3.64 -1.69 -6.17
CA ILE A 48 -3.18 -2.72 -5.25
C ILE A 48 -3.04 -4.05 -5.99
N VAL A 49 -2.02 -4.84 -5.63
CA VAL A 49 -1.81 -6.18 -6.19
C VAL A 49 -1.39 -7.13 -5.08
N ILE A 50 -1.63 -8.44 -5.28
CA ILE A 50 -1.35 -9.47 -4.28
C ILE A 50 -0.29 -10.44 -4.78
N PHE A 51 0.44 -11.06 -3.85
CA PHE A 51 1.42 -12.09 -4.13
C PHE A 51 1.32 -13.20 -3.08
N ARG A 52 1.56 -14.45 -3.50
CA ARG A 52 1.44 -15.60 -2.61
C ARG A 52 2.50 -16.67 -2.90
N LYS A 53 3.59 -16.27 -3.58
CA LYS A 53 4.67 -17.19 -3.93
C LYS A 53 5.35 -17.70 -2.66
N ASN A 54 5.31 -16.91 -1.59
CA ASN A 54 5.80 -17.29 -0.29
C ASN A 54 5.03 -16.49 0.76
N GLY A 55 4.39 -17.18 1.71
CA GLY A 55 3.53 -16.52 2.68
C GLY A 55 2.43 -15.76 1.95
N VAL A 56 2.03 -14.60 2.50
CA VAL A 56 1.08 -13.71 1.85
C VAL A 56 1.65 -12.31 1.87
N GLN A 57 1.67 -11.66 0.70
CA GLN A 57 2.23 -10.32 0.54
C GLN A 57 1.38 -9.52 -0.46
N ALA A 58 1.60 -8.21 -0.49
CA ALA A 58 0.87 -7.33 -1.40
C ALA A 58 1.66 -6.05 -1.65
N MET A 59 1.20 -5.23 -2.59
CA MET A 59 1.80 -3.93 -2.86
C MET A 59 0.71 -2.89 -3.03
N VAL A 60 1.00 -1.64 -2.67
CA VAL A 60 0.02 -0.56 -2.68
C VAL A 60 0.67 0.69 -3.26
N GLU A 61 -0.14 1.54 -3.91
CA GLU A 61 0.32 2.79 -4.47
C GLU A 61 -0.72 3.88 -4.22
N PHE A 62 -0.24 5.09 -3.93
CA PHE A 62 -1.08 6.24 -3.62
C PHE A 62 -0.88 7.36 -4.63
N ASP A 63 -1.73 8.39 -4.57
CA ASP A 63 -1.68 9.51 -5.50
C ASP A 63 -0.55 10.48 -5.13
N SER A 64 0.02 10.34 -3.93
CA SER A 64 1.10 11.19 -3.47
C SER A 64 2.01 10.44 -2.50
N VAL A 65 3.27 10.85 -2.42
CA VAL A 65 4.22 10.25 -1.50
C VAL A 65 3.85 10.60 -0.06
N GLN A 66 3.16 11.72 0.15
CA GLN A 66 2.75 12.13 1.49
C GLN A 66 1.63 11.22 1.97
N SER A 67 0.90 10.59 1.04
CA SER A 67 -0.18 9.67 1.37
C SER A 67 0.41 8.29 1.69
N ALA A 68 1.58 7.97 1.10
CA ALA A 68 2.27 6.72 1.37
C ALA A 68 3.06 6.83 2.68
N GLN A 69 3.44 8.04 3.07
CA GLN A 69 4.12 8.28 4.34
C GLN A 69 3.13 8.08 5.48
N ARG A 70 1.87 8.49 5.29
CA ARG A 70 0.84 8.31 6.30
C ARG A 70 0.38 6.87 6.36
N ALA A 71 0.46 6.14 5.23
CA ALA A 71 -0.01 4.78 5.16
C ALA A 71 0.85 3.85 6.04
N LYS A 72 2.17 3.87 5.88
CA LYS A 72 3.01 3.00 6.69
C LYS A 72 3.20 3.54 8.10
N ALA A 73 2.82 4.79 8.34
CA ALA A 73 2.89 5.37 9.67
C ALA A 73 1.62 5.09 10.48
N SER A 74 0.57 4.57 9.83
CA SER A 74 -0.69 4.28 10.50
C SER A 74 -1.17 2.84 10.30
N LEU A 75 -0.43 2.03 9.53
CA LEU A 75 -0.85 0.67 9.22
C LEU A 75 0.24 -0.36 9.45
N ASN A 76 1.47 0.07 9.80
CA ASN A 76 2.55 -0.86 10.06
C ASN A 76 2.36 -1.44 11.46
N GLY A 77 2.47 -2.77 11.59
CA GLY A 77 2.26 -3.46 12.86
C GLY A 77 0.79 -3.51 13.25
N ALA A 78 -0.10 -3.07 12.35
CA ALA A 78 -1.54 -3.06 12.60
C ALA A 78 -2.14 -4.44 12.38
N ASP A 79 -3.44 -4.58 12.67
CA ASP A 79 -4.19 -5.81 12.49
C ASP A 79 -5.51 -5.47 11.80
N ILE A 80 -6.05 -6.41 10.99
CA ILE A 80 -7.28 -6.16 10.25
C ILE A 80 -8.47 -6.85 10.93
N TYR A 81 -8.22 -7.80 11.82
CA TYR A 81 -9.28 -8.54 12.50
C TYR A 81 -9.15 -8.44 14.02
N SER A 82 -8.51 -7.36 14.50
CA SER A 82 -8.23 -7.14 15.92
C SER A 82 -7.44 -8.29 16.54
N GLY A 83 -6.83 -9.12 15.70
CA GLY A 83 -6.01 -10.25 16.10
C GLY A 83 -5.58 -11.02 14.86
N CYS A 84 -4.33 -11.51 14.86
CA CYS A 84 -3.72 -12.17 13.71
C CYS A 84 -3.78 -11.30 12.46
N CYS A 85 -3.31 -11.84 11.32
CA CYS A 85 -3.19 -11.11 10.07
C CYS A 85 -2.46 -9.78 10.28
N THR A 86 -1.50 -9.77 11.21
CA THR A 86 -0.72 -8.58 11.53
C THR A 86 0.04 -8.11 10.29
N LEU A 87 0.10 -6.79 10.10
CA LEU A 87 0.69 -6.19 8.92
C LEU A 87 2.13 -5.76 9.15
N LYS A 88 2.88 -5.65 8.06
CA LYS A 88 4.22 -5.09 8.02
C LYS A 88 4.33 -4.27 6.74
N ILE A 89 4.94 -3.08 6.81
CA ILE A 89 5.04 -2.20 5.65
C ILE A 89 6.43 -1.60 5.51
N GLU A 90 6.88 -1.48 4.27
CA GLU A 90 8.14 -0.86 3.91
C GLU A 90 8.03 -0.32 2.48
N TYR A 91 8.97 0.52 2.04
CA TYR A 91 8.92 1.08 0.70
C TYR A 91 9.40 0.06 -0.33
N ALA A 92 8.76 0.02 -1.50
CA ALA A 92 9.13 -0.92 -2.55
C ALA A 92 10.25 -0.32 -3.41
N LYS A 93 10.87 -1.15 -4.25
CA LYS A 93 12.00 -0.71 -5.07
C LYS A 93 11.61 0.04 -6.36
N PRO A 94 10.44 -0.17 -6.98
CA PRO A 94 10.06 0.59 -8.17
C PRO A 94 9.47 1.94 -7.77
N THR A 95 9.32 2.84 -8.74
CA THR A 95 8.73 4.15 -8.50
C THR A 95 7.26 4.18 -8.95
N ARG A 96 6.80 3.08 -9.57
CA ARG A 96 5.43 2.95 -10.05
C ARG A 96 5.05 1.48 -10.11
N LEU A 97 3.76 1.20 -9.97
CA LEU A 97 3.20 -0.14 -10.15
C LEU A 97 2.30 -0.15 -11.39
N ASN A 98 1.85 -1.34 -11.79
CA ASN A 98 0.97 -1.50 -12.94
C ASN A 98 -0.11 -2.54 -12.62
N VAL A 99 -1.21 -2.51 -13.38
CA VAL A 99 -2.33 -3.43 -13.22
C VAL A 99 -2.77 -3.91 -14.61
N PHE A 100 -3.36 -5.09 -14.67
CA PHE A 100 -3.72 -5.73 -15.93
C PHE A 100 -5.22 -6.05 -16.00
N LYS A 101 -5.87 -6.15 -14.83
CA LYS A 101 -7.28 -6.51 -14.70
C LYS A 101 -7.76 -6.21 -13.28
N ASN A 102 -9.07 -6.34 -13.05
CA ASN A 102 -9.66 -6.13 -11.73
C ASN A 102 -10.27 -7.43 -11.19
N ASP A 103 -9.68 -7.96 -10.13
CA ASP A 103 -10.17 -9.12 -9.38
C ASP A 103 -9.59 -9.08 -7.96
N GLN A 104 -9.84 -10.13 -7.17
CA GLN A 104 -9.46 -10.16 -5.76
C GLN A 104 -7.94 -10.24 -5.53
N ASP A 105 -7.13 -10.36 -6.59
CA ASP A 105 -5.68 -10.48 -6.47
C ASP A 105 -4.96 -9.30 -7.15
N THR A 106 -5.67 -8.50 -7.93
CA THR A 106 -5.11 -7.30 -8.55
C THR A 106 -6.25 -6.36 -8.91
N TRP A 107 -6.12 -5.06 -8.61
CA TRP A 107 -7.18 -4.10 -8.89
C TRP A 107 -6.60 -2.70 -9.09
N ASP A 108 -7.29 -1.89 -9.91
CA ASP A 108 -6.90 -0.52 -10.16
C ASP A 108 -8.06 0.42 -9.81
N TYR A 109 -7.76 1.53 -9.15
CA TYR A 109 -8.76 2.47 -8.65
C TYR A 109 -8.60 3.86 -9.27
N THR A 110 -7.86 3.98 -10.37
CA THR A 110 -7.68 5.27 -11.03
C THR A 110 -7.82 5.17 -12.56
N ASN A 111 -7.88 3.96 -13.11
CA ASN A 111 -8.09 3.77 -14.53
C ASN A 111 -9.56 3.98 -14.89
N PRO A 112 -9.89 4.21 -16.17
CA PRO A 112 -11.25 4.43 -16.63
C PRO A 112 -12.17 3.23 -16.40
N ASN A 113 -11.63 2.09 -15.95
CA ASN A 113 -12.37 0.84 -15.80
C ASN A 113 -12.42 0.42 -14.33
N LEU A 114 -12.27 1.36 -13.39
CA LEU A 114 -12.24 1.08 -11.96
C LEU A 114 -13.57 0.53 -11.43
N SER A 115 -14.60 0.47 -12.28
CA SER A 115 -15.93 -0.02 -11.92
C SER A 115 -16.29 -1.25 -12.75
N GLY A 116 -15.30 -1.83 -13.45
CA GLY A 116 -15.47 -2.99 -14.31
C GLY A 116 -14.36 -4.01 -14.08
N GLN A 117 -14.22 -4.96 -15.01
CA GLN A 117 -13.25 -6.03 -14.92
C GLN A 117 -11.83 -5.57 -15.26
N GLY A 118 -11.64 -4.28 -15.55
CA GLY A 118 -10.33 -3.72 -15.88
C GLY A 118 -10.06 -3.81 -17.38
N GLN A 1 18.76 29.45 6.22
CA GLN A 1 17.53 28.62 6.17
C GLN A 1 17.87 27.21 5.70
N LYS A 2 16.94 26.28 5.88
CA LYS A 2 17.10 24.89 5.47
C LYS A 2 15.79 24.32 4.94
N ILE A 3 15.89 23.16 4.29
CA ILE A 3 14.79 22.46 3.65
C ILE A 3 14.98 20.96 3.86
N SER A 4 13.93 20.17 3.60
CA SER A 4 13.96 18.72 3.81
C SER A 4 14.75 17.99 2.71
N ARG A 5 15.26 18.73 1.74
CA ARG A 5 16.04 18.16 0.63
C ARG A 5 17.17 19.11 0.26
N PRO A 6 18.13 19.33 1.18
CA PRO A 6 19.21 20.29 1.01
C PRO A 6 20.28 19.78 0.06
N GLY A 7 20.29 18.48 -0.25
CA GLY A 7 21.28 17.88 -1.13
C GLY A 7 21.33 16.36 -0.96
N ASP A 8 22.48 15.78 -1.31
CA ASP A 8 22.70 14.34 -1.19
C ASP A 8 22.93 13.93 0.26
N SER A 9 23.07 12.62 0.50
CA SER A 9 23.25 12.04 1.82
C SER A 9 22.07 12.32 2.76
N ASP A 10 22.15 11.77 3.98
CA ASP A 10 21.09 11.86 4.99
C ASP A 10 19.74 11.33 4.50
N ASP A 11 19.75 10.59 3.39
CA ASP A 11 18.56 10.01 2.75
C ASP A 11 17.46 11.04 2.44
N SER A 12 17.79 12.33 2.52
CA SER A 12 16.87 13.43 2.28
C SER A 12 15.48 13.15 2.88
N ARG A 13 14.41 13.29 2.08
CA ARG A 13 13.04 13.05 2.52
C ARG A 13 12.28 12.32 1.42
N SER A 14 11.47 11.33 1.81
CA SER A 14 10.67 10.50 0.90
C SER A 14 11.51 9.76 -0.14
N VAL A 15 10.87 8.82 -0.86
CA VAL A 15 11.54 8.06 -1.90
C VAL A 15 10.57 7.66 -3.01
N ASN A 16 9.34 7.24 -2.67
CA ASN A 16 8.32 6.92 -3.66
C ASN A 16 6.94 6.85 -3.03
N SER A 17 5.90 6.91 -3.87
CA SER A 17 4.50 6.81 -3.43
C SER A 17 4.03 5.36 -3.42
N VAL A 18 4.98 4.41 -3.42
CA VAL A 18 4.68 2.99 -3.50
C VAL A 18 5.14 2.28 -2.23
N LEU A 19 4.34 1.35 -1.74
CA LEU A 19 4.62 0.60 -0.53
C LEU A 19 4.51 -0.89 -0.78
N LEU A 20 5.10 -1.68 0.12
CA LEU A 20 5.02 -3.12 0.12
C LEU A 20 4.61 -3.59 1.50
N PHE A 21 3.68 -4.54 1.55
CA PHE A 21 3.10 -5.05 2.77
C PHE A 21 3.43 -6.53 2.94
N THR A 22 3.55 -6.96 4.19
CA THR A 22 3.77 -8.36 4.54
C THR A 22 2.80 -8.72 5.67
N ILE A 23 2.25 -9.93 5.62
CA ILE A 23 1.29 -10.39 6.62
C ILE A 23 1.97 -11.42 7.51
N LEU A 24 1.73 -11.36 8.82
CA LEU A 24 2.41 -12.23 9.78
C LEU A 24 1.50 -13.31 10.35
N ASN A 25 0.18 -13.09 10.33
CA ASN A 25 -0.81 -14.02 10.87
C ASN A 25 -1.92 -14.25 9.85
N PRO A 26 -1.60 -14.83 8.68
CA PRO A 26 -2.49 -15.01 7.55
C PRO A 26 -3.51 -16.14 7.77
N ILE A 27 -4.06 -16.26 8.98
CA ILE A 27 -5.04 -17.30 9.29
C ILE A 27 -6.42 -16.97 8.71
N TYR A 28 -6.55 -15.80 8.08
CA TYR A 28 -7.76 -15.38 7.39
C TYR A 28 -7.41 -14.87 5.99
N SER A 29 -8.42 -14.74 5.13
CA SER A 29 -8.20 -14.35 3.74
C SER A 29 -7.87 -12.86 3.63
N ILE A 30 -7.06 -12.51 2.62
CA ILE A 30 -6.67 -11.15 2.31
C ILE A 30 -6.73 -10.96 0.80
N THR A 31 -7.28 -9.83 0.35
CA THR A 31 -7.44 -9.52 -1.06
C THR A 31 -7.23 -8.02 -1.29
N THR A 32 -7.28 -7.60 -2.56
CA THR A 32 -7.13 -6.20 -2.91
C THR A 32 -8.25 -5.35 -2.30
N ASP A 33 -9.39 -5.98 -1.96
CA ASP A 33 -10.52 -5.27 -1.39
C ASP A 33 -10.32 -5.08 0.12
N VAL A 34 -9.52 -5.94 0.75
CA VAL A 34 -9.26 -5.84 2.19
C VAL A 34 -8.14 -4.84 2.45
N LEU A 35 -7.13 -4.80 1.57
CA LEU A 35 -6.03 -3.87 1.74
C LEU A 35 -6.44 -2.47 1.31
N TYR A 36 -7.46 -2.34 0.46
CA TYR A 36 -7.93 -1.03 0.05
C TYR A 36 -8.74 -0.37 1.16
N THR A 37 -9.54 -1.15 1.91
CA THR A 37 -10.38 -0.57 2.94
C THR A 37 -9.59 -0.22 4.19
N ILE A 38 -8.39 -0.80 4.37
CA ILE A 38 -7.53 -0.43 5.49
C ILE A 38 -6.51 0.65 5.10
N CYS A 39 -6.29 0.88 3.80
CA CYS A 39 -5.38 1.94 3.34
C CYS A 39 -6.13 3.22 3.00
N ASN A 40 -7.42 3.13 2.64
CA ASN A 40 -8.21 4.28 2.26
C ASN A 40 -8.31 5.35 3.36
N PRO A 41 -8.50 4.99 4.64
CA PRO A 41 -8.59 5.97 5.72
C PRO A 41 -7.25 6.62 6.02
N CYS A 42 -6.18 6.21 5.34
CA CYS A 42 -4.85 6.78 5.54
C CYS A 42 -4.35 7.52 4.30
N GLY A 43 -5.11 7.46 3.20
CA GLY A 43 -4.76 8.16 1.97
C GLY A 43 -5.46 7.55 0.76
N PRO A 44 -5.59 8.32 -0.32
CA PRO A 44 -6.19 7.86 -1.56
C PRO A 44 -5.29 6.85 -2.26
N VAL A 45 -5.76 5.60 -2.36
CA VAL A 45 -5.06 4.53 -3.04
C VAL A 45 -5.38 4.58 -4.54
N GLN A 46 -4.43 4.17 -5.38
CA GLN A 46 -4.61 4.15 -6.82
C GLN A 46 -4.66 2.72 -7.35
N ARG A 47 -3.88 1.80 -6.75
CA ARG A 47 -3.89 0.40 -7.15
C ARG A 47 -3.22 -0.49 -6.10
N ILE A 48 -3.53 -1.79 -6.17
CA ILE A 48 -3.00 -2.81 -5.26
C ILE A 48 -2.76 -4.10 -6.03
N VAL A 49 -1.75 -4.87 -5.62
CA VAL A 49 -1.48 -6.19 -6.18
C VAL A 49 -1.03 -7.12 -5.05
N ILE A 50 -1.41 -8.39 -5.13
CA ILE A 50 -1.18 -9.38 -4.09
C ILE A 50 -0.18 -10.43 -4.57
N PHE A 51 0.56 -11.02 -3.63
CA PHE A 51 1.47 -12.12 -3.90
C PHE A 51 1.25 -13.19 -2.84
N ARG A 52 0.68 -14.32 -3.25
CA ARG A 52 0.33 -15.41 -2.35
C ARG A 52 0.63 -16.78 -2.96
N LYS A 53 1.44 -16.81 -4.01
CA LYS A 53 1.88 -18.07 -4.62
C LYS A 53 2.96 -18.72 -3.73
N ASN A 54 3.69 -17.88 -3.00
CA ASN A 54 4.66 -18.29 -2.00
C ASN A 54 4.71 -17.19 -0.95
N GLY A 55 4.74 -17.55 0.33
CA GLY A 55 4.65 -16.57 1.41
C GLY A 55 3.34 -15.80 1.29
N VAL A 56 3.28 -14.60 1.87
CA VAL A 56 2.12 -13.73 1.75
C VAL A 56 2.52 -12.27 1.84
N GLN A 57 2.35 -11.54 0.73
CA GLN A 57 2.71 -10.13 0.65
C GLN A 57 1.78 -9.40 -0.33
N ALA A 58 1.90 -8.07 -0.38
CA ALA A 58 1.14 -7.24 -1.29
C ALA A 58 1.90 -5.92 -1.54
N MET A 59 1.46 -5.15 -2.54
CA MET A 59 2.03 -3.84 -2.82
C MET A 59 0.91 -2.85 -3.10
N VAL A 60 1.15 -1.56 -2.80
CA VAL A 60 0.15 -0.51 -2.92
C VAL A 60 0.77 0.75 -3.50
N GLU A 61 -0.03 1.55 -4.22
CA GLU A 61 0.40 2.84 -4.75
C GLU A 61 -0.66 3.89 -4.46
N PHE A 62 -0.21 5.09 -4.08
CA PHE A 62 -1.09 6.20 -3.71
C PHE A 62 -0.98 7.35 -4.71
N ASP A 63 -1.92 8.30 -4.62
CA ASP A 63 -1.97 9.43 -5.53
C ASP A 63 -0.89 10.46 -5.20
N SER A 64 -0.28 10.35 -4.02
CA SER A 64 0.80 11.23 -3.60
C SER A 64 1.72 10.50 -2.63
N VAL A 65 3.00 10.90 -2.60
CA VAL A 65 3.96 10.31 -1.70
C VAL A 65 3.64 10.71 -0.26
N GLN A 66 2.94 11.82 -0.06
CA GLN A 66 2.54 12.25 1.28
C GLN A 66 1.47 11.31 1.82
N SER A 67 0.72 10.67 0.93
CA SER A 67 -0.31 9.71 1.30
C SER A 67 0.31 8.35 1.61
N ALA A 68 1.48 8.05 1.02
CA ALA A 68 2.19 6.82 1.31
C ALA A 68 2.99 6.96 2.61
N GLN A 69 3.37 8.20 2.97
CA GLN A 69 4.05 8.47 4.23
C GLN A 69 3.09 8.27 5.39
N ARG A 70 1.82 8.64 5.20
CA ARG A 70 0.80 8.49 6.23
C ARG A 70 0.33 7.04 6.32
N ALA A 71 0.39 6.31 5.20
CA ALA A 71 -0.09 4.94 5.17
C ALA A 71 0.77 4.05 6.05
N LYS A 72 2.10 4.06 5.88
CA LYS A 72 2.95 3.21 6.70
C LYS A 72 3.15 3.77 8.11
N ALA A 73 2.80 5.04 8.33
CA ALA A 73 2.90 5.64 9.65
C ALA A 73 1.68 5.32 10.52
N SER A 74 0.62 4.79 9.91
CA SER A 74 -0.61 4.46 10.64
C SER A 74 -1.09 3.03 10.40
N LEU A 75 -0.36 2.22 9.62
CA LEU A 75 -0.76 0.86 9.31
C LEU A 75 0.36 -0.16 9.56
N ASN A 76 1.56 0.30 9.93
CA ASN A 76 2.65 -0.61 10.21
C ASN A 76 2.46 -1.21 11.61
N GLY A 77 2.57 -2.53 11.72
CA GLY A 77 2.37 -3.22 12.99
C GLY A 77 0.88 -3.33 13.34
N ALA A 78 0.00 -2.88 12.45
CA ALA A 78 -1.44 -2.94 12.65
C ALA A 78 -1.96 -4.36 12.41
N ASP A 79 -3.27 -4.56 12.58
CA ASP A 79 -3.93 -5.82 12.33
C ASP A 79 -5.30 -5.57 11.71
N ILE A 80 -5.89 -6.58 11.09
CA ILE A 80 -7.16 -6.43 10.41
C ILE A 80 -8.27 -7.25 11.08
N TYR A 81 -7.90 -8.26 11.88
CA TYR A 81 -8.87 -9.14 12.51
C TYR A 81 -8.50 -9.44 13.96
N SER A 82 -8.70 -8.45 14.85
CA SER A 82 -8.50 -8.60 16.28
C SER A 82 -7.16 -9.23 16.65
N GLY A 83 -6.07 -8.74 16.06
CA GLY A 83 -4.72 -9.23 16.32
C GLY A 83 -4.26 -10.27 15.31
N CYS A 84 -5.13 -10.60 14.34
CA CYS A 84 -4.79 -11.53 13.27
C CYS A 84 -4.58 -10.76 11.97
N CYS A 85 -3.95 -11.39 10.99
CA CYS A 85 -3.52 -10.74 9.76
C CYS A 85 -2.71 -9.49 10.06
N THR A 86 -1.83 -9.57 11.06
CA THR A 86 -0.94 -8.49 11.46
C THR A 86 -0.13 -8.02 10.25
N LEU A 87 0.08 -6.71 10.14
CA LEU A 87 0.73 -6.10 8.99
C LEU A 87 2.14 -5.61 9.32
N LYS A 88 2.98 -5.54 8.28
CA LYS A 88 4.30 -4.94 8.32
C LYS A 88 4.48 -4.20 7.00
N ILE A 89 4.99 -2.97 7.04
CA ILE A 89 5.10 -2.14 5.84
C ILE A 89 6.52 -1.65 5.64
N GLU A 90 6.90 -1.47 4.37
CA GLU A 90 8.16 -0.89 3.95
C GLU A 90 7.98 -0.29 2.55
N TYR A 91 8.93 0.52 2.09
CA TYR A 91 8.82 1.11 0.77
C TYR A 91 9.24 0.10 -0.29
N ALA A 92 8.52 0.09 -1.41
CA ALA A 92 8.78 -0.83 -2.51
C ALA A 92 10.01 -0.40 -3.32
N LYS A 93 10.51 -1.29 -4.18
CA LYS A 93 11.67 -1.04 -5.02
C LYS A 93 11.35 -0.05 -6.16
N PRO A 94 10.33 -0.28 -6.99
CA PRO A 94 10.01 0.62 -8.08
C PRO A 94 9.31 1.88 -7.58
N THR A 95 9.25 2.90 -8.43
CA THR A 95 8.62 4.17 -8.09
C THR A 95 7.14 4.19 -8.50
N ARG A 96 6.69 3.14 -9.20
CA ARG A 96 5.30 2.98 -9.60
C ARG A 96 4.98 1.50 -9.78
N LEU A 97 3.69 1.15 -9.88
CA LEU A 97 3.24 -0.21 -10.09
C LEU A 97 2.37 -0.28 -11.34
N ASN A 98 2.00 -1.50 -11.74
CA ASN A 98 1.17 -1.71 -12.92
C ASN A 98 0.09 -2.74 -12.62
N VAL A 99 -1.02 -2.68 -13.37
CA VAL A 99 -2.16 -3.57 -13.22
C VAL A 99 -2.63 -3.99 -14.61
N PHE A 100 -3.24 -5.18 -14.70
CA PHE A 100 -3.61 -5.76 -15.99
C PHE A 100 -5.09 -6.12 -16.04
N LYS A 101 -5.72 -6.23 -14.87
CA LYS A 101 -7.12 -6.62 -14.71
C LYS A 101 -7.56 -6.30 -13.28
N ASN A 102 -8.86 -6.44 -12.98
CA ASN A 102 -9.39 -6.20 -11.65
C ASN A 102 -10.03 -7.46 -11.09
N ASP A 103 -9.38 -8.04 -10.08
CA ASP A 103 -9.86 -9.21 -9.35
C ASP A 103 -9.25 -9.21 -7.94
N GLN A 104 -9.42 -10.32 -7.20
CA GLN A 104 -9.00 -10.42 -5.81
C GLN A 104 -7.48 -10.45 -5.62
N ASP A 105 -6.70 -10.52 -6.70
CA ASP A 105 -5.24 -10.59 -6.60
C ASP A 105 -4.56 -9.35 -7.19
N THR A 106 -5.29 -8.54 -7.97
CA THR A 106 -4.78 -7.28 -8.49
C THR A 106 -5.94 -6.37 -8.88
N TRP A 107 -5.83 -5.08 -8.58
CA TRP A 107 -6.91 -4.15 -8.87
C TRP A 107 -6.37 -2.73 -9.04
N ASP A 108 -7.03 -1.95 -9.89
CA ASP A 108 -6.70 -0.54 -10.10
C ASP A 108 -7.96 0.31 -9.93
N TYR A 109 -7.82 1.43 -9.22
CA TYR A 109 -8.94 2.29 -8.85
C TYR A 109 -8.86 3.65 -9.54
N THR A 110 -7.91 3.85 -10.45
CA THR A 110 -7.73 5.11 -11.17
C THR A 110 -7.72 4.89 -12.69
N ASN A 111 -7.77 3.63 -13.12
CA ASN A 111 -7.84 3.28 -14.53
C ASN A 111 -9.17 3.75 -15.12
N PRO A 112 -9.14 4.63 -16.14
CA PRO A 112 -10.34 5.15 -16.78
C PRO A 112 -11.24 4.07 -17.37
N ASN A 113 -10.71 2.86 -17.57
CA ASN A 113 -11.46 1.75 -18.16
C ASN A 113 -11.86 0.74 -17.10
N LEU A 114 -11.56 1.01 -15.81
CA LEU A 114 -11.83 0.11 -14.71
C LEU A 114 -11.29 -1.30 -14.99
N SER A 115 -10.22 -1.38 -15.79
CA SER A 115 -9.58 -2.63 -16.19
C SER A 115 -10.56 -3.62 -16.84
N GLY A 116 -11.70 -3.14 -17.32
CA GLY A 116 -12.69 -3.97 -17.97
C GLY A 116 -12.28 -4.33 -19.40
N GLN A 117 -13.07 -5.18 -20.05
CA GLN A 117 -12.80 -5.62 -21.42
C GLN A 117 -13.29 -4.57 -22.43
N GLY A 118 -14.14 -3.64 -21.98
CA GLY A 118 -14.68 -2.58 -22.83
C GLY A 118 -15.68 -3.13 -23.85
N GLN A 1 13.09 21.24 -0.91
CA GLN A 1 14.20 20.29 -0.67
C GLN A 1 15.00 20.71 0.56
N LYS A 2 15.79 19.78 1.12
CA LYS A 2 16.63 20.04 2.28
C LYS A 2 17.92 19.22 2.17
N ILE A 3 18.94 19.61 2.94
CA ILE A 3 20.23 18.92 2.95
C ILE A 3 20.06 17.47 3.40
N SER A 4 21.01 16.61 3.04
CA SER A 4 20.97 15.18 3.36
C SER A 4 21.48 14.88 4.77
N ARG A 5 21.88 15.91 5.53
CA ARG A 5 22.38 15.77 6.89
C ARG A 5 21.73 16.77 7.83
N PRO A 6 20.39 16.75 7.94
CA PRO A 6 19.63 17.66 8.79
C PRO A 6 19.78 17.26 10.26
N GLY A 7 19.52 18.20 11.16
CA GLY A 7 19.60 17.96 12.60
C GLY A 7 18.27 17.44 13.17
N ASP A 8 17.26 17.26 12.31
CA ASP A 8 15.93 16.86 12.73
C ASP A 8 15.20 16.12 11.60
N SER A 9 13.98 15.62 11.89
CA SER A 9 13.12 14.95 10.93
C SER A 9 13.74 13.71 10.29
N ASP A 10 14.79 13.15 10.91
CA ASP A 10 15.46 11.94 10.47
C ASP A 10 15.77 11.94 8.97
N ASP A 11 16.84 12.64 8.59
CA ASP A 11 17.32 12.77 7.22
C ASP A 11 16.32 13.43 6.25
N SER A 12 15.13 13.80 6.73
CA SER A 12 14.11 14.48 5.94
C SER A 12 13.86 13.80 4.60
N ARG A 13 13.37 14.57 3.61
CA ARG A 13 13.14 14.12 2.24
C ARG A 13 12.11 12.97 2.18
N SER A 14 11.90 12.44 0.98
CA SER A 14 10.94 11.37 0.72
C SER A 14 11.52 10.39 -0.30
N VAL A 15 10.83 9.28 -0.55
CA VAL A 15 11.32 8.24 -1.46
C VAL A 15 10.37 8.05 -2.64
N ASN A 16 9.26 7.36 -2.44
CA ASN A 16 8.28 7.07 -3.48
C ASN A 16 6.90 6.81 -2.88
N SER A 17 5.87 6.87 -3.72
CA SER A 17 4.48 6.66 -3.30
C SER A 17 4.10 5.18 -3.34
N VAL A 18 5.09 4.30 -3.46
CA VAL A 18 4.87 2.87 -3.56
C VAL A 18 5.30 2.15 -2.28
N LEU A 19 4.49 1.18 -1.84
CA LEU A 19 4.73 0.45 -0.60
C LEU A 19 4.69 -1.05 -0.82
N LEU A 20 5.27 -1.78 0.13
CA LEU A 20 5.30 -3.23 0.16
C LEU A 20 4.75 -3.69 1.50
N PHE A 21 3.81 -4.63 1.47
CA PHE A 21 3.13 -5.14 2.66
C PHE A 21 3.46 -6.61 2.85
N THR A 22 3.53 -7.04 4.11
CA THR A 22 3.76 -8.43 4.48
C THR A 22 2.85 -8.79 5.65
N ILE A 23 2.31 -10.00 5.65
CA ILE A 23 1.45 -10.48 6.73
C ILE A 23 2.22 -11.48 7.57
N LEU A 24 2.12 -11.38 8.89
CA LEU A 24 2.93 -12.20 9.79
C LEU A 24 2.22 -13.50 10.19
N ASN A 25 0.89 -13.46 10.33
CA ASN A 25 0.09 -14.61 10.74
C ASN A 25 -1.14 -14.72 9.83
N PRO A 26 -0.95 -15.05 8.55
CA PRO A 26 -2.00 -15.09 7.55
C PRO A 26 -2.92 -16.31 7.71
N ILE A 27 -3.63 -16.40 8.84
CA ILE A 27 -4.58 -17.48 9.09
C ILE A 27 -5.94 -17.18 8.47
N TYR A 28 -6.11 -15.96 7.92
CA TYR A 28 -7.32 -15.55 7.24
C TYR A 28 -6.96 -15.02 5.85
N SER A 29 -7.97 -14.83 4.99
CA SER A 29 -7.73 -14.41 3.63
C SER A 29 -7.56 -12.90 3.53
N ILE A 30 -6.84 -12.45 2.50
CA ILE A 30 -6.60 -11.04 2.22
C ILE A 30 -6.77 -10.82 0.72
N THR A 31 -7.42 -9.72 0.34
CA THR A 31 -7.70 -9.40 -1.06
C THR A 31 -7.59 -7.89 -1.27
N THR A 32 -7.75 -7.46 -2.52
CA THR A 32 -7.71 -6.05 -2.87
C THR A 32 -8.84 -5.28 -2.18
N ASP A 33 -9.95 -5.97 -1.88
CA ASP A 33 -11.08 -5.35 -1.22
C ASP A 33 -10.85 -5.18 0.28
N VAL A 34 -9.90 -5.94 0.85
CA VAL A 34 -9.57 -5.85 2.26
C VAL A 34 -8.46 -4.82 2.46
N LEU A 35 -7.47 -4.81 1.56
CA LEU A 35 -6.36 -3.88 1.68
C LEU A 35 -6.79 -2.46 1.31
N TYR A 36 -7.76 -2.31 0.40
CA TYR A 36 -8.21 -0.99 0.01
C TYR A 36 -8.94 -0.29 1.15
N THR A 37 -9.73 -1.03 1.93
CA THR A 37 -10.54 -0.42 2.97
C THR A 37 -9.69 -0.10 4.21
N ILE A 38 -8.50 -0.71 4.33
CA ILE A 38 -7.62 -0.40 5.46
C ILE A 38 -6.57 0.66 5.11
N CYS A 39 -6.41 1.03 3.83
CA CYS A 39 -5.45 2.07 3.46
C CYS A 39 -6.10 3.28 2.78
N ASN A 40 -7.40 3.21 2.49
CA ASN A 40 -8.12 4.34 1.92
C ASN A 40 -8.16 5.57 2.84
N PRO A 41 -8.36 5.42 4.16
CA PRO A 41 -8.40 6.56 5.06
C PRO A 41 -7.01 7.18 5.27
N CYS A 42 -5.98 6.59 4.68
CA CYS A 42 -4.62 7.12 4.78
C CYS A 42 -4.29 8.03 3.60
N GLY A 43 -5.17 8.09 2.58
CA GLY A 43 -4.98 8.93 1.42
C GLY A 43 -5.53 8.26 0.16
N PRO A 44 -5.52 8.98 -0.97
CA PRO A 44 -6.01 8.49 -2.24
C PRO A 44 -5.11 7.36 -2.78
N VAL A 45 -5.68 6.16 -2.87
CA VAL A 45 -4.99 4.98 -3.39
C VAL A 45 -5.16 4.95 -4.90
N GLN A 46 -4.19 4.38 -5.62
CA GLN A 46 -4.24 4.29 -7.08
C GLN A 46 -4.36 2.84 -7.52
N ARG A 47 -3.68 1.90 -6.85
CA ARG A 47 -3.77 0.49 -7.19
C ARG A 47 -3.23 -0.41 -6.10
N ILE A 48 -3.65 -1.68 -6.13
CA ILE A 48 -3.25 -2.69 -5.16
C ILE A 48 -3.08 -4.05 -5.87
N VAL A 49 -2.11 -4.84 -5.44
CA VAL A 49 -1.87 -6.18 -5.96
C VAL A 49 -1.42 -7.11 -4.84
N ILE A 50 -1.86 -8.37 -4.87
CA ILE A 50 -1.56 -9.36 -3.85
C ILE A 50 -0.60 -10.41 -4.42
N PHE A 51 0.22 -11.00 -3.55
CA PHE A 51 1.15 -12.07 -3.92
C PHE A 51 1.13 -13.16 -2.85
N ARG A 52 1.15 -14.42 -3.28
CA ARG A 52 1.09 -15.57 -2.38
C ARG A 52 1.82 -16.79 -2.95
N LYS A 53 2.77 -16.57 -3.87
CA LYS A 53 3.58 -17.66 -4.41
C LYS A 53 4.61 -18.12 -3.37
N ASN A 54 4.90 -17.26 -2.40
CA ASN A 54 5.74 -17.56 -1.25
C ASN A 54 5.32 -16.63 -0.11
N GLY A 55 4.92 -17.19 1.03
CA GLY A 55 4.39 -16.41 2.13
C GLY A 55 3.13 -15.68 1.67
N VAL A 56 2.82 -14.54 2.29
CA VAL A 56 1.69 -13.70 1.89
C VAL A 56 2.12 -12.24 1.95
N GLN A 57 1.98 -11.53 0.83
CA GLN A 57 2.40 -10.15 0.69
C GLN A 57 1.48 -9.40 -0.26
N ALA A 58 1.62 -8.07 -0.30
CA ALA A 58 0.87 -7.22 -1.21
C ALA A 58 1.64 -5.93 -1.47
N MET A 59 1.19 -5.13 -2.45
CA MET A 59 1.81 -3.85 -2.74
C MET A 59 0.72 -2.81 -3.01
N VAL A 60 1.03 -1.55 -2.73
CA VAL A 60 0.08 -0.45 -2.86
C VAL A 60 0.77 0.78 -3.45
N GLU A 61 0.00 1.60 -4.16
CA GLU A 61 0.49 2.85 -4.74
C GLU A 61 -0.54 3.95 -4.48
N PHE A 62 -0.05 5.16 -4.17
CA PHE A 62 -0.87 6.32 -3.87
C PHE A 62 -0.64 7.43 -4.90
N ASP A 63 -1.51 8.44 -4.88
CA ASP A 63 -1.44 9.57 -5.81
C ASP A 63 -0.38 10.57 -5.36
N SER A 64 0.13 10.41 -4.14
CA SER A 64 1.15 11.30 -3.58
C SER A 64 2.03 10.52 -2.60
N VAL A 65 3.31 10.90 -2.51
CA VAL A 65 4.23 10.25 -1.59
C VAL A 65 3.86 10.61 -0.16
N GLN A 66 3.16 11.73 0.05
CA GLN A 66 2.75 12.13 1.39
C GLN A 66 1.61 11.24 1.89
N SER A 67 0.88 10.62 0.96
CA SER A 67 -0.18 9.70 1.31
C SER A 67 0.40 8.32 1.64
N ALA A 68 1.55 7.99 1.03
CA ALA A 68 2.23 6.74 1.32
C ALA A 68 3.00 6.84 2.64
N GLN A 69 3.38 8.06 3.04
CA GLN A 69 4.03 8.29 4.32
C GLN A 69 3.03 8.10 5.45
N ARG A 70 1.78 8.52 5.24
CA ARG A 70 0.72 8.40 6.21
C ARG A 70 0.22 6.95 6.29
N ALA A 71 0.34 6.20 5.21
CA ALA A 71 -0.14 4.83 5.16
C ALA A 71 0.72 3.92 6.04
N LYS A 72 2.03 3.88 5.82
CA LYS A 72 2.87 2.98 6.60
C LYS A 72 3.10 3.49 8.03
N ALA A 73 2.81 4.77 8.29
CA ALA A 73 2.97 5.32 9.62
C ALA A 73 1.77 4.99 10.51
N SER A 74 0.65 4.57 9.92
CA SER A 74 -0.53 4.19 10.71
C SER A 74 -1.02 2.77 10.42
N LEU A 75 -0.30 1.99 9.60
CA LEU A 75 -0.68 0.61 9.30
C LEU A 75 0.42 -0.39 9.67
N ASN A 76 1.60 0.07 10.09
CA ASN A 76 2.65 -0.86 10.49
C ASN A 76 2.31 -1.46 11.85
N GLY A 77 2.37 -2.80 11.95
CA GLY A 77 2.02 -3.49 13.19
C GLY A 77 0.50 -3.51 13.42
N ALA A 78 -0.29 -3.07 12.43
CA ALA A 78 -1.74 -3.02 12.55
C ALA A 78 -2.36 -4.42 12.42
N ASP A 79 -3.67 -4.50 12.63
CA ASP A 79 -4.41 -5.75 12.59
C ASP A 79 -5.74 -5.52 11.85
N ILE A 80 -6.20 -6.53 11.10
CA ILE A 80 -7.42 -6.41 10.30
C ILE A 80 -8.58 -7.21 10.88
N TYR A 81 -8.30 -8.18 11.76
CA TYR A 81 -9.33 -9.06 12.31
C TYR A 81 -9.30 -9.07 13.83
N SER A 82 -8.75 -8.02 14.45
CA SER A 82 -8.59 -7.92 15.90
C SER A 82 -7.82 -9.11 16.48
N GLY A 83 -7.05 -9.79 15.62
CA GLY A 83 -6.23 -10.93 16.01
C GLY A 83 -5.62 -11.56 14.78
N CYS A 84 -4.32 -11.89 14.86
CA CYS A 84 -3.55 -12.44 13.75
C CYS A 84 -3.61 -11.57 12.50
N CYS A 85 -3.06 -12.06 11.39
CA CYS A 85 -2.96 -11.30 10.15
C CYS A 85 -2.33 -9.93 10.37
N THR A 86 -1.41 -9.84 11.34
CA THR A 86 -0.72 -8.58 11.66
C THR A 86 0.02 -8.08 10.43
N LEU A 87 -0.01 -6.76 10.22
CA LEU A 87 0.59 -6.14 9.04
C LEU A 87 2.01 -5.65 9.32
N LYS A 88 2.81 -5.56 8.26
CA LYS A 88 4.14 -4.97 8.28
C LYS A 88 4.35 -4.28 6.93
N ILE A 89 4.88 -3.06 6.94
CA ILE A 89 5.04 -2.28 5.71
C ILE A 89 6.46 -1.74 5.60
N GLU A 90 6.91 -1.56 4.36
CA GLU A 90 8.17 -0.91 4.00
C GLU A 90 8.03 -0.34 2.59
N TYR A 91 8.96 0.51 2.15
CA TYR A 91 8.89 1.07 0.81
C TYR A 91 9.42 0.09 -0.22
N ALA A 92 8.81 0.08 -1.41
CA ALA A 92 9.24 -0.80 -2.50
C ALA A 92 10.29 -0.10 -3.36
N LYS A 93 10.92 -0.85 -4.28
CA LYS A 93 11.98 -0.31 -5.12
C LYS A 93 11.51 0.39 -6.41
N PRO A 94 10.35 0.08 -7.01
CA PRO A 94 9.89 0.78 -8.20
C PRO A 94 9.22 2.09 -7.83
N THR A 95 9.03 2.98 -8.81
CA THR A 95 8.40 4.27 -8.57
C THR A 95 6.90 4.22 -8.85
N ARG A 96 6.41 3.11 -9.41
CA ARG A 96 5.00 2.87 -9.68
C ARG A 96 4.74 1.37 -9.77
N LEU A 97 3.46 0.98 -9.77
CA LEU A 97 3.05 -0.41 -9.90
C LEU A 97 2.16 -0.55 -11.14
N ASN A 98 1.85 -1.79 -11.51
CA ASN A 98 1.03 -2.06 -12.69
C ASN A 98 -0.09 -3.04 -12.36
N VAL A 99 -1.15 -3.02 -13.16
CA VAL A 99 -2.33 -3.87 -13.00
C VAL A 99 -2.77 -4.38 -14.36
N PHE A 100 -3.43 -5.54 -14.39
CA PHE A 100 -3.79 -6.21 -15.64
C PHE A 100 -5.28 -6.55 -15.67
N LYS A 101 -5.94 -6.49 -14.51
CA LYS A 101 -7.34 -6.84 -14.35
C LYS A 101 -7.86 -6.28 -13.03
N ASN A 102 -9.18 -6.33 -12.81
CA ASN A 102 -9.79 -5.90 -11.57
C ASN A 102 -10.52 -7.07 -10.92
N ASP A 103 -9.87 -7.68 -9.93
CA ASP A 103 -10.42 -8.78 -9.15
C ASP A 103 -9.78 -8.81 -7.75
N GLN A 104 -10.02 -9.89 -7.01
CA GLN A 104 -9.53 -10.04 -5.65
C GLN A 104 -8.02 -10.26 -5.57
N ASP A 105 -7.34 -10.35 -6.72
CA ASP A 105 -5.90 -10.62 -6.78
C ASP A 105 -5.13 -9.35 -7.15
N THR A 106 -5.74 -8.48 -7.96
CA THR A 106 -5.16 -7.18 -8.29
C THR A 106 -6.27 -6.24 -8.76
N TRP A 107 -6.14 -4.94 -8.47
CA TRP A 107 -7.17 -3.97 -8.81
C TRP A 107 -6.55 -2.59 -9.02
N ASP A 108 -7.13 -1.80 -9.94
CA ASP A 108 -6.69 -0.45 -10.21
C ASP A 108 -7.85 0.53 -9.97
N TYR A 109 -7.57 1.63 -9.27
CA TYR A 109 -8.58 2.59 -8.86
C TYR A 109 -8.44 3.93 -9.58
N THR A 110 -7.53 4.02 -10.56
CA THR A 110 -7.33 5.23 -11.36
C THR A 110 -7.46 4.91 -12.85
N ASN A 111 -7.72 3.64 -13.18
CA ASN A 111 -7.93 3.18 -14.54
C ASN A 111 -9.22 3.78 -15.09
N PRO A 112 -9.17 4.48 -16.24
CA PRO A 112 -10.34 5.09 -16.85
C PRO A 112 -11.44 4.09 -17.20
N ASN A 113 -11.13 2.80 -17.20
CA ASN A 113 -12.09 1.75 -17.55
C ASN A 113 -12.91 1.30 -16.33
N LEU A 114 -12.65 1.88 -15.15
CA LEU A 114 -13.38 1.52 -13.94
C LEU A 114 -14.75 2.21 -13.90
N SER A 115 -14.90 3.32 -14.63
CA SER A 115 -16.16 4.06 -14.67
C SER A 115 -16.39 4.73 -16.04
N GLY A 116 -15.49 4.49 -16.99
CA GLY A 116 -15.58 5.08 -18.32
C GLY A 116 -15.08 6.52 -18.33
N GLN A 117 -14.93 7.08 -19.53
CA GLN A 117 -14.45 8.45 -19.72
C GLN A 117 -15.16 9.16 -20.88
N GLY A 118 -16.20 8.52 -21.44
CA GLY A 118 -16.96 9.07 -22.55
C GLY A 118 -17.83 10.25 -22.11
N GLN A 1 25.32 14.85 8.87
CA GLN A 1 24.50 14.19 7.82
C GLN A 1 23.38 13.38 8.45
N LYS A 2 22.34 13.06 7.67
CA LYS A 2 21.20 12.27 8.13
C LYS A 2 20.79 11.26 7.07
N ILE A 3 19.91 10.32 7.47
CA ILE A 3 19.37 9.32 6.58
C ILE A 3 18.43 9.96 5.55
N SER A 4 18.15 9.25 4.45
CA SER A 4 17.33 9.77 3.36
C SER A 4 15.86 9.91 3.73
N ARG A 5 15.47 9.53 4.95
CA ARG A 5 14.10 9.66 5.44
C ARG A 5 14.14 9.94 6.96
N PRO A 6 14.59 11.14 7.35
CA PRO A 6 14.84 11.48 8.75
C PRO A 6 13.55 11.78 9.50
N GLY A 7 12.45 12.03 8.79
CA GLY A 7 11.16 12.33 9.40
C GLY A 7 11.10 13.74 10.00
N ASP A 8 12.22 14.47 9.99
CA ASP A 8 12.29 15.83 10.51
C ASP A 8 13.40 16.59 9.79
N SER A 9 13.24 17.91 9.67
CA SER A 9 14.12 18.79 8.90
C SER A 9 14.20 18.37 7.44
N ASP A 10 14.75 19.24 6.58
CA ASP A 10 14.86 19.00 5.15
C ASP A 10 13.54 18.52 4.54
N ASP A 11 12.42 19.08 5.02
CA ASP A 11 11.08 18.70 4.58
C ASP A 11 10.82 17.20 4.68
N SER A 12 11.50 16.55 5.63
CA SER A 12 11.43 15.11 5.90
C SER A 12 11.80 14.24 4.70
N ARG A 13 12.37 14.85 3.64
CA ARG A 13 12.77 14.19 2.41
C ARG A 13 11.64 13.43 1.73
N SER A 14 11.96 12.77 0.62
CA SER A 14 11.00 11.98 -0.15
C SER A 14 11.70 10.79 -0.78
N VAL A 15 10.94 9.76 -1.16
CA VAL A 15 11.47 8.56 -1.77
C VAL A 15 10.59 8.15 -2.96
N ASN A 16 9.41 7.60 -2.66
CA ASN A 16 8.46 7.17 -3.68
C ASN A 16 7.06 7.02 -3.08
N SER A 17 6.04 6.91 -3.93
CA SER A 17 4.65 6.78 -3.50
C SER A 17 4.18 5.33 -3.49
N VAL A 18 5.10 4.38 -3.68
CA VAL A 18 4.80 2.96 -3.70
C VAL A 18 5.30 2.26 -2.45
N LEU A 19 4.54 1.29 -1.95
CA LEU A 19 4.83 0.60 -0.71
C LEU A 19 4.80 -0.92 -0.88
N LEU A 20 5.38 -1.61 0.09
CA LEU A 20 5.43 -3.06 0.16
C LEU A 20 4.80 -3.50 1.47
N PHE A 21 3.92 -4.50 1.41
CA PHE A 21 3.21 -5.02 2.57
C PHE A 21 3.53 -6.50 2.73
N THR A 22 3.63 -6.94 3.99
CA THR A 22 3.87 -8.32 4.33
C THR A 22 3.02 -8.70 5.54
N ILE A 23 2.51 -9.94 5.56
CA ILE A 23 1.68 -10.41 6.65
C ILE A 23 2.51 -11.39 7.48
N LEU A 24 2.44 -11.27 8.80
CA LEU A 24 3.29 -12.05 9.70
C LEU A 24 2.66 -13.37 10.11
N ASN A 25 1.34 -13.39 10.31
CA ASN A 25 0.61 -14.58 10.75
C ASN A 25 -0.62 -14.79 9.87
N PRO A 26 -0.44 -15.05 8.56
CA PRO A 26 -1.55 -15.20 7.64
C PRO A 26 -2.34 -16.47 7.91
N ILE A 27 -3.50 -16.33 8.56
CA ILE A 27 -4.42 -17.44 8.80
C ILE A 27 -5.85 -17.10 8.35
N TYR A 28 -6.04 -15.91 7.78
CA TYR A 28 -7.32 -15.46 7.26
C TYR A 28 -7.14 -14.93 5.84
N SER A 29 -8.25 -14.66 5.14
CA SER A 29 -8.20 -14.23 3.75
C SER A 29 -7.84 -12.75 3.66
N ILE A 30 -7.10 -12.39 2.61
CA ILE A 30 -6.72 -11.02 2.31
C ILE A 30 -6.90 -10.82 0.81
N THR A 31 -7.52 -9.70 0.41
CA THR A 31 -7.79 -9.39 -0.99
C THR A 31 -7.61 -7.91 -1.24
N THR A 32 -7.74 -7.49 -2.50
CA THR A 32 -7.60 -6.10 -2.88
C THR A 32 -8.70 -5.24 -2.25
N ASP A 33 -9.81 -5.87 -1.84
CA ASP A 33 -10.90 -5.16 -1.20
C ASP A 33 -10.61 -4.96 0.28
N VAL A 34 -9.77 -5.81 0.88
CA VAL A 34 -9.40 -5.68 2.29
C VAL A 34 -8.27 -4.67 2.43
N LEU A 35 -7.35 -4.63 1.46
CA LEU A 35 -6.23 -3.71 1.52
C LEU A 35 -6.68 -2.30 1.13
N TYR A 36 -7.75 -2.18 0.34
CA TYR A 36 -8.25 -0.87 -0.05
C TYR A 36 -9.05 -0.23 1.08
N THR A 37 -9.78 -1.01 1.86
CA THR A 37 -10.61 -0.44 2.92
C THR A 37 -9.76 0.01 4.11
N ILE A 38 -8.55 -0.55 4.28
CA ILE A 38 -7.65 -0.08 5.33
C ILE A 38 -6.76 1.06 4.85
N CYS A 39 -6.53 1.19 3.53
CA CYS A 39 -5.66 2.23 3.00
C CYS A 39 -6.44 3.47 2.55
N ASN A 40 -7.75 3.32 2.29
CA ASN A 40 -8.58 4.43 1.86
C ASN A 40 -8.65 5.57 2.89
N PRO A 41 -8.81 5.30 4.19
CA PRO A 41 -8.85 6.35 5.20
C PRO A 41 -7.46 6.93 5.46
N CYS A 42 -6.40 6.30 4.92
CA CYS A 42 -5.05 6.79 5.09
C CYS A 42 -4.65 7.72 3.96
N GLY A 43 -5.32 7.63 2.80
CA GLY A 43 -5.06 8.49 1.66
C GLY A 43 -5.67 7.93 0.38
N PRO A 44 -5.62 8.70 -0.71
CA PRO A 44 -6.13 8.31 -2.01
C PRO A 44 -5.24 7.22 -2.63
N VAL A 45 -5.73 5.99 -2.62
CA VAL A 45 -5.05 4.86 -3.25
C VAL A 45 -5.28 4.91 -4.75
N GLN A 46 -4.32 4.41 -5.53
CA GLN A 46 -4.41 4.39 -6.98
C GLN A 46 -4.50 2.95 -7.50
N ARG A 47 -3.73 2.03 -6.92
CA ARG A 47 -3.78 0.64 -7.34
C ARG A 47 -3.20 -0.30 -6.29
N ILE A 48 -3.51 -1.60 -6.41
CA ILE A 48 -3.08 -2.61 -5.46
C ILE A 48 -2.75 -3.91 -6.20
N VAL A 49 -1.78 -4.67 -5.70
CA VAL A 49 -1.43 -5.99 -6.20
C VAL A 49 -1.06 -6.89 -5.02
N ILE A 50 -1.36 -8.18 -5.12
CA ILE A 50 -1.17 -9.14 -4.03
C ILE A 50 -0.48 -10.39 -4.55
N PHE A 51 0.27 -11.05 -3.66
CA PHE A 51 0.96 -12.30 -3.96
C PHE A 51 0.65 -13.30 -2.85
N ARG A 52 0.22 -14.51 -3.24
CA ARG A 52 -0.18 -15.54 -2.28
C ARG A 52 0.15 -16.95 -2.77
N LYS A 53 1.13 -17.07 -3.67
CA LYS A 53 1.59 -18.37 -4.14
C LYS A 53 2.39 -19.07 -3.05
N ASN A 54 3.04 -18.28 -2.20
CA ASN A 54 3.74 -18.74 -1.00
C ASN A 54 3.73 -17.60 0.01
N GLY A 55 3.28 -17.89 1.24
CA GLY A 55 3.06 -16.83 2.23
C GLY A 55 2.01 -15.85 1.71
N VAL A 56 1.99 -14.64 2.27
CA VAL A 56 1.10 -13.58 1.79
C VAL A 56 1.82 -12.24 1.82
N GLN A 57 1.80 -11.52 0.69
CA GLN A 57 2.39 -10.20 0.55
C GLN A 57 1.56 -9.36 -0.40
N ALA A 58 1.75 -8.04 -0.38
CA ALA A 58 1.02 -7.15 -1.26
C ALA A 58 1.79 -5.85 -1.48
N MET A 59 1.30 -5.01 -2.40
CA MET A 59 1.89 -3.71 -2.68
C MET A 59 0.78 -2.71 -2.96
N VAL A 60 1.03 -1.44 -2.65
CA VAL A 60 0.04 -0.36 -2.78
C VAL A 60 0.70 0.89 -3.33
N GLU A 61 -0.07 1.70 -4.05
CA GLU A 61 0.40 2.97 -4.59
C GLU A 61 -0.64 4.04 -4.37
N PHE A 62 -0.19 5.26 -4.04
CA PHE A 62 -1.05 6.39 -3.75
C PHE A 62 -0.84 7.51 -4.77
N ASP A 63 -1.73 8.51 -4.75
CA ASP A 63 -1.67 9.63 -5.68
C ASP A 63 -0.55 10.60 -5.31
N SER A 64 0.02 10.47 -4.10
CA SER A 64 1.11 11.31 -3.64
C SER A 64 1.95 10.57 -2.61
N VAL A 65 3.23 10.95 -2.49
CA VAL A 65 4.13 10.35 -1.51
C VAL A 65 3.69 10.74 -0.11
N GLN A 66 3.01 11.89 0.05
CA GLN A 66 2.55 12.33 1.35
C GLN A 66 1.46 11.39 1.87
N SER A 67 0.71 10.78 0.95
CA SER A 67 -0.33 9.83 1.29
C SER A 67 0.27 8.47 1.61
N ALA A 68 1.44 8.15 1.02
CA ALA A 68 2.12 6.90 1.30
C ALA A 68 2.90 6.99 2.61
N GLN A 69 3.33 8.21 2.99
CA GLN A 69 4.00 8.44 4.26
C GLN A 69 3.01 8.23 5.40
N ARG A 70 1.75 8.63 5.20
CA ARG A 70 0.71 8.47 6.20
C ARG A 70 0.19 7.05 6.23
N ALA A 71 0.30 6.32 5.11
CA ALA A 71 -0.19 4.97 5.00
C ALA A 71 0.60 4.03 5.92
N LYS A 72 1.93 3.99 5.79
CA LYS A 72 2.72 3.11 6.65
C LYS A 72 2.84 3.66 8.06
N ALA A 73 2.55 4.95 8.27
CA ALA A 73 2.58 5.54 9.60
C ALA A 73 1.32 5.17 10.40
N SER A 74 0.28 4.66 9.73
CA SER A 74 -0.96 4.29 10.41
C SER A 74 -1.38 2.85 10.15
N LEU A 75 -0.59 2.08 9.38
CA LEU A 75 -0.93 0.69 9.06
C LEU A 75 0.20 -0.28 9.34
N ASN A 76 1.39 0.21 9.73
CA ASN A 76 2.49 -0.69 10.05
C ASN A 76 2.26 -1.27 11.44
N GLY A 77 2.41 -2.59 11.58
CA GLY A 77 2.18 -3.29 12.84
C GLY A 77 0.68 -3.40 13.16
N ALA A 78 -0.18 -2.98 12.23
CA ALA A 78 -1.62 -3.00 12.43
C ALA A 78 -2.18 -4.42 12.31
N ASP A 79 -3.48 -4.57 12.55
CA ASP A 79 -4.17 -5.85 12.53
C ASP A 79 -5.53 -5.68 11.84
N ILE A 80 -6.04 -6.74 11.20
CA ILE A 80 -7.28 -6.67 10.45
C ILE A 80 -8.38 -7.54 11.08
N TYR A 81 -7.99 -8.48 11.95
CA TYR A 81 -8.93 -9.42 12.56
C TYR A 81 -8.79 -9.43 14.08
N SER A 82 -8.29 -8.33 14.66
CA SER A 82 -8.03 -8.16 16.09
C SER A 82 -7.15 -9.29 16.65
N GLY A 83 -6.44 -9.98 15.76
CA GLY A 83 -5.53 -11.06 16.11
C GLY A 83 -5.07 -11.76 14.83
N CYS A 84 -3.77 -12.11 14.77
CA CYS A 84 -3.14 -12.69 13.60
C CYS A 84 -3.28 -11.80 12.36
N CYS A 85 -2.72 -12.25 11.23
CA CYS A 85 -2.69 -11.46 10.00
C CYS A 85 -2.12 -10.06 10.24
N THR A 86 -1.20 -9.95 11.20
CA THR A 86 -0.55 -8.69 11.54
C THR A 86 0.20 -8.15 10.33
N LEU A 87 0.17 -6.82 10.14
CA LEU A 87 0.79 -6.19 8.99
C LEU A 87 2.20 -5.71 9.28
N LYS A 88 3.00 -5.58 8.21
CA LYS A 88 4.35 -5.03 8.26
C LYS A 88 4.54 -4.28 6.95
N ILE A 89 4.91 -3.00 7.02
CA ILE A 89 5.03 -2.16 5.84
C ILE A 89 6.41 -1.53 5.72
N GLU A 90 6.85 -1.34 4.47
CA GLU A 90 8.09 -0.67 4.13
C GLU A 90 7.98 -0.12 2.71
N TYR A 91 8.94 0.69 2.27
CA TYR A 91 8.92 1.25 0.93
C TYR A 91 9.43 0.22 -0.08
N ALA A 92 8.83 0.22 -1.28
CA ALA A 92 9.21 -0.70 -2.33
C ALA A 92 10.37 -0.11 -3.15
N LYS A 93 11.02 -0.93 -3.99
CA LYS A 93 12.18 -0.50 -4.76
C LYS A 93 11.86 0.24 -6.07
N PRO A 94 10.71 0.03 -6.75
CA PRO A 94 10.36 0.78 -7.94
C PRO A 94 9.79 2.14 -7.56
N THR A 95 9.36 2.93 -8.55
CA THR A 95 8.72 4.22 -8.32
C THR A 95 7.29 4.22 -8.85
N ARG A 96 6.86 3.09 -9.44
CA ARG A 96 5.54 2.92 -10.01
C ARG A 96 5.17 1.44 -10.02
N LEU A 97 3.89 1.14 -9.83
CA LEU A 97 3.37 -0.23 -9.89
C LEU A 97 2.46 -0.40 -11.11
N ASN A 98 2.13 -1.64 -11.44
CA ASN A 98 1.33 -1.94 -12.63
C ASN A 98 0.15 -2.85 -12.27
N VAL A 99 -0.80 -2.98 -13.20
CA VAL A 99 -1.99 -3.80 -13.03
C VAL A 99 -2.31 -4.50 -14.35
N PHE A 100 -3.02 -5.63 -14.29
CA PHE A 100 -3.35 -6.41 -15.48
C PHE A 100 -4.84 -6.74 -15.52
N LYS A 101 -5.53 -6.61 -14.40
CA LYS A 101 -6.94 -6.96 -14.25
C LYS A 101 -7.48 -6.36 -12.94
N ASN A 102 -8.78 -6.49 -12.73
CA ASN A 102 -9.43 -6.10 -11.48
C ASN A 102 -10.10 -7.32 -10.87
N ASP A 103 -9.41 -7.97 -9.92
CA ASP A 103 -9.90 -9.13 -9.19
C ASP A 103 -9.32 -9.14 -7.77
N GLN A 104 -9.44 -10.28 -7.09
CA GLN A 104 -9.01 -10.40 -5.70
C GLN A 104 -7.49 -10.45 -5.53
N ASP A 105 -6.73 -10.45 -6.64
CA ASP A 105 -5.27 -10.52 -6.57
C ASP A 105 -4.63 -9.22 -7.04
N THR A 106 -5.34 -8.41 -7.83
CA THR A 106 -4.86 -7.08 -8.21
C THR A 106 -6.04 -6.24 -8.68
N TRP A 107 -6.00 -4.93 -8.38
CA TRP A 107 -7.08 -4.02 -8.72
C TRP A 107 -6.54 -2.62 -8.93
N ASP A 108 -7.23 -1.81 -9.74
CA ASP A 108 -6.84 -0.43 -9.97
C ASP A 108 -8.05 0.50 -9.78
N TYR A 109 -7.82 1.64 -9.13
CA TYR A 109 -8.86 2.58 -8.76
C TYR A 109 -8.72 3.94 -9.47
N THR A 110 -7.78 4.04 -10.42
CA THR A 110 -7.59 5.25 -11.21
C THR A 110 -7.66 4.92 -12.70
N ASN A 111 -7.77 3.63 -13.03
CA ASN A 111 -7.97 3.12 -14.37
C ASN A 111 -9.23 3.75 -14.96
N PRO A 112 -9.19 4.22 -16.22
CA PRO A 112 -10.32 4.89 -16.87
C PRO A 112 -11.57 4.03 -17.01
N ASN A 113 -11.49 2.72 -16.75
CA ASN A 113 -12.67 1.86 -16.77
C ASN A 113 -13.10 1.46 -15.36
N LEU A 114 -12.53 2.11 -14.34
CA LEU A 114 -12.86 1.88 -12.95
C LEU A 114 -12.88 3.21 -12.18
N SER A 115 -12.90 4.32 -12.91
CA SER A 115 -12.92 5.66 -12.33
C SER A 115 -13.64 6.63 -13.27
N GLY A 116 -14.09 7.77 -12.73
CA GLY A 116 -14.81 8.77 -13.50
C GLY A 116 -16.18 8.25 -13.95
N GLN A 117 -16.70 8.83 -15.04
CA GLN A 117 -18.00 8.44 -15.59
C GLN A 117 -17.90 7.11 -16.35
N GLY A 118 -16.67 6.66 -16.63
CA GLY A 118 -16.43 5.43 -17.36
C GLY A 118 -16.88 5.52 -18.82
N GLN A 1 15.76 25.06 10.20
CA GLN A 1 14.61 25.04 11.14
C GLN A 1 13.34 25.47 10.41
N LYS A 2 12.21 24.84 10.74
CA LYS A 2 10.93 25.16 10.12
C LYS A 2 10.28 26.34 10.83
N ILE A 3 10.00 26.18 12.12
CA ILE A 3 9.40 27.18 12.99
C ILE A 3 9.89 26.96 14.42
N SER A 4 9.41 27.76 15.38
CA SER A 4 9.83 27.64 16.77
C SER A 4 9.04 26.56 17.53
N ARG A 5 8.06 25.92 16.90
CA ARG A 5 7.23 24.91 17.55
C ARG A 5 6.73 23.83 16.57
N PRO A 6 7.62 23.20 15.80
CA PRO A 6 7.24 22.18 14.82
C PRO A 6 6.82 20.88 15.51
N GLY A 7 6.24 19.96 14.75
CA GLY A 7 5.80 18.67 15.24
C GLY A 7 6.99 17.74 15.50
N ASP A 8 6.69 16.48 15.83
CA ASP A 8 7.71 15.48 16.11
C ASP A 8 7.41 14.18 15.35
N SER A 9 8.46 13.38 15.14
CA SER A 9 8.46 12.13 14.37
C SER A 9 8.02 12.32 12.92
N ASP A 10 8.40 11.36 12.07
CA ASP A 10 8.09 11.36 10.64
C ASP A 10 8.46 12.71 10.01
N ASP A 11 7.77 13.10 8.93
CA ASP A 11 7.97 14.36 8.22
C ASP A 11 9.40 14.53 7.67
N SER A 12 9.59 15.60 6.88
CA SER A 12 10.87 15.98 6.27
C SER A 12 11.58 14.82 5.56
N ARG A 13 10.81 13.84 5.06
CA ARG A 13 11.36 12.68 4.38
C ARG A 13 10.50 12.28 3.19
N SER A 14 11.13 11.67 2.18
CA SER A 14 10.44 11.22 0.97
C SER A 14 11.22 10.08 0.32
N VAL A 15 10.50 9.19 -0.36
CA VAL A 15 11.10 8.06 -1.09
C VAL A 15 10.33 7.85 -2.38
N ASN A 16 9.14 7.25 -2.27
CA ASN A 16 8.24 7.03 -3.39
C ASN A 16 6.82 6.78 -2.88
N SER A 17 5.83 6.83 -3.77
CA SER A 17 4.42 6.64 -3.43
C SER A 17 4.03 5.16 -3.46
N VAL A 18 5.02 4.26 -3.48
CA VAL A 18 4.78 2.82 -3.57
C VAL A 18 5.27 2.12 -2.32
N LEU A 19 4.48 1.15 -1.83
CA LEU A 19 4.78 0.41 -0.61
C LEU A 19 4.71 -1.08 -0.83
N LEU A 20 5.31 -1.83 0.10
CA LEU A 20 5.31 -3.27 0.14
C LEU A 20 4.71 -3.71 1.48
N PHE A 21 3.79 -4.67 1.45
CA PHE A 21 3.10 -5.17 2.63
C PHE A 21 3.39 -6.65 2.81
N THR A 22 3.48 -7.09 4.08
CA THR A 22 3.65 -8.49 4.42
C THR A 22 2.73 -8.84 5.58
N ILE A 23 2.15 -10.05 5.53
CA ILE A 23 1.26 -10.52 6.58
C ILE A 23 2.00 -11.59 7.38
N LEU A 24 1.94 -11.51 8.71
CA LEU A 24 2.72 -12.40 9.57
C LEU A 24 1.93 -13.64 9.98
N ASN A 25 0.61 -13.53 10.09
CA ASN A 25 -0.27 -14.63 10.50
C ASN A 25 -1.51 -14.65 9.62
N PRO A 26 -1.37 -15.00 8.34
CA PRO A 26 -2.45 -14.99 7.35
C PRO A 26 -3.42 -16.17 7.56
N ILE A 27 -4.01 -16.28 8.75
CA ILE A 27 -4.95 -17.35 9.06
C ILE A 27 -6.36 -17.02 8.55
N TYR A 28 -6.52 -15.84 7.94
CA TYR A 28 -7.79 -15.40 7.34
C TYR A 28 -7.53 -14.93 5.91
N SER A 29 -8.61 -14.75 5.14
CA SER A 29 -8.50 -14.36 3.74
C SER A 29 -8.15 -12.89 3.59
N ILE A 30 -7.43 -12.56 2.51
CA ILE A 30 -7.05 -11.19 2.18
C ILE A 30 -7.25 -10.98 0.67
N THR A 31 -7.79 -9.82 0.30
CA THR A 31 -8.07 -9.48 -1.09
C THR A 31 -7.86 -7.99 -1.29
N THR A 32 -7.99 -7.54 -2.55
CA THR A 32 -7.83 -6.12 -2.88
C THR A 32 -8.92 -5.29 -2.20
N ASP A 33 -10.04 -5.90 -1.85
CA ASP A 33 -11.13 -5.21 -1.18
C ASP A 33 -10.84 -5.02 0.32
N VAL A 34 -9.97 -5.87 0.88
CA VAL A 34 -9.62 -5.78 2.29
C VAL A 34 -8.46 -4.80 2.47
N LEU A 35 -7.50 -4.82 1.54
CA LEU A 35 -6.34 -3.93 1.63
C LEU A 35 -6.73 -2.50 1.24
N TYR A 36 -7.81 -2.33 0.48
CA TYR A 36 -8.26 -0.99 0.10
C TYR A 36 -9.02 -0.32 1.23
N THR A 37 -9.80 -1.07 2.02
CA THR A 37 -10.58 -0.47 3.08
C THR A 37 -9.70 -0.09 4.27
N ILE A 38 -8.52 -0.68 4.40
CA ILE A 38 -7.58 -0.29 5.44
C ILE A 38 -6.61 0.80 4.98
N CYS A 39 -6.39 0.96 3.67
CA CYS A 39 -5.45 1.95 3.16
C CYS A 39 -6.14 3.24 2.70
N ASN A 40 -7.43 3.19 2.36
CA ASN A 40 -8.13 4.37 1.88
C ASN A 40 -8.27 5.47 2.96
N PRO A 41 -8.55 5.15 4.23
CA PRO A 41 -8.68 6.17 5.26
C PRO A 41 -7.32 6.75 5.65
N CYS A 42 -6.22 6.15 5.16
CA CYS A 42 -4.87 6.63 5.42
C CYS A 42 -4.35 7.47 4.26
N GLY A 43 -5.04 7.46 3.12
CA GLY A 43 -4.67 8.25 1.96
C GLY A 43 -5.32 7.70 0.69
N PRO A 44 -5.39 8.51 -0.37
CA PRO A 44 -5.97 8.12 -1.64
C PRO A 44 -5.12 7.04 -2.31
N VAL A 45 -5.66 5.82 -2.38
CA VAL A 45 -5.02 4.68 -3.03
C VAL A 45 -5.29 4.74 -4.53
N GLN A 46 -4.37 4.23 -5.34
CA GLN A 46 -4.51 4.22 -6.79
C GLN A 46 -4.59 2.78 -7.30
N ARG A 47 -3.88 1.84 -6.67
CA ARG A 47 -3.94 0.44 -7.07
C ARG A 47 -3.36 -0.49 -6.00
N ILE A 48 -3.74 -1.77 -6.07
CA ILE A 48 -3.31 -2.80 -5.14
C ILE A 48 -3.12 -4.11 -5.89
N VAL A 49 -2.12 -4.91 -5.47
CA VAL A 49 -1.88 -6.24 -6.02
C VAL A 49 -1.39 -7.17 -4.91
N ILE A 50 -1.81 -8.43 -4.96
CA ILE A 50 -1.45 -9.45 -3.96
C ILE A 50 -0.45 -10.43 -4.56
N PHE A 51 0.42 -11.00 -3.71
CA PHE A 51 1.39 -12.01 -4.10
C PHE A 51 1.43 -13.13 -3.06
N ARG A 52 1.71 -14.35 -3.51
CA ARG A 52 1.72 -15.53 -2.65
C ARG A 52 2.83 -16.52 -3.02
N LYS A 53 3.83 -16.05 -3.78
CA LYS A 53 4.95 -16.89 -4.22
C LYS A 53 5.78 -17.35 -3.01
N ASN A 54 5.74 -16.58 -1.92
CA ASN A 54 6.35 -16.93 -0.65
C ASN A 54 5.58 -16.20 0.45
N GLY A 55 5.06 -16.93 1.44
CA GLY A 55 4.25 -16.35 2.48
C GLY A 55 3.03 -15.66 1.86
N VAL A 56 2.61 -14.54 2.44
CA VAL A 56 1.53 -13.72 1.88
C VAL A 56 1.97 -12.26 1.92
N GLN A 57 1.88 -11.59 0.77
CA GLN A 57 2.34 -10.22 0.62
C GLN A 57 1.45 -9.46 -0.35
N ALA A 58 1.61 -8.13 -0.39
CA ALA A 58 0.86 -7.28 -1.30
C ALA A 58 1.65 -6.00 -1.54
N MET A 59 1.24 -5.22 -2.55
CA MET A 59 1.85 -3.94 -2.84
C MET A 59 0.75 -2.90 -3.09
N VAL A 60 1.05 -1.63 -2.79
CA VAL A 60 0.08 -0.56 -2.91
C VAL A 60 0.75 0.69 -3.47
N GLU A 61 -0.03 1.50 -4.20
CA GLU A 61 0.42 2.77 -4.75
C GLU A 61 -0.60 3.85 -4.43
N PHE A 62 -0.12 5.04 -4.08
CA PHE A 62 -0.95 6.18 -3.69
C PHE A 62 -0.79 7.32 -4.69
N ASP A 63 -1.68 8.32 -4.59
CA ASP A 63 -1.70 9.46 -5.51
C ASP A 63 -0.52 10.39 -5.26
N SER A 64 0.10 10.31 -4.07
CA SER A 64 1.25 11.12 -3.71
C SER A 64 2.13 10.39 -2.71
N VAL A 65 3.40 10.80 -2.62
CA VAL A 65 4.32 10.20 -1.65
C VAL A 65 3.89 10.54 -0.22
N GLN A 66 3.24 11.69 -0.02
CA GLN A 66 2.80 12.09 1.31
C GLN A 66 1.66 11.19 1.80
N SER A 67 0.93 10.58 0.87
CA SER A 67 -0.14 9.65 1.21
C SER A 67 0.45 8.30 1.58
N ALA A 68 1.61 7.95 1.00
CA ALA A 68 2.30 6.71 1.33
C ALA A 68 3.08 6.85 2.64
N GLN A 69 3.44 8.08 3.02
CA GLN A 69 4.12 8.34 4.28
C GLN A 69 3.15 8.14 5.44
N ARG A 70 1.88 8.53 5.25
CA ARG A 70 0.87 8.35 6.29
C ARG A 70 0.39 6.91 6.32
N ALA A 71 0.46 6.20 5.19
CA ALA A 71 -0.02 4.83 5.11
C ALA A 71 0.81 3.90 5.99
N LYS A 72 2.15 3.90 5.86
CA LYS A 72 2.97 3.03 6.69
C LYS A 72 3.10 3.56 8.12
N ALA A 73 2.79 4.85 8.33
CA ALA A 73 2.84 5.42 9.67
C ALA A 73 1.55 5.12 10.45
N SER A 74 0.53 4.59 9.78
CA SER A 74 -0.76 4.29 10.41
C SER A 74 -1.18 2.83 10.24
N LEU A 75 -0.42 2.01 9.51
CA LEU A 75 -0.79 0.63 9.23
C LEU A 75 0.34 -0.37 9.52
N ASN A 76 1.54 0.11 9.88
CA ASN A 76 2.63 -0.80 10.19
C ASN A 76 2.39 -1.40 11.58
N GLY A 77 2.53 -2.73 11.70
CA GLY A 77 2.30 -3.43 12.96
C GLY A 77 0.82 -3.53 13.30
N ALA A 78 -0.06 -3.09 12.40
CA ALA A 78 -1.50 -3.13 12.62
C ALA A 78 -2.07 -4.52 12.41
N ASP A 79 -3.37 -4.69 12.67
CA ASP A 79 -4.09 -5.94 12.48
C ASP A 79 -5.39 -5.63 11.74
N ILE A 80 -5.83 -6.54 10.87
CA ILE A 80 -7.03 -6.33 10.07
C ILE A 80 -8.28 -6.88 10.77
N TYR A 81 -8.09 -7.84 11.69
CA TYR A 81 -9.19 -8.49 12.38
C TYR A 81 -9.05 -8.35 13.91
N SER A 82 -8.35 -7.30 14.36
CA SER A 82 -8.06 -7.07 15.77
C SER A 82 -7.34 -8.25 16.42
N GLY A 83 -6.78 -9.14 15.59
CA GLY A 83 -6.05 -10.31 16.02
C GLY A 83 -5.60 -11.09 14.79
N CYS A 84 -4.37 -11.60 14.82
CA CYS A 84 -3.75 -12.27 13.68
C CYS A 84 -3.76 -11.39 12.42
N CYS A 85 -3.27 -11.92 11.30
CA CYS A 85 -3.13 -11.17 10.06
C CYS A 85 -2.38 -9.85 10.30
N THR A 86 -1.43 -9.87 11.24
CA THR A 86 -0.63 -8.70 11.57
C THR A 86 0.13 -8.22 10.35
N LEU A 87 0.26 -6.90 10.21
CA LEU A 87 0.85 -6.29 9.03
C LEU A 87 2.27 -5.80 9.30
N LYS A 88 3.04 -5.67 8.21
CA LYS A 88 4.37 -5.08 8.20
C LYS A 88 4.53 -4.32 6.90
N ILE A 89 5.05 -3.10 6.95
CA ILE A 89 5.19 -2.26 5.76
C ILE A 89 6.61 -1.74 5.60
N GLU A 90 7.00 -1.54 4.33
CA GLU A 90 8.25 -0.92 3.94
C GLU A 90 8.08 -0.35 2.53
N TYR A 91 9.06 0.41 2.05
CA TYR A 91 8.97 0.99 0.71
C TYR A 91 9.44 -0.01 -0.35
N ALA A 92 8.81 0.01 -1.51
CA ALA A 92 9.18 -0.86 -2.62
C ALA A 92 10.23 -0.17 -3.51
N LYS A 93 10.85 -0.92 -4.42
CA LYS A 93 11.91 -0.40 -5.27
C LYS A 93 11.43 0.34 -6.53
N PRO A 94 10.26 0.05 -7.12
CA PRO A 94 9.79 0.77 -8.29
C PRO A 94 9.12 2.08 -7.87
N THR A 95 8.87 2.97 -8.83
CA THR A 95 8.23 4.25 -8.56
C THR A 95 6.73 4.19 -8.83
N ARG A 96 6.27 3.09 -9.44
CA ARG A 96 4.85 2.83 -9.70
C ARG A 96 4.61 1.33 -9.82
N LEU A 97 3.34 0.91 -9.86
CA LEU A 97 2.97 -0.49 -9.98
C LEU A 97 2.06 -0.71 -11.19
N ASN A 98 1.85 -1.97 -11.54
CA ASN A 98 0.96 -2.38 -12.62
C ASN A 98 -0.08 -3.35 -12.05
N VAL A 99 -1.22 -3.49 -12.74
CA VAL A 99 -2.35 -4.25 -12.21
C VAL A 99 -2.90 -5.23 -13.24
N PHE A 100 -2.68 -4.93 -14.53
CA PHE A 100 -3.12 -5.71 -15.69
C PHE A 100 -4.65 -5.84 -15.84
N LYS A 101 -5.39 -5.96 -14.73
CA LYS A 101 -6.84 -6.20 -14.75
C LYS A 101 -7.43 -5.92 -13.37
N ASN A 102 -8.76 -6.05 -13.23
CA ASN A 102 -9.43 -5.83 -11.95
C ASN A 102 -10.14 -7.10 -11.48
N ASP A 103 -9.65 -7.66 -10.37
CA ASP A 103 -10.26 -8.79 -9.67
C ASP A 103 -9.82 -8.78 -8.20
N GLN A 104 -10.21 -9.81 -7.44
CA GLN A 104 -9.97 -9.85 -6.00
C GLN A 104 -8.50 -10.05 -5.62
N ASP A 105 -7.61 -10.25 -6.60
CA ASP A 105 -6.19 -10.45 -6.33
C ASP A 105 -5.35 -9.28 -6.86
N THR A 106 -5.92 -8.46 -7.75
CA THR A 106 -5.26 -7.26 -8.23
C THR A 106 -6.32 -6.28 -8.75
N TRP A 107 -6.25 -5.01 -8.35
CA TRP A 107 -7.28 -4.04 -8.71
C TRP A 107 -6.67 -2.65 -8.90
N ASP A 108 -7.29 -1.86 -9.79
CA ASP A 108 -6.86 -0.51 -10.08
C ASP A 108 -8.02 0.46 -9.90
N TYR A 109 -7.75 1.61 -9.29
CA TYR A 109 -8.77 2.61 -8.95
C TYR A 109 -8.56 3.93 -9.70
N THR A 110 -7.58 3.99 -10.61
CA THR A 110 -7.27 5.19 -11.37
C THR A 110 -7.42 4.96 -12.87
N ASN A 111 -7.56 3.70 -13.30
CA ASN A 111 -7.79 3.36 -14.69
C ASN A 111 -9.22 3.74 -15.11
N PRO A 112 -9.47 3.91 -16.42
CA PRO A 112 -10.77 4.23 -16.96
C PRO A 112 -11.83 3.16 -16.68
N ASN A 113 -11.42 1.98 -16.20
CA ASN A 113 -12.33 0.88 -15.92
C ASN A 113 -12.89 0.96 -14.49
N LEU A 114 -12.53 2.00 -13.74
CA LEU A 114 -13.02 2.19 -12.38
C LEU A 114 -13.31 3.67 -12.17
N SER A 115 -12.40 4.55 -12.62
CA SER A 115 -12.54 6.00 -12.57
C SER A 115 -13.08 6.50 -11.23
N GLY A 116 -12.64 5.90 -10.12
CA GLY A 116 -13.13 6.21 -8.78
C GLY A 116 -12.73 7.62 -8.31
N GLN A 117 -11.97 8.35 -9.12
CA GLN A 117 -11.54 9.71 -8.79
C GLN A 117 -11.65 10.64 -10.00
N GLY A 118 -12.36 10.21 -11.04
CA GLY A 118 -12.53 10.99 -12.26
C GLY A 118 -13.41 12.21 -12.03
N GLN A 1 36.66 20.46 5.96
CA GLN A 1 35.54 19.68 6.53
C GLN A 1 34.83 20.49 7.62
N LYS A 2 33.60 20.09 7.95
CA LYS A 2 32.79 20.76 8.97
C LYS A 2 31.94 19.75 9.72
N ILE A 3 31.01 19.09 9.00
CA ILE A 3 30.10 18.11 9.57
C ILE A 3 29.55 17.23 8.44
N SER A 4 29.06 16.03 8.77
CA SER A 4 28.53 15.10 7.79
C SER A 4 27.06 15.38 7.45
N ARG A 5 26.43 16.32 8.18
CA ARG A 5 25.03 16.66 7.98
C ARG A 5 24.77 18.12 8.33
N PRO A 6 25.23 19.06 7.48
CA PRO A 6 25.07 20.49 7.68
C PRO A 6 23.62 20.92 7.44
N GLY A 7 22.79 20.05 6.87
CA GLY A 7 21.38 20.34 6.61
C GLY A 7 20.56 20.25 7.89
N ASP A 8 19.27 20.54 7.79
CA ASP A 8 18.36 20.49 8.92
C ASP A 8 16.98 19.97 8.49
N SER A 9 16.23 19.42 9.46
CA SER A 9 14.91 18.82 9.25
C SER A 9 14.90 17.64 8.27
N ASP A 10 16.00 17.40 7.56
CA ASP A 10 16.16 16.31 6.60
C ASP A 10 15.00 16.24 5.58
N ASP A 11 14.34 17.38 5.33
CA ASP A 11 13.21 17.46 4.42
C ASP A 11 12.11 16.45 4.78
N SER A 12 12.04 16.05 6.05
CA SER A 12 11.10 15.05 6.57
C SER A 12 11.21 13.70 5.86
N ARG A 13 12.26 13.50 5.06
CA ARG A 13 12.51 12.31 4.24
C ARG A 13 11.41 12.00 3.23
N SER A 14 11.81 11.44 2.09
CA SER A 14 10.89 11.01 1.05
C SER A 14 11.54 9.92 0.21
N VAL A 15 10.73 9.08 -0.44
CA VAL A 15 11.23 8.00 -1.28
C VAL A 15 10.34 7.85 -2.52
N ASN A 16 9.15 7.27 -2.35
CA ASN A 16 8.21 7.03 -3.43
C ASN A 16 6.80 6.83 -2.86
N SER A 17 5.80 6.84 -3.73
CA SER A 17 4.40 6.65 -3.36
C SER A 17 4.01 5.18 -3.38
N VAL A 18 5.01 4.28 -3.46
CA VAL A 18 4.78 2.84 -3.55
C VAL A 18 5.26 2.13 -2.29
N LEU A 19 4.49 1.14 -1.83
CA LEU A 19 4.77 0.41 -0.60
C LEU A 19 4.72 -1.10 -0.84
N LEU A 20 5.29 -1.83 0.12
CA LEU A 20 5.30 -3.27 0.16
C LEU A 20 4.71 -3.72 1.50
N PHE A 21 3.80 -4.70 1.45
CA PHE A 21 3.09 -5.20 2.62
C PHE A 21 3.39 -6.68 2.81
N THR A 22 3.52 -7.10 4.07
CA THR A 22 3.72 -8.50 4.42
C THR A 22 2.85 -8.84 5.62
N ILE A 23 2.32 -10.07 5.66
CA ILE A 23 1.49 -10.53 6.76
C ILE A 23 2.29 -11.56 7.56
N LEU A 24 2.21 -11.49 8.89
CA LEU A 24 3.02 -12.35 9.76
C LEU A 24 2.31 -13.64 10.14
N ASN A 25 0.99 -13.59 10.32
CA ASN A 25 0.18 -14.74 10.72
C ASN A 25 -1.06 -14.82 9.83
N PRO A 26 -0.90 -15.14 8.54
CA PRO A 26 -1.96 -15.16 7.56
C PRO A 26 -2.89 -16.37 7.73
N ILE A 27 -3.65 -16.41 8.83
CA ILE A 27 -4.63 -17.46 9.07
C ILE A 27 -5.98 -17.12 8.44
N TYR A 28 -6.10 -15.91 7.89
CA TYR A 28 -7.30 -15.45 7.20
C TYR A 28 -6.92 -14.92 5.83
N SER A 29 -7.92 -14.66 4.97
CA SER A 29 -7.68 -14.22 3.60
C SER A 29 -7.48 -12.72 3.53
N ILE A 30 -6.76 -12.27 2.48
CA ILE A 30 -6.52 -10.87 2.20
C ILE A 30 -6.74 -10.63 0.71
N THR A 31 -7.38 -9.53 0.35
CA THR A 31 -7.70 -9.20 -1.03
C THR A 31 -7.57 -7.71 -1.27
N THR A 32 -7.72 -7.28 -2.52
CA THR A 32 -7.63 -5.87 -2.89
C THR A 32 -8.72 -5.06 -2.19
N ASP A 33 -9.84 -5.70 -1.83
CA ASP A 33 -10.94 -5.03 -1.18
C ASP A 33 -10.65 -4.84 0.32
N VAL A 34 -9.78 -5.66 0.89
CA VAL A 34 -9.39 -5.54 2.29
C VAL A 34 -8.28 -4.51 2.43
N LEU A 35 -7.34 -4.49 1.47
CA LEU A 35 -6.21 -3.59 1.52
C LEU A 35 -6.63 -2.17 1.12
N TYR A 36 -7.72 -2.03 0.36
CA TYR A 36 -8.19 -0.71 -0.04
C TYR A 36 -8.96 -0.03 1.09
N THR A 37 -9.69 -0.79 1.90
CA THR A 37 -10.49 -0.20 2.96
C THR A 37 -9.61 0.23 4.14
N ILE A 38 -8.41 -0.36 4.27
CA ILE A 38 -7.49 0.07 5.32
C ILE A 38 -6.56 1.18 4.83
N CYS A 39 -6.33 1.30 3.52
CA CYS A 39 -5.44 2.31 2.97
C CYS A 39 -6.19 3.57 2.55
N ASN A 40 -7.51 3.48 2.34
CA ASN A 40 -8.31 4.63 1.93
C ASN A 40 -8.26 5.78 2.95
N PRO A 41 -8.37 5.53 4.27
CA PRO A 41 -8.32 6.61 5.25
C PRO A 41 -6.91 7.19 5.40
N CYS A 42 -5.91 6.61 4.73
CA CYS A 42 -4.55 7.11 4.77
C CYS A 42 -4.27 8.01 3.55
N GLY A 43 -5.21 8.10 2.62
CA GLY A 43 -5.07 8.90 1.42
C GLY A 43 -5.59 8.16 0.18
N PRO A 44 -5.63 8.84 -0.97
CA PRO A 44 -6.10 8.29 -2.22
C PRO A 44 -5.15 7.21 -2.74
N VAL A 45 -5.67 5.99 -2.87
CA VAL A 45 -4.92 4.85 -3.43
C VAL A 45 -5.13 4.84 -4.95
N GLN A 46 -4.16 4.31 -5.69
CA GLN A 46 -4.23 4.25 -7.14
C GLN A 46 -4.33 2.80 -7.63
N ARG A 47 -3.65 1.86 -6.96
CA ARG A 47 -3.73 0.45 -7.33
C ARG A 47 -3.18 -0.46 -6.24
N ILE A 48 -3.57 -1.73 -6.28
CA ILE A 48 -3.18 -2.75 -5.31
C ILE A 48 -2.98 -4.08 -6.03
N VAL A 49 -2.04 -4.89 -5.54
CA VAL A 49 -1.79 -6.24 -6.07
C VAL A 49 -1.33 -7.15 -4.94
N ILE A 50 -1.73 -8.42 -4.99
CA ILE A 50 -1.41 -9.42 -3.98
C ILE A 50 -0.39 -10.42 -4.54
N PHE A 51 0.44 -11.00 -3.66
CA PHE A 51 1.40 -12.02 -4.01
C PHE A 51 1.35 -13.12 -2.94
N ARG A 52 1.55 -14.37 -3.35
CA ARG A 52 1.43 -15.51 -2.45
C ARG A 52 2.41 -16.64 -2.80
N LYS A 53 3.47 -16.33 -3.54
CA LYS A 53 4.48 -17.32 -3.92
C LYS A 53 5.28 -17.78 -2.70
N ASN A 54 5.25 -17.00 -1.62
CA ASN A 54 5.82 -17.35 -0.33
C ASN A 54 5.12 -16.53 0.74
N GLY A 55 4.48 -17.21 1.71
CA GLY A 55 3.68 -16.51 2.71
C GLY A 55 2.56 -15.72 2.02
N VAL A 56 2.21 -14.57 2.57
CA VAL A 56 1.25 -13.67 1.94
C VAL A 56 1.80 -12.26 1.96
N GLN A 57 1.73 -11.57 0.82
CA GLN A 57 2.25 -10.22 0.65
C GLN A 57 1.37 -9.43 -0.31
N ALA A 58 1.58 -8.12 -0.38
CA ALA A 58 0.86 -7.25 -1.29
C ALA A 58 1.64 -5.97 -1.53
N MET A 59 1.23 -5.18 -2.52
CA MET A 59 1.85 -3.89 -2.81
C MET A 59 0.77 -2.86 -3.08
N VAL A 60 1.05 -1.59 -2.77
CA VAL A 60 0.08 -0.51 -2.91
C VAL A 60 0.77 0.72 -3.51
N GLU A 61 0.01 1.53 -4.26
CA GLU A 61 0.50 2.78 -4.80
C GLU A 61 -0.52 3.88 -4.53
N PHE A 62 -0.03 5.08 -4.20
CA PHE A 62 -0.87 6.23 -3.87
C PHE A 62 -0.64 7.35 -4.88
N ASP A 63 -1.50 8.38 -4.84
CA ASP A 63 -1.42 9.52 -5.75
C ASP A 63 -0.31 10.48 -5.32
N SER A 64 0.20 10.33 -4.10
CA SER A 64 1.29 11.15 -3.60
C SER A 64 2.11 10.39 -2.56
N VAL A 65 3.36 10.81 -2.37
CA VAL A 65 4.23 10.21 -1.37
C VAL A 65 3.75 10.55 0.03
N GLN A 66 3.02 11.67 0.18
CA GLN A 66 2.51 12.08 1.47
C GLN A 66 1.43 11.10 1.95
N SER A 67 0.71 10.49 1.01
CA SER A 67 -0.31 9.50 1.34
C SER A 67 0.33 8.16 1.65
N ALA A 68 1.50 7.88 1.06
CA ALA A 68 2.23 6.65 1.34
C ALA A 68 2.98 6.76 2.66
N GLN A 69 3.35 7.98 3.08
CA GLN A 69 4.00 8.21 4.36
C GLN A 69 3.00 7.98 5.49
N ARG A 70 1.73 8.35 5.28
CA ARG A 70 0.70 8.16 6.28
C ARG A 70 0.25 6.70 6.31
N ALA A 71 0.36 5.99 5.18
CA ALA A 71 -0.09 4.61 5.10
C ALA A 71 0.75 3.69 5.97
N LYS A 72 2.08 3.73 5.85
CA LYS A 72 2.91 2.87 6.67
C LYS A 72 3.02 3.41 8.10
N ALA A 73 2.62 4.66 8.33
CA ALA A 73 2.63 5.23 9.66
C ALA A 73 1.33 4.93 10.41
N SER A 74 0.32 4.38 9.71
CA SER A 74 -0.96 4.06 10.33
C SER A 74 -1.36 2.60 10.12
N LEU A 75 -0.56 1.81 9.40
CA LEU A 75 -0.89 0.41 9.13
C LEU A 75 0.26 -0.56 9.45
N ASN A 76 1.43 -0.05 9.85
CA ASN A 76 2.53 -0.94 10.20
C ASN A 76 2.28 -1.50 11.60
N GLY A 77 2.39 -2.82 11.75
CA GLY A 77 2.11 -3.48 13.02
C GLY A 77 0.61 -3.54 13.31
N ALA A 78 -0.23 -3.14 12.36
CA ALA A 78 -1.68 -3.11 12.54
C ALA A 78 -2.29 -4.51 12.41
N ASP A 79 -3.60 -4.60 12.64
CA ASP A 79 -4.34 -5.85 12.63
C ASP A 79 -5.67 -5.63 11.90
N ILE A 80 -6.14 -6.64 11.16
CA ILE A 80 -7.34 -6.52 10.35
C ILE A 80 -8.50 -7.34 10.94
N TYR A 81 -8.20 -8.33 11.79
CA TYR A 81 -9.21 -9.23 12.33
C TYR A 81 -9.16 -9.30 13.85
N SER A 82 -8.71 -8.21 14.48
CA SER A 82 -8.53 -8.08 15.93
C SER A 82 -7.74 -9.24 16.53
N GLY A 83 -6.94 -9.91 15.69
CA GLY A 83 -6.10 -11.03 16.08
C GLY A 83 -5.50 -11.68 14.83
N CYS A 84 -4.21 -11.99 14.89
CA CYS A 84 -3.44 -12.54 13.78
C CYS A 84 -3.52 -11.66 12.54
N CYS A 85 -2.98 -12.14 11.41
CA CYS A 85 -2.89 -11.39 10.18
C CYS A 85 -2.24 -10.02 10.39
N THR A 86 -1.32 -9.92 11.36
CA THR A 86 -0.64 -8.68 11.67
C THR A 86 0.11 -8.17 10.44
N LEU A 87 0.09 -6.85 10.22
CA LEU A 87 0.70 -6.24 9.05
C LEU A 87 2.13 -5.77 9.33
N LYS A 88 2.92 -5.68 8.26
CA LYS A 88 4.28 -5.17 8.28
C LYS A 88 4.51 -4.45 6.96
N ILE A 89 5.06 -3.23 6.99
CA ILE A 89 5.17 -2.39 5.80
C ILE A 89 6.56 -1.80 5.63
N GLU A 90 6.97 -1.62 4.37
CA GLU A 90 8.20 -0.96 3.98
C GLU A 90 8.01 -0.34 2.59
N TYR A 91 8.98 0.43 2.11
CA TYR A 91 8.89 1.02 0.78
C TYR A 91 9.37 0.04 -0.27
N ALA A 92 8.70 0.03 -1.43
CA ALA A 92 9.10 -0.83 -2.54
C ALA A 92 10.16 -0.13 -3.40
N LYS A 93 10.78 -0.87 -4.32
CA LYS A 93 11.85 -0.33 -5.16
C LYS A 93 11.39 0.41 -6.43
N PRO A 94 10.23 0.11 -7.03
CA PRO A 94 9.77 0.83 -8.21
C PRO A 94 9.08 2.14 -7.80
N THR A 95 8.89 3.05 -8.76
CA THR A 95 8.22 4.32 -8.49
C THR A 95 6.73 4.25 -8.80
N ARG A 96 6.28 3.13 -9.38
CA ARG A 96 4.88 2.88 -9.67
C ARG A 96 4.65 1.37 -9.80
N LEU A 97 3.38 0.96 -9.83
CA LEU A 97 3.00 -0.45 -9.99
C LEU A 97 2.13 -0.62 -11.24
N ASN A 98 1.81 -1.86 -11.61
CA ASN A 98 1.01 -2.14 -12.79
C ASN A 98 -0.14 -3.09 -12.44
N VAL A 99 -1.19 -3.08 -13.25
CA VAL A 99 -2.39 -3.88 -13.06
C VAL A 99 -2.84 -4.44 -14.41
N PHE A 100 -3.50 -5.60 -14.40
CA PHE A 100 -3.89 -6.28 -15.63
C PHE A 100 -5.39 -6.58 -15.65
N LYS A 101 -6.05 -6.46 -14.49
CA LYS A 101 -7.48 -6.76 -14.33
C LYS A 101 -7.98 -6.17 -13.02
N ASN A 102 -9.29 -6.26 -12.78
CA ASN A 102 -9.90 -5.81 -11.53
C ASN A 102 -10.60 -7.00 -10.88
N ASP A 103 -9.92 -7.61 -9.90
CA ASP A 103 -10.45 -8.73 -9.12
C ASP A 103 -9.84 -8.73 -7.73
N GLN A 104 -10.05 -9.82 -6.98
CA GLN A 104 -9.60 -9.93 -5.59
C GLN A 104 -8.09 -10.08 -5.45
N ASP A 105 -7.35 -10.19 -6.57
CA ASP A 105 -5.90 -10.38 -6.53
C ASP A 105 -5.16 -9.15 -7.03
N THR A 106 -5.79 -8.33 -7.87
CA THR A 106 -5.22 -7.06 -8.30
C THR A 106 -6.35 -6.13 -8.76
N TRP A 107 -6.20 -4.82 -8.50
CA TRP A 107 -7.22 -3.86 -8.85
C TRP A 107 -6.61 -2.48 -9.09
N ASP A 108 -7.19 -1.69 -9.99
CA ASP A 108 -6.74 -0.34 -10.27
C ASP A 108 -7.89 0.64 -10.03
N TYR A 109 -7.59 1.75 -9.35
CA TYR A 109 -8.59 2.72 -8.92
C TYR A 109 -8.42 4.06 -9.64
N THR A 110 -7.55 4.13 -10.64
CA THR A 110 -7.33 5.34 -11.43
C THR A 110 -7.43 5.04 -12.93
N ASN A 111 -7.76 3.78 -13.26
CA ASN A 111 -7.94 3.30 -14.62
C ASN A 111 -9.17 3.98 -15.23
N PRO A 112 -9.04 4.58 -16.43
CA PRO A 112 -10.13 5.29 -17.08
C PRO A 112 -11.29 4.37 -17.47
N ASN A 113 -11.12 3.06 -17.31
CA ASN A 113 -12.19 2.08 -17.57
C ASN A 113 -13.04 1.85 -16.32
N LEU A 114 -12.74 2.55 -15.22
CA LEU A 114 -13.50 2.44 -13.99
C LEU A 114 -13.70 3.82 -13.35
N SER A 115 -12.74 4.74 -13.56
CA SER A 115 -12.84 6.10 -13.05
C SER A 115 -13.70 6.95 -13.97
N GLY A 116 -14.11 8.14 -13.52
CA GLY A 116 -14.93 9.05 -14.31
C GLY A 116 -14.14 9.59 -15.50
N GLN A 117 -14.86 10.05 -16.53
CA GLN A 117 -14.28 10.60 -17.75
C GLN A 117 -14.94 11.94 -18.12
N GLY A 118 -15.79 12.46 -17.24
CA GLY A 118 -16.49 13.72 -17.48
C GLY A 118 -17.44 14.03 -16.33
N GLN A 1 25.39 28.37 3.49
CA GLN A 1 24.06 28.58 2.89
C GLN A 1 23.35 27.25 2.68
N LYS A 2 22.04 27.31 2.44
CA LYS A 2 21.21 26.13 2.20
C LYS A 2 20.10 26.48 1.20
N ILE A 3 19.53 25.46 0.56
CA ILE A 3 18.46 25.64 -0.42
C ILE A 3 17.22 26.24 0.24
N SER A 4 16.41 26.94 -0.56
CA SER A 4 15.20 27.61 -0.08
C SER A 4 14.02 26.65 0.07
N ARG A 5 14.25 25.35 -0.16
CA ARG A 5 13.24 24.32 -0.06
C ARG A 5 13.81 23.12 0.72
N PRO A 6 14.23 23.34 1.97
CA PRO A 6 14.94 22.34 2.76
C PRO A 6 13.99 21.27 3.31
N GLY A 7 12.68 21.47 3.22
CA GLY A 7 11.71 20.53 3.76
C GLY A 7 10.26 20.93 3.51
N ASP A 8 10.03 21.98 2.70
CA ASP A 8 8.66 22.42 2.41
C ASP A 8 7.96 21.41 1.50
N SER A 9 6.68 21.16 1.75
CA SER A 9 5.87 20.17 1.05
C SER A 9 6.50 18.78 1.09
N ASP A 10 5.91 17.82 0.36
CA ASP A 10 6.36 16.44 0.31
C ASP A 10 6.55 15.82 1.69
N ASP A 11 5.83 16.34 2.70
CA ASP A 11 5.91 15.87 4.09
C ASP A 11 7.35 15.87 4.61
N SER A 12 8.22 16.68 3.99
CA SER A 12 9.64 16.77 4.32
C SER A 12 10.39 15.43 4.22
N ARG A 13 9.74 14.40 3.66
CA ARG A 13 10.36 13.09 3.45
C ARG A 13 9.66 12.37 2.30
N SER A 14 10.42 11.93 1.31
CA SER A 14 9.87 11.25 0.14
C SER A 14 10.91 10.37 -0.54
N VAL A 15 10.44 9.33 -1.23
CA VAL A 15 11.30 8.48 -2.05
C VAL A 15 10.50 7.88 -3.21
N ASN A 16 9.29 7.37 -2.93
CA ASN A 16 8.34 6.92 -3.93
C ASN A 16 6.96 6.78 -3.30
N SER A 17 5.91 6.69 -4.13
CA SER A 17 4.54 6.59 -3.67
C SER A 17 4.04 5.15 -3.63
N VAL A 18 4.97 4.18 -3.69
CA VAL A 18 4.63 2.75 -3.69
C VAL A 18 5.22 2.05 -2.48
N LEU A 19 4.47 1.08 -1.95
CA LEU A 19 4.84 0.37 -0.72
C LEU A 19 4.78 -1.14 -0.92
N LEU A 20 5.36 -1.86 0.03
CA LEU A 20 5.38 -3.31 0.08
C LEU A 20 4.82 -3.74 1.44
N PHE A 21 3.91 -4.73 1.43
CA PHE A 21 3.23 -5.22 2.62
C PHE A 21 3.54 -6.70 2.80
N THR A 22 3.59 -7.13 4.07
CA THR A 22 3.76 -8.54 4.42
C THR A 22 2.80 -8.86 5.56
N ILE A 23 2.17 -10.04 5.50
CA ILE A 23 1.24 -10.47 6.53
C ILE A 23 1.94 -11.51 7.41
N LEU A 24 1.77 -11.39 8.73
CA LEU A 24 2.47 -12.27 9.67
C LEU A 24 1.55 -13.36 10.23
N ASN A 25 0.23 -13.19 10.09
CA ASN A 25 -0.76 -14.14 10.57
C ASN A 25 -1.88 -14.26 9.53
N PRO A 26 -1.58 -14.81 8.34
CA PRO A 26 -2.50 -14.93 7.22
C PRO A 26 -3.53 -16.04 7.46
N ILE A 27 -4.06 -16.15 8.67
CA ILE A 27 -5.01 -17.19 9.04
C ILE A 27 -6.43 -16.86 8.52
N TYR A 28 -6.59 -15.71 7.88
CA TYR A 28 -7.83 -15.30 7.24
C TYR A 28 -7.53 -14.79 5.83
N SER A 29 -8.56 -14.65 5.00
CA SER A 29 -8.39 -14.26 3.61
C SER A 29 -8.05 -12.78 3.49
N ILE A 30 -7.28 -12.44 2.45
CA ILE A 30 -6.88 -11.07 2.13
C ILE A 30 -7.03 -10.87 0.64
N THR A 31 -7.56 -9.70 0.24
CA THR A 31 -7.80 -9.37 -1.16
C THR A 31 -7.57 -7.88 -1.39
N THR A 32 -7.66 -7.44 -2.64
CA THR A 32 -7.49 -6.04 -2.99
C THR A 32 -8.57 -5.18 -2.35
N ASP A 33 -9.71 -5.78 -2.00
CA ASP A 33 -10.81 -5.06 -1.37
C ASP A 33 -10.57 -4.90 0.13
N VAL A 34 -9.81 -5.82 0.74
CA VAL A 34 -9.49 -5.74 2.16
C VAL A 34 -8.34 -4.78 2.40
N LEU A 35 -7.37 -4.75 1.48
CA LEU A 35 -6.24 -3.86 1.60
C LEU A 35 -6.63 -2.44 1.22
N TYR A 36 -7.67 -2.27 0.40
CA TYR A 36 -8.12 -0.94 0.02
C TYR A 36 -8.90 -0.28 1.16
N THR A 37 -9.69 -1.06 1.92
CA THR A 37 -10.51 -0.47 2.96
C THR A 37 -9.69 -0.14 4.21
N ILE A 38 -8.51 -0.75 4.36
CA ILE A 38 -7.62 -0.40 5.48
C ILE A 38 -6.61 0.67 5.08
N CYS A 39 -6.42 0.91 3.78
CA CYS A 39 -5.52 1.97 3.31
C CYS A 39 -6.27 3.24 2.94
N ASN A 40 -7.57 3.15 2.65
CA ASN A 40 -8.39 4.30 2.28
C ASN A 40 -8.41 5.40 3.35
N PRO A 41 -8.56 5.08 4.65
CA PRO A 41 -8.56 6.09 5.70
C PRO A 41 -7.17 6.69 5.93
N CYS A 42 -6.13 6.11 5.32
CA CYS A 42 -4.77 6.61 5.46
C CYS A 42 -4.39 7.53 4.29
N GLY A 43 -5.10 7.42 3.16
CA GLY A 43 -4.88 8.26 2.00
C GLY A 43 -5.53 7.65 0.75
N PRO A 44 -5.62 8.43 -0.33
CA PRO A 44 -6.20 8.00 -1.60
C PRO A 44 -5.30 6.97 -2.27
N VAL A 45 -5.78 5.72 -2.36
CA VAL A 45 -5.08 4.63 -3.02
C VAL A 45 -5.37 4.66 -4.51
N GLN A 46 -4.44 4.18 -5.34
CA GLN A 46 -4.58 4.16 -6.78
C GLN A 46 -4.61 2.73 -7.31
N ARG A 47 -3.83 1.83 -6.71
CA ARG A 47 -3.84 0.42 -7.11
C ARG A 47 -3.22 -0.49 -6.06
N ILE A 48 -3.58 -1.77 -6.11
CA ILE A 48 -3.13 -2.80 -5.19
C ILE A 48 -2.95 -4.13 -5.94
N VAL A 49 -1.96 -4.93 -5.52
CA VAL A 49 -1.73 -6.26 -6.07
C VAL A 49 -1.21 -7.18 -4.97
N ILE A 50 -1.62 -8.46 -5.00
CA ILE A 50 -1.25 -9.45 -4.01
C ILE A 50 -0.25 -10.44 -4.60
N PHE A 51 0.61 -11.00 -3.74
CA PHE A 51 1.58 -12.02 -4.13
C PHE A 51 1.59 -13.13 -3.07
N ARG A 52 1.89 -14.36 -3.50
CA ARG A 52 1.89 -15.53 -2.62
C ARG A 52 3.01 -16.50 -2.96
N LYS A 53 4.04 -16.04 -3.68
CA LYS A 53 5.17 -16.88 -4.06
C LYS A 53 5.93 -17.34 -2.81
N ASN A 54 5.87 -16.54 -1.74
CA ASN A 54 6.43 -16.88 -0.44
C ASN A 54 5.59 -16.18 0.63
N GLY A 55 5.01 -16.95 1.56
CA GLY A 55 4.13 -16.38 2.57
C GLY A 55 2.97 -15.66 1.89
N VAL A 56 2.51 -14.56 2.48
CA VAL A 56 1.48 -13.72 1.89
C VAL A 56 1.97 -12.27 1.93
N GLN A 57 1.93 -11.61 0.77
CA GLN A 57 2.42 -10.24 0.61
C GLN A 57 1.52 -9.47 -0.35
N ALA A 58 1.68 -8.15 -0.38
CA ALA A 58 0.93 -7.28 -1.28
C ALA A 58 1.70 -5.99 -1.52
N MET A 59 1.26 -5.19 -2.48
CA MET A 59 1.84 -3.89 -2.77
C MET A 59 0.73 -2.86 -2.95
N VAL A 60 1.01 -1.60 -2.62
CA VAL A 60 0.01 -0.54 -2.65
C VAL A 60 0.63 0.73 -3.25
N GLU A 61 -0.20 1.53 -3.92
CA GLU A 61 0.22 2.78 -4.53
C GLU A 61 -0.80 3.87 -4.23
N PHE A 62 -0.32 5.08 -3.94
CA PHE A 62 -1.15 6.22 -3.60
C PHE A 62 -0.98 7.35 -4.61
N ASP A 63 -1.86 8.35 -4.54
CA ASP A 63 -1.87 9.46 -5.48
C ASP A 63 -0.75 10.46 -5.15
N SER A 64 -0.16 10.35 -3.97
CA SER A 64 0.93 11.20 -3.54
C SER A 64 1.83 10.44 -2.58
N VAL A 65 3.13 10.78 -2.56
CA VAL A 65 4.07 10.16 -1.66
C VAL A 65 3.73 10.54 -0.22
N GLN A 66 3.08 11.69 -0.01
CA GLN A 66 2.70 12.14 1.32
C GLN A 66 1.64 11.20 1.90
N SER A 67 0.85 10.56 1.03
CA SER A 67 -0.18 9.63 1.44
C SER A 67 0.42 8.26 1.73
N ALA A 68 1.56 7.95 1.10
CA ALA A 68 2.27 6.70 1.35
C ALA A 68 3.09 6.82 2.63
N GLN A 69 3.51 8.03 3.00
CA GLN A 69 4.22 8.27 4.25
C GLN A 69 3.27 8.07 5.43
N ARG A 70 2.00 8.46 5.28
CA ARG A 70 1.00 8.29 6.32
C ARG A 70 0.48 6.85 6.34
N ALA A 71 0.57 6.14 5.22
CA ALA A 71 0.07 4.78 5.13
C ALA A 71 0.91 3.84 6.00
N LYS A 72 2.24 3.83 5.83
CA LYS A 72 3.06 2.95 6.65
C LYS A 72 3.23 3.48 8.07
N ALA A 73 2.93 4.76 8.30
CA ALA A 73 3.01 5.34 9.63
C ALA A 73 1.74 5.07 10.44
N SER A 74 0.68 4.54 9.82
CA SER A 74 -0.57 4.25 10.49
C SER A 74 -1.01 2.79 10.33
N LEU A 75 -0.29 1.99 9.53
CA LEU A 75 -0.68 0.60 9.26
C LEU A 75 0.45 -0.39 9.53
N ASN A 76 1.65 0.07 9.88
CA ASN A 76 2.73 -0.86 10.17
C ASN A 76 2.51 -1.42 11.58
N GLY A 77 2.60 -2.75 11.72
CA GLY A 77 2.36 -3.41 12.99
C GLY A 77 0.86 -3.49 13.33
N ALA A 78 0.00 -3.05 12.41
CA ALA A 78 -1.44 -3.07 12.60
C ALA A 78 -2.00 -4.48 12.38
N ASP A 79 -3.33 -4.61 12.50
CA ASP A 79 -4.04 -5.85 12.28
C ASP A 79 -5.36 -5.55 11.57
N ILE A 80 -5.99 -6.57 10.99
CA ILE A 80 -7.23 -6.39 10.27
C ILE A 80 -8.37 -7.19 10.92
N TYR A 81 -8.04 -8.22 11.72
CA TYR A 81 -9.05 -9.07 12.33
C TYR A 81 -8.71 -9.39 13.78
N SER A 82 -9.02 -8.46 14.69
CA SER A 82 -8.84 -8.64 16.13
C SER A 82 -7.44 -9.14 16.50
N GLY A 83 -6.41 -8.58 15.86
CA GLY A 83 -5.02 -8.94 16.12
C GLY A 83 -4.47 -9.98 15.12
N CYS A 84 -5.33 -10.49 14.22
CA CYS A 84 -4.93 -11.44 13.20
C CYS A 84 -4.65 -10.71 11.89
N CYS A 85 -4.03 -11.39 10.92
CA CYS A 85 -3.58 -10.77 9.68
C CYS A 85 -2.73 -9.53 9.97
N THR A 86 -1.83 -9.65 10.95
CA THR A 86 -0.93 -8.57 11.35
C THR A 86 -0.14 -8.08 10.15
N LEU A 87 0.02 -6.76 10.03
CA LEU A 87 0.68 -6.14 8.89
C LEU A 87 2.10 -5.72 9.22
N LYS A 88 2.93 -5.65 8.18
CA LYS A 88 4.29 -5.14 8.24
C LYS A 88 4.57 -4.43 6.93
N ILE A 89 5.09 -3.20 6.99
CA ILE A 89 5.20 -2.37 5.80
C ILE A 89 6.60 -1.79 5.62
N GLU A 90 6.99 -1.63 4.36
CA GLU A 90 8.24 -1.00 3.95
C GLU A 90 8.05 -0.42 2.55
N TYR A 91 9.04 0.33 2.05
CA TYR A 91 8.94 0.89 0.71
C TYR A 91 9.38 -0.12 -0.34
N ALA A 92 8.73 -0.09 -1.50
CA ALA A 92 9.04 -1.00 -2.60
C ALA A 92 10.16 -0.44 -3.47
N LYS A 93 10.73 -1.28 -4.35
CA LYS A 93 11.86 -0.90 -5.18
C LYS A 93 11.51 -0.11 -6.46
N PRO A 94 10.32 -0.26 -7.06
CA PRO A 94 9.97 0.51 -8.25
C PRO A 94 9.43 1.88 -7.86
N THR A 95 9.02 2.67 -8.84
CA THR A 95 8.44 4.00 -8.60
C THR A 95 6.96 4.02 -8.96
N ARG A 96 6.45 2.96 -9.60
CA ARG A 96 5.05 2.84 -9.99
C ARG A 96 4.71 1.36 -10.15
N LEU A 97 3.54 0.95 -9.65
CA LEU A 97 3.07 -0.43 -9.75
C LEU A 97 2.31 -0.66 -11.06
N ASN A 98 1.95 -1.90 -11.36
CA ASN A 98 1.23 -2.24 -12.58
C ASN A 98 0.03 -3.15 -12.29
N VAL A 99 -1.01 -3.03 -13.10
CA VAL A 99 -2.25 -3.81 -12.97
C VAL A 99 -2.70 -4.22 -14.37
N PHE A 100 -3.40 -5.36 -14.47
CA PHE A 100 -3.74 -5.94 -15.76
C PHE A 100 -5.25 -6.16 -15.89
N LYS A 101 -5.96 -6.28 -14.76
CA LYS A 101 -7.40 -6.43 -14.70
C LYS A 101 -7.86 -6.10 -13.28
N ASN A 102 -9.18 -6.13 -13.05
CA ASN A 102 -9.75 -5.89 -11.73
C ASN A 102 -10.34 -7.18 -11.18
N ASP A 103 -9.70 -7.73 -10.15
CA ASP A 103 -10.16 -8.92 -9.45
C ASP A 103 -9.64 -8.91 -8.01
N GLN A 104 -9.88 -9.98 -7.24
CA GLN A 104 -9.53 -10.03 -5.84
C GLN A 104 -8.03 -10.15 -5.58
N ASP A 105 -7.20 -10.23 -6.62
CA ASP A 105 -5.76 -10.39 -6.47
C ASP A 105 -4.99 -9.20 -7.05
N THR A 106 -5.63 -8.43 -7.95
CA THR A 106 -5.06 -7.20 -8.48
C THR A 106 -6.18 -6.27 -8.92
N TRP A 107 -6.06 -4.98 -8.63
CA TRP A 107 -7.10 -4.01 -8.92
C TRP A 107 -6.54 -2.59 -8.95
N ASP A 108 -7.08 -1.72 -9.80
CA ASP A 108 -6.74 -0.31 -9.79
C ASP A 108 -7.98 0.57 -9.76
N TYR A 109 -7.91 1.63 -8.95
CA TYR A 109 -9.05 2.52 -8.69
C TYR A 109 -8.91 3.84 -9.43
N THR A 110 -7.75 4.06 -10.08
CA THR A 110 -7.53 5.21 -10.95
C THR A 110 -7.98 4.88 -12.38
N ASN A 111 -8.63 3.71 -12.54
CA ASN A 111 -9.08 3.17 -13.80
C ASN A 111 -10.60 3.17 -13.84
N PRO A 112 -11.21 3.68 -14.92
CA PRO A 112 -12.65 3.71 -15.10
C PRO A 112 -13.21 2.32 -15.44
N ASN A 113 -13.08 1.39 -14.49
CA ASN A 113 -13.58 0.02 -14.61
C ASN A 113 -13.10 -0.71 -15.87
N LEU A 114 -11.97 -0.26 -16.46
CA LEU A 114 -11.41 -0.81 -17.68
C LEU A 114 -12.42 -0.82 -18.83
N SER A 115 -13.44 0.05 -18.75
CA SER A 115 -14.48 0.14 -19.77
C SER A 115 -14.86 1.58 -20.09
N GLY A 116 -14.29 2.55 -19.37
CA GLY A 116 -14.58 3.97 -19.59
C GLY A 116 -15.92 4.38 -19.00
N GLN A 117 -16.60 3.46 -18.30
CA GLN A 117 -17.91 3.72 -17.71
C GLN A 117 -17.79 4.28 -16.29
N GLY A 118 -16.56 4.51 -15.82
CA GLY A 118 -16.30 5.09 -14.51
C GLY A 118 -16.67 6.56 -14.47
N GLN A 1 10.79 31.46 8.23
CA GLN A 1 11.45 30.32 8.90
C GLN A 1 10.58 29.76 10.01
N LYS A 2 10.84 28.52 10.43
CA LYS A 2 10.09 27.85 11.50
C LYS A 2 11.00 26.95 12.33
N ILE A 3 10.45 26.41 13.42
CA ILE A 3 11.17 25.52 14.32
C ILE A 3 11.55 24.22 13.59
N SER A 4 12.61 23.55 14.06
CA SER A 4 13.10 22.32 13.45
C SER A 4 12.31 21.10 13.90
N ARG A 5 11.27 21.29 14.72
CA ARG A 5 10.41 20.23 15.23
C ARG A 5 8.95 20.68 15.18
N PRO A 6 8.41 20.92 13.98
CA PRO A 6 7.05 21.38 13.78
C PRO A 6 6.03 20.28 14.09
N GLY A 7 4.79 20.66 14.35
CA GLY A 7 3.71 19.73 14.68
C GLY A 7 3.10 19.08 13.45
N ASP A 8 3.52 19.50 12.26
CA ASP A 8 3.01 18.98 10.99
C ASP A 8 4.10 19.04 9.93
N SER A 9 3.96 18.21 8.88
CA SER A 9 4.93 18.10 7.79
C SER A 9 6.34 17.76 8.31
N ASP A 10 7.33 17.80 7.42
CA ASP A 10 8.71 17.44 7.71
C ASP A 10 8.85 16.00 8.22
N ASP A 11 10.09 15.58 8.49
CA ASP A 11 10.44 14.24 8.94
C ASP A 11 10.07 13.14 7.94
N SER A 12 10.67 11.95 8.13
CA SER A 12 10.52 10.79 7.26
C SER A 12 10.90 11.04 5.80
N ARG A 13 11.42 12.23 5.48
CA ARG A 13 11.86 12.62 4.14
C ARG A 13 10.83 12.20 3.09
N SER A 14 11.30 11.79 1.90
CA SER A 14 10.48 11.30 0.81
C SER A 14 11.29 10.32 -0.02
N VAL A 15 10.63 9.35 -0.65
CA VAL A 15 11.30 8.35 -1.48
C VAL A 15 10.44 8.03 -2.70
N ASN A 16 9.26 7.46 -2.47
CA ASN A 16 8.33 7.08 -3.52
C ASN A 16 6.91 6.90 -2.96
N SER A 17 5.93 6.86 -3.85
CA SER A 17 4.51 6.74 -3.49
C SER A 17 4.03 5.29 -3.48
N VAL A 18 4.98 4.34 -3.41
CA VAL A 18 4.67 2.92 -3.46
C VAL A 18 5.22 2.21 -2.23
N LEU A 19 4.49 1.19 -1.77
CA LEU A 19 4.82 0.47 -0.54
C LEU A 19 4.79 -1.03 -0.76
N LEU A 20 5.40 -1.75 0.19
CA LEU A 20 5.43 -3.20 0.24
C LEU A 20 4.85 -3.65 1.56
N PHE A 21 3.94 -4.62 1.53
CA PHE A 21 3.25 -5.14 2.69
C PHE A 21 3.58 -6.61 2.89
N THR A 22 3.65 -7.04 4.15
CA THR A 22 3.88 -8.44 4.51
C THR A 22 2.96 -8.79 5.66
N ILE A 23 2.45 -10.02 5.67
CA ILE A 23 1.57 -10.49 6.75
C ILE A 23 2.35 -11.48 7.62
N LEU A 24 2.21 -11.36 8.94
CA LEU A 24 3.02 -12.15 9.87
C LEU A 24 2.29 -13.40 10.38
N ASN A 25 0.98 -13.30 10.60
CA ASN A 25 0.18 -14.38 11.17
C ASN A 25 -1.06 -14.64 10.31
N PRO A 26 -0.89 -15.07 9.06
CA PRO A 26 -1.98 -15.26 8.12
C PRO A 26 -2.85 -16.45 8.53
N ILE A 27 -3.99 -16.15 9.15
CA ILE A 27 -5.00 -17.16 9.50
C ILE A 27 -6.35 -16.82 8.87
N TYR A 28 -6.39 -15.74 8.09
CA TYR A 28 -7.57 -15.30 7.35
C TYR A 28 -7.16 -14.85 5.96
N SER A 29 -8.13 -14.72 5.05
CA SER A 29 -7.85 -14.34 3.68
C SER A 29 -7.61 -12.84 3.54
N ILE A 30 -6.90 -12.44 2.49
CA ILE A 30 -6.62 -11.04 2.16
C ILE A 30 -6.83 -10.84 0.66
N THR A 31 -7.47 -9.74 0.28
CA THR A 31 -7.77 -9.43 -1.11
C THR A 31 -7.65 -7.93 -1.36
N THR A 32 -7.81 -7.52 -2.62
CA THR A 32 -7.76 -6.12 -3.01
C THR A 32 -8.84 -5.31 -2.29
N ASP A 33 -9.94 -5.96 -1.91
CA ASP A 33 -11.04 -5.29 -1.24
C ASP A 33 -10.74 -5.10 0.25
N VAL A 34 -9.82 -5.88 0.80
CA VAL A 34 -9.44 -5.78 2.21
C VAL A 34 -8.31 -4.76 2.37
N LEU A 35 -7.37 -4.74 1.42
CA LEU A 35 -6.25 -3.82 1.48
C LEU A 35 -6.68 -2.40 1.10
N TYR A 36 -7.78 -2.27 0.33
CA TYR A 36 -8.25 -0.96 -0.07
C TYR A 36 -9.05 -0.31 1.05
N THR A 37 -9.77 -1.09 1.87
CA THR A 37 -10.59 -0.51 2.93
C THR A 37 -9.73 -0.09 4.11
N ILE A 38 -8.54 -0.68 4.28
CA ILE A 38 -7.65 -0.25 5.35
C ILE A 38 -6.73 0.88 4.89
N CYS A 39 -6.50 1.03 3.58
CA CYS A 39 -5.62 2.08 3.07
C CYS A 39 -6.40 3.33 2.65
N ASN A 40 -7.69 3.20 2.35
CA ASN A 40 -8.52 4.34 1.94
C ASN A 40 -8.58 5.45 3.00
N PRO A 41 -8.77 5.16 4.29
CA PRO A 41 -8.82 6.19 5.32
C PRO A 41 -7.42 6.76 5.60
N CYS A 42 -6.37 6.13 5.09
CA CYS A 42 -5.00 6.59 5.29
C CYS A 42 -4.56 7.50 4.15
N GLY A 43 -5.21 7.42 2.99
CA GLY A 43 -4.90 8.26 1.85
C GLY A 43 -5.55 7.73 0.57
N PRO A 44 -5.55 8.54 -0.50
CA PRO A 44 -6.09 8.16 -1.80
C PRO A 44 -5.23 7.09 -2.45
N VAL A 45 -5.71 5.84 -2.46
CA VAL A 45 -5.05 4.73 -3.13
C VAL A 45 -5.32 4.82 -4.63
N GLN A 46 -4.40 4.31 -5.45
CA GLN A 46 -4.55 4.30 -6.89
C GLN A 46 -4.62 2.88 -7.43
N ARG A 47 -3.86 1.95 -6.85
CA ARG A 47 -3.88 0.56 -7.27
C ARG A 47 -3.25 -0.35 -6.20
N ILE A 48 -3.59 -1.64 -6.26
CA ILE A 48 -3.12 -2.66 -5.31
C ILE A 48 -2.87 -3.98 -6.03
N VAL A 49 -1.85 -4.72 -5.59
CA VAL A 49 -1.56 -6.06 -6.06
C VAL A 49 -1.19 -6.96 -4.88
N ILE A 50 -1.50 -8.25 -4.98
CA ILE A 50 -1.25 -9.21 -3.93
C ILE A 50 -0.48 -10.41 -4.49
N PHE A 51 0.35 -11.02 -3.64
CA PHE A 51 1.12 -12.21 -3.99
C PHE A 51 0.92 -13.25 -2.89
N ARG A 52 0.43 -14.43 -3.27
CA ARG A 52 0.13 -15.49 -2.31
C ARG A 52 0.43 -16.88 -2.90
N LYS A 53 1.24 -16.94 -3.96
CA LYS A 53 1.67 -18.19 -4.56
C LYS A 53 2.88 -18.74 -3.82
N ASN A 54 3.58 -17.87 -3.09
CA ASN A 54 4.68 -18.22 -2.22
C ASN A 54 4.74 -17.17 -1.11
N GLY A 55 4.65 -17.59 0.15
CA GLY A 55 4.52 -16.66 1.26
C GLY A 55 3.22 -15.86 1.10
N VAL A 56 3.13 -14.70 1.75
CA VAL A 56 1.98 -13.83 1.60
C VAL A 56 2.39 -12.35 1.76
N GLN A 57 2.24 -11.58 0.68
CA GLN A 57 2.63 -10.19 0.64
C GLN A 57 1.72 -9.42 -0.31
N ALA A 58 1.82 -8.08 -0.30
CA ALA A 58 1.05 -7.22 -1.19
C ALA A 58 1.80 -5.91 -1.43
N MET A 59 1.32 -5.10 -2.39
CA MET A 59 1.90 -3.81 -2.68
C MET A 59 0.79 -2.80 -2.96
N VAL A 60 1.05 -1.52 -2.65
CA VAL A 60 0.05 -0.47 -2.78
C VAL A 60 0.69 0.78 -3.38
N GLU A 61 -0.11 1.57 -4.11
CA GLU A 61 0.33 2.83 -4.68
C GLU A 61 -0.72 3.91 -4.40
N PHE A 62 -0.24 5.13 -4.09
CA PHE A 62 -1.08 6.26 -3.75
C PHE A 62 -0.88 7.40 -4.74
N ASP A 63 -1.72 8.43 -4.64
CA ASP A 63 -1.68 9.57 -5.55
C ASP A 63 -0.49 10.48 -5.26
N SER A 64 0.13 10.36 -4.08
CA SER A 64 1.30 11.14 -3.73
C SER A 64 2.16 10.41 -2.70
N VAL A 65 3.41 10.85 -2.55
CA VAL A 65 4.31 10.27 -1.57
C VAL A 65 3.85 10.63 -0.16
N GLN A 66 3.12 11.74 0.01
CA GLN A 66 2.64 12.14 1.32
C GLN A 66 1.53 11.20 1.80
N SER A 67 0.81 10.61 0.86
CA SER A 67 -0.24 9.65 1.18
C SER A 67 0.36 8.30 1.54
N ALA A 68 1.53 7.98 0.97
CA ALA A 68 2.23 6.75 1.30
C ALA A 68 2.98 6.88 2.62
N GLN A 69 3.33 8.11 3.01
CA GLN A 69 3.99 8.37 4.29
C GLN A 69 3.01 8.14 5.43
N ARG A 70 1.73 8.51 5.22
CA ARG A 70 0.71 8.32 6.24
C ARG A 70 0.21 6.87 6.26
N ALA A 71 0.32 6.18 5.12
CA ALA A 71 -0.14 4.81 5.02
C ALA A 71 0.70 3.87 5.90
N LYS A 72 2.03 3.93 5.80
CA LYS A 72 2.86 3.06 6.63
C LYS A 72 2.95 3.59 8.06
N ALA A 73 2.59 4.86 8.29
CA ALA A 73 2.57 5.41 9.63
C ALA A 73 1.28 5.05 10.37
N SER A 74 0.29 4.50 9.66
CA SER A 74 -0.99 4.14 10.26
C SER A 74 -1.36 2.67 10.07
N LEU A 75 -0.54 1.89 9.35
CA LEU A 75 -0.83 0.49 9.07
C LEU A 75 0.33 -0.44 9.38
N ASN A 76 1.49 0.09 9.77
CA ASN A 76 2.62 -0.77 10.10
C ASN A 76 2.42 -1.31 11.51
N GLY A 77 2.59 -2.62 11.69
CA GLY A 77 2.36 -3.28 12.98
C GLY A 77 0.87 -3.35 13.31
N ALA A 78 0.00 -2.94 12.37
CA ALA A 78 -1.44 -2.98 12.55
C ALA A 78 -2.00 -4.38 12.31
N ASP A 79 -3.31 -4.54 12.49
CA ASP A 79 -4.02 -5.79 12.25
C ASP A 79 -5.37 -5.50 11.59
N ILE A 80 -5.95 -6.50 10.95
CA ILE A 80 -7.19 -6.32 10.19
C ILE A 80 -8.37 -7.05 10.84
N TYR A 81 -8.10 -8.05 11.70
CA TYR A 81 -9.15 -8.87 12.30
C TYR A 81 -9.13 -8.79 13.84
N SER A 82 -8.75 -7.63 14.38
CA SER A 82 -8.59 -7.39 15.82
C SER A 82 -7.63 -8.37 16.48
N GLY A 83 -6.86 -9.11 15.68
CA GLY A 83 -5.88 -10.08 16.13
C GLY A 83 -5.40 -10.89 14.94
N CYS A 84 -4.15 -11.37 15.00
CA CYS A 84 -3.50 -12.08 13.90
C CYS A 84 -3.52 -11.28 12.60
N CYS A 85 -3.05 -11.89 11.51
CA CYS A 85 -2.90 -11.23 10.22
C CYS A 85 -2.19 -9.89 10.36
N THR A 86 -1.27 -9.79 11.33
CA THR A 86 -0.53 -8.57 11.63
C THR A 86 0.22 -8.10 10.39
N LEU A 87 0.24 -6.79 10.17
CA LEU A 87 0.86 -6.19 9.01
C LEU A 87 2.27 -5.67 9.31
N LYS A 88 3.08 -5.59 8.26
CA LYS A 88 4.41 -5.00 8.28
C LYS A 88 4.61 -4.26 6.97
N ILE A 89 5.10 -3.02 7.02
CA ILE A 89 5.22 -2.18 5.83
C ILE A 89 6.62 -1.59 5.69
N GLU A 90 7.06 -1.45 4.44
CA GLU A 90 8.30 -0.79 4.06
C GLU A 90 8.14 -0.24 2.65
N TYR A 91 9.06 0.61 2.19
CA TYR A 91 8.97 1.18 0.86
C TYR A 91 9.41 0.16 -0.19
N ALA A 92 8.72 0.14 -1.33
CA ALA A 92 9.06 -0.78 -2.42
C ALA A 92 10.23 -0.22 -3.23
N LYS A 93 10.84 -1.06 -4.08
CA LYS A 93 12.01 -0.67 -4.85
C LYS A 93 11.72 0.12 -6.14
N PRO A 94 10.55 -0.02 -6.81
CA PRO A 94 10.24 0.76 -7.98
C PRO A 94 9.72 2.14 -7.56
N THR A 95 9.42 2.99 -8.53
CA THR A 95 8.84 4.30 -8.26
C THR A 95 7.35 4.33 -8.60
N ARG A 96 6.85 3.26 -9.22
CA ARG A 96 5.44 3.12 -9.55
C ARG A 96 5.05 1.64 -9.63
N LEU A 97 3.74 1.36 -9.68
CA LEU A 97 3.21 0.01 -9.82
C LEU A 97 2.23 -0.03 -11.00
N ASN A 98 1.80 -1.21 -11.40
CA ASN A 98 0.91 -1.38 -12.54
C ASN A 98 -0.10 -2.50 -12.29
N VAL A 99 -1.18 -2.53 -13.09
CA VAL A 99 -2.24 -3.52 -12.99
C VAL A 99 -2.58 -4.01 -14.39
N PHE A 100 -3.16 -5.21 -14.48
CA PHE A 100 -3.45 -5.86 -15.74
C PHE A 100 -4.93 -6.28 -15.84
N LYS A 101 -5.59 -6.38 -14.69
CA LYS A 101 -6.97 -6.83 -14.58
C LYS A 101 -7.50 -6.48 -13.20
N ASN A 102 -8.82 -6.62 -13.00
CA ASN A 102 -9.45 -6.34 -11.73
C ASN A 102 -10.10 -7.61 -11.15
N ASP A 103 -9.50 -8.13 -10.08
CA ASP A 103 -9.99 -9.29 -9.34
C ASP A 103 -9.46 -9.24 -7.90
N GLN A 104 -9.59 -10.35 -7.16
CA GLN A 104 -9.23 -10.39 -5.74
C GLN A 104 -7.71 -10.40 -5.49
N ASP A 105 -6.89 -10.48 -6.54
CA ASP A 105 -5.44 -10.52 -6.39
C ASP A 105 -4.78 -9.27 -6.95
N THR A 106 -5.50 -8.49 -7.78
CA THR A 106 -5.01 -7.23 -8.31
C THR A 106 -6.17 -6.36 -8.75
N TRP A 107 -6.10 -5.05 -8.48
CA TRP A 107 -7.18 -4.14 -8.83
C TRP A 107 -6.64 -2.72 -9.03
N ASP A 108 -7.27 -1.96 -9.92
CA ASP A 108 -6.90 -0.59 -10.20
C ASP A 108 -8.08 0.35 -9.91
N TYR A 109 -7.81 1.46 -9.22
CA TYR A 109 -8.84 2.41 -8.79
C TYR A 109 -8.69 3.77 -9.46
N THR A 110 -7.81 3.88 -10.46
CA THR A 110 -7.62 5.12 -11.22
C THR A 110 -7.66 4.85 -12.73
N ASN A 111 -7.91 3.58 -13.10
CA ASN A 111 -8.04 3.15 -14.48
C ASN A 111 -9.30 3.78 -15.10
N PRO A 112 -9.18 4.49 -16.23
CA PRO A 112 -10.30 5.10 -16.92
C PRO A 112 -11.40 4.09 -17.30
N ASN A 113 -11.10 2.80 -17.32
CA ASN A 113 -12.06 1.76 -17.66
C ASN A 113 -12.95 1.40 -16.47
N LEU A 114 -12.73 2.03 -15.31
CA LEU A 114 -13.56 1.82 -14.13
C LEU A 114 -13.90 3.17 -13.46
N SER A 115 -13.05 4.18 -13.66
CA SER A 115 -13.28 5.49 -13.07
C SER A 115 -14.39 6.24 -13.79
N GLY A 116 -14.79 5.75 -14.97
CA GLY A 116 -15.87 6.35 -15.75
C GLY A 116 -17.24 5.97 -15.18
N GLN A 117 -17.28 5.09 -14.17
CA GLN A 117 -18.52 4.66 -13.55
C GLN A 117 -19.00 5.67 -12.50
N GLY A 118 -18.11 6.59 -12.10
CA GLY A 118 -18.41 7.61 -11.10
C GLY A 118 -18.59 6.99 -9.72
N GLN A 1 29.22 5.02 -2.23
CA GLN A 1 28.87 6.38 -2.69
C GLN A 1 28.14 6.32 -4.03
N LYS A 2 27.24 7.28 -4.27
CA LYS A 2 26.43 7.33 -5.49
C LYS A 2 26.80 8.55 -6.34
N ILE A 3 26.72 9.75 -5.76
CA ILE A 3 27.02 10.98 -6.49
C ILE A 3 27.41 12.10 -5.52
N SER A 4 27.49 11.79 -4.23
CA SER A 4 27.79 12.75 -3.16
C SER A 4 26.83 13.94 -3.10
N ARG A 5 25.74 13.90 -3.87
CA ARG A 5 24.72 14.95 -3.88
C ARG A 5 23.37 14.40 -4.35
N PRO A 6 22.87 13.32 -3.73
CA PRO A 6 21.57 12.75 -4.07
C PRO A 6 20.43 13.65 -3.58
N GLY A 7 20.75 14.61 -2.70
CA GLY A 7 19.79 15.57 -2.17
C GLY A 7 20.40 16.33 -0.99
N ASP A 8 19.77 17.45 -0.60
CA ASP A 8 20.22 18.26 0.51
C ASP A 8 19.06 19.01 1.14
N SER A 9 19.28 19.55 2.35
CA SER A 9 18.31 20.28 3.15
C SER A 9 17.09 19.43 3.53
N ASP A 10 16.48 19.76 4.69
CA ASP A 10 15.32 19.07 5.23
C ASP A 10 15.49 17.55 5.29
N ASP A 11 16.75 17.08 5.31
CA ASP A 11 17.10 15.67 5.29
C ASP A 11 16.47 14.92 4.12
N SER A 12 16.06 15.66 3.08
CA SER A 12 15.37 15.23 1.87
C SER A 12 14.07 14.45 2.10
N ARG A 13 14.14 13.32 2.84
CA ARG A 13 13.02 12.44 3.16
C ARG A 13 12.32 11.89 1.90
N SER A 14 11.42 10.93 2.12
CA SER A 14 10.66 10.25 1.07
C SER A 14 11.54 9.54 0.05
N VAL A 15 10.92 8.70 -0.79
CA VAL A 15 11.62 7.96 -1.82
C VAL A 15 10.67 7.60 -2.98
N ASN A 16 9.45 7.16 -2.66
CA ASN A 16 8.42 6.87 -3.66
C ASN A 16 7.05 6.75 -3.01
N SER A 17 6.00 6.78 -3.81
CA SER A 17 4.62 6.64 -3.34
C SER A 17 4.16 5.19 -3.34
N VAL A 18 5.10 4.25 -3.56
CA VAL A 18 4.81 2.82 -3.65
C VAL A 18 5.29 2.11 -2.39
N LEU A 19 4.47 1.18 -1.88
CA LEU A 19 4.75 0.46 -0.67
C LEU A 19 4.67 -1.05 -0.87
N LEU A 20 5.31 -1.77 0.06
CA LEU A 20 5.32 -3.21 0.12
C LEU A 20 4.69 -3.64 1.44
N PHE A 21 3.76 -4.60 1.38
CA PHE A 21 3.05 -5.10 2.54
C PHE A 21 3.35 -6.58 2.74
N THR A 22 3.49 -7.00 4.00
CA THR A 22 3.72 -8.38 4.35
C THR A 22 2.87 -8.76 5.55
N ILE A 23 2.32 -9.97 5.56
CA ILE A 23 1.50 -10.46 6.65
C ILE A 23 2.33 -11.44 7.48
N LEU A 24 2.26 -11.34 8.80
CA LEU A 24 3.10 -12.14 9.69
C LEU A 24 2.39 -13.41 10.16
N ASN A 25 1.08 -13.35 10.37
CA ASN A 25 0.28 -14.46 10.88
C ASN A 25 -0.95 -14.68 9.99
N PRO A 26 -0.76 -15.02 8.71
CA PRO A 26 -1.86 -15.17 7.77
C PRO A 26 -2.69 -16.40 8.10
N ILE A 27 -3.85 -16.19 8.74
CA ILE A 27 -4.80 -17.26 9.03
C ILE A 27 -6.21 -16.91 8.51
N TYR A 28 -6.35 -15.75 7.85
CA TYR A 28 -7.59 -15.31 7.26
C TYR A 28 -7.33 -14.83 5.83
N SER A 29 -8.40 -14.65 5.05
CA SER A 29 -8.30 -14.27 3.66
C SER A 29 -7.92 -12.80 3.51
N ILE A 30 -7.23 -12.46 2.42
CA ILE A 30 -6.83 -11.10 2.09
C ILE A 30 -7.03 -10.89 0.60
N THR A 31 -7.59 -9.73 0.23
CA THR A 31 -7.86 -9.38 -1.16
C THR A 31 -7.65 -7.89 -1.38
N THR A 32 -7.74 -7.43 -2.62
CA THR A 32 -7.60 -6.01 -2.94
C THR A 32 -8.69 -5.19 -2.27
N ASP A 33 -9.84 -5.79 -1.95
CA ASP A 33 -10.93 -5.10 -1.29
C ASP A 33 -10.66 -4.94 0.20
N VAL A 34 -9.84 -5.82 0.77
CA VAL A 34 -9.50 -5.74 2.19
C VAL A 34 -8.35 -4.76 2.40
N LEU A 35 -7.40 -4.73 1.47
CA LEU A 35 -6.27 -3.82 1.58
C LEU A 35 -6.67 -2.40 1.21
N TYR A 36 -7.73 -2.24 0.42
CA TYR A 36 -8.19 -0.91 0.04
C TYR A 36 -9.01 -0.27 1.16
N THR A 37 -9.77 -1.07 1.92
CA THR A 37 -10.61 -0.51 2.97
C THR A 37 -9.77 -0.09 4.18
N ILE A 38 -8.58 -0.67 4.35
CA ILE A 38 -7.68 -0.25 5.43
C ILE A 38 -6.75 0.88 4.99
N CYS A 39 -6.52 1.03 3.67
CA CYS A 39 -5.62 2.08 3.18
C CYS A 39 -6.38 3.34 2.76
N ASN A 40 -7.68 3.23 2.49
CA ASN A 40 -8.49 4.36 2.08
C ASN A 40 -8.54 5.48 3.12
N PRO A 41 -8.69 5.20 4.42
CA PRO A 41 -8.71 6.25 5.45
C PRO A 41 -7.32 6.84 5.66
N CYS A 42 -6.27 6.23 5.10
CA CYS A 42 -4.91 6.73 5.23
C CYS A 42 -4.57 7.68 4.08
N GLY A 43 -5.31 7.59 2.97
CA GLY A 43 -5.10 8.45 1.82
C GLY A 43 -5.69 7.82 0.55
N PRO A 44 -5.73 8.58 -0.55
CA PRO A 44 -6.24 8.13 -1.83
C PRO A 44 -5.32 7.08 -2.44
N VAL A 45 -5.79 5.84 -2.52
CA VAL A 45 -5.07 4.73 -3.13
C VAL A 45 -5.31 4.76 -4.63
N GLN A 46 -4.34 4.27 -5.41
CA GLN A 46 -4.42 4.23 -6.86
C GLN A 46 -4.46 2.79 -7.37
N ARG A 47 -3.73 1.87 -6.75
CA ARG A 47 -3.75 0.47 -7.17
C ARG A 47 -3.15 -0.46 -6.12
N ILE A 48 -3.53 -1.74 -6.21
CA ILE A 48 -3.10 -2.78 -5.27
C ILE A 48 -2.91 -4.10 -6.02
N VAL A 49 -1.95 -4.92 -5.58
CA VAL A 49 -1.72 -6.26 -6.11
C VAL A 49 -1.26 -7.18 -4.99
N ILE A 50 -1.69 -8.44 -5.03
CA ILE A 50 -1.37 -9.44 -4.01
C ILE A 50 -0.39 -10.46 -4.59
N PHE A 51 0.43 -11.05 -3.70
CA PHE A 51 1.37 -12.11 -4.04
C PHE A 51 1.30 -13.18 -2.95
N ARG A 52 1.42 -14.45 -3.36
CA ARG A 52 1.27 -15.57 -2.44
C ARG A 52 2.19 -16.75 -2.79
N LYS A 53 3.20 -16.52 -3.62
CA LYS A 53 4.15 -17.58 -4.00
C LYS A 53 4.98 -18.03 -2.80
N ASN A 54 5.03 -17.19 -1.76
CA ASN A 54 5.65 -17.51 -0.47
C ASN A 54 4.99 -16.64 0.58
N GLY A 55 4.44 -17.26 1.64
CA GLY A 55 3.70 -16.52 2.66
C GLY A 55 2.56 -15.76 2.01
N VAL A 56 2.22 -14.59 2.57
CA VAL A 56 1.22 -13.69 1.99
C VAL A 56 1.78 -12.28 1.99
N GLN A 57 1.72 -11.61 0.83
CA GLN A 57 2.24 -10.26 0.67
C GLN A 57 1.39 -9.48 -0.33
N ALA A 58 1.59 -8.16 -0.38
CA ALA A 58 0.89 -7.30 -1.31
C ALA A 58 1.67 -6.01 -1.53
N MET A 59 1.21 -5.18 -2.47
CA MET A 59 1.81 -3.88 -2.74
C MET A 59 0.70 -2.85 -2.94
N VAL A 60 0.99 -1.59 -2.59
CA VAL A 60 0.01 -0.51 -2.65
C VAL A 60 0.66 0.75 -3.22
N GLU A 61 -0.14 1.58 -3.87
CA GLU A 61 0.31 2.83 -4.45
C GLU A 61 -0.73 3.92 -4.19
N PHE A 62 -0.27 5.14 -3.90
CA PHE A 62 -1.13 6.28 -3.60
C PHE A 62 -0.92 7.39 -4.62
N ASP A 63 -1.82 8.38 -4.61
CA ASP A 63 -1.79 9.51 -5.54
C ASP A 63 -0.70 10.51 -5.17
N SER A 64 -0.13 10.37 -3.97
CA SER A 64 0.93 11.25 -3.49
C SER A 64 1.82 10.49 -2.52
N VAL A 65 3.09 10.87 -2.45
CA VAL A 65 4.03 10.22 -1.54
C VAL A 65 3.70 10.58 -0.10
N GLN A 66 3.02 11.72 0.12
CA GLN A 66 2.64 12.13 1.46
C GLN A 66 1.52 11.23 1.98
N SER A 67 0.75 10.62 1.07
CA SER A 67 -0.30 9.69 1.44
C SER A 67 0.30 8.32 1.74
N ALA A 68 1.45 8.00 1.12
CA ALA A 68 2.15 6.76 1.38
C ALA A 68 2.97 6.84 2.67
N GLN A 69 3.39 8.06 3.04
CA GLN A 69 4.09 8.28 4.30
C GLN A 69 3.12 8.05 5.47
N ARG A 70 1.86 8.46 5.29
CA ARG A 70 0.86 8.30 6.32
C ARG A 70 0.34 6.86 6.37
N ALA A 71 0.41 6.14 5.25
CA ALA A 71 -0.08 4.78 5.18
C ALA A 71 0.77 3.83 6.02
N LYS A 72 2.10 3.88 5.89
CA LYS A 72 2.94 3.01 6.68
C LYS A 72 3.10 3.53 8.12
N ALA A 73 2.71 4.78 8.37
CA ALA A 73 2.73 5.33 9.71
C ALA A 73 1.43 5.03 10.47
N SER A 74 0.41 4.51 9.77
CA SER A 74 -0.87 4.21 10.41
C SER A 74 -1.30 2.75 10.24
N LEU A 75 -0.54 1.94 9.51
CA LEU A 75 -0.90 0.54 9.25
C LEU A 75 0.24 -0.43 9.54
N ASN A 76 1.43 0.05 9.90
CA ASN A 76 2.52 -0.85 10.23
C ASN A 76 2.29 -1.43 11.63
N GLY A 77 2.44 -2.75 11.78
CA GLY A 77 2.22 -3.42 13.04
C GLY A 77 0.74 -3.54 13.39
N ALA A 78 -0.15 -3.13 12.47
CA ALA A 78 -1.59 -3.18 12.68
C ALA A 78 -2.14 -4.59 12.43
N ASP A 79 -3.43 -4.77 12.69
CA ASP A 79 -4.12 -6.03 12.46
C ASP A 79 -5.44 -5.75 11.73
N ILE A 80 -5.84 -6.64 10.82
CA ILE A 80 -7.05 -6.44 10.03
C ILE A 80 -8.27 -7.08 10.70
N TYR A 81 -8.03 -8.03 11.61
CA TYR A 81 -9.10 -8.74 12.31
C TYR A 81 -8.97 -8.58 13.83
N SER A 82 -8.34 -7.48 14.26
CA SER A 82 -8.07 -7.20 15.67
C SER A 82 -7.28 -8.32 16.35
N GLY A 83 -6.66 -9.20 15.54
CA GLY A 83 -5.83 -10.29 16.00
C GLY A 83 -5.40 -11.11 14.79
N CYS A 84 -4.16 -11.61 14.81
CA CYS A 84 -3.55 -12.31 13.68
C CYS A 84 -3.58 -11.48 12.40
N CYS A 85 -3.04 -12.03 11.31
CA CYS A 85 -2.88 -11.30 10.05
C CYS A 85 -2.20 -9.95 10.28
N THR A 86 -1.26 -9.91 11.24
CA THR A 86 -0.54 -8.69 11.58
C THR A 86 0.22 -8.19 10.38
N LEU A 87 0.28 -6.86 10.21
CA LEU A 87 0.87 -6.24 9.04
C LEU A 87 2.28 -5.74 9.28
N LYS A 88 3.05 -5.66 8.19
CA LYS A 88 4.37 -5.05 8.15
C LYS A 88 4.46 -4.25 6.86
N ILE A 89 5.04 -3.05 6.91
CA ILE A 89 5.12 -2.19 5.74
C ILE A 89 6.50 -1.58 5.60
N GLU A 90 6.96 -1.46 4.34
CA GLU A 90 8.20 -0.82 3.97
C GLU A 90 8.08 -0.30 2.54
N TYR A 91 9.02 0.53 2.08
CA TYR A 91 8.97 1.06 0.73
C TYR A 91 9.44 0.01 -0.28
N ALA A 92 8.83 -0.01 -1.45
CA ALA A 92 9.16 -0.96 -2.50
C ALA A 92 10.23 -0.39 -3.44
N LYS A 93 10.79 -1.23 -4.31
CA LYS A 93 11.87 -0.82 -5.21
C LYS A 93 11.43 -0.14 -6.51
N PRO A 94 10.22 -0.38 -7.06
CA PRO A 94 9.78 0.32 -8.26
C PRO A 94 9.26 1.69 -7.89
N THR A 95 9.07 2.56 -8.88
CA THR A 95 8.54 3.91 -8.65
C THR A 95 7.05 3.99 -9.00
N ARG A 96 6.52 2.95 -9.64
CA ARG A 96 5.11 2.88 -10.00
C ARG A 96 4.72 1.41 -10.20
N LEU A 97 3.55 1.02 -9.68
CA LEU A 97 3.06 -0.35 -9.83
C LEU A 97 2.31 -0.52 -11.15
N ASN A 98 1.99 -1.76 -11.51
CA ASN A 98 1.27 -2.05 -12.73
C ASN A 98 0.10 -3.01 -12.45
N VAL A 99 -0.95 -2.92 -13.25
CA VAL A 99 -2.14 -3.75 -13.14
C VAL A 99 -2.58 -4.16 -14.54
N PHE A 100 -3.28 -5.30 -14.64
CA PHE A 100 -3.65 -5.87 -15.93
C PHE A 100 -5.17 -6.05 -16.06
N LYS A 101 -5.85 -6.15 -14.92
CA LYS A 101 -7.30 -6.26 -14.83
C LYS A 101 -7.74 -6.02 -13.40
N ASN A 102 -9.05 -5.89 -13.15
CA ASN A 102 -9.57 -5.66 -11.81
C ASN A 102 -10.26 -6.92 -11.28
N ASP A 103 -9.72 -7.46 -10.18
CA ASP A 103 -10.25 -8.62 -9.49
C ASP A 103 -9.75 -8.62 -8.04
N GLN A 104 -10.02 -9.69 -7.30
CA GLN A 104 -9.67 -9.77 -5.87
C GLN A 104 -8.17 -9.96 -5.62
N ASP A 105 -7.35 -10.14 -6.65
CA ASP A 105 -5.92 -10.35 -6.50
C ASP A 105 -5.10 -9.17 -7.03
N THR A 106 -5.70 -8.34 -7.90
CA THR A 106 -5.08 -7.11 -8.37
C THR A 106 -6.19 -6.15 -8.82
N TRP A 107 -6.04 -4.85 -8.52
CA TRP A 107 -7.05 -3.87 -8.87
C TRP A 107 -6.42 -2.51 -9.12
N ASP A 108 -7.02 -1.74 -10.03
CA ASP A 108 -6.56 -0.40 -10.36
C ASP A 108 -7.72 0.58 -10.16
N TYR A 109 -7.57 1.46 -9.17
CA TYR A 109 -8.61 2.40 -8.76
C TYR A 109 -8.50 3.73 -9.51
N THR A 110 -7.56 3.82 -10.46
CA THR A 110 -7.38 4.99 -11.30
C THR A 110 -7.43 4.58 -12.78
N ASN A 111 -8.02 3.42 -13.05
CA ASN A 111 -8.10 2.86 -14.39
C ASN A 111 -9.05 3.68 -15.28
N PRO A 112 -8.75 3.84 -16.57
CA PRO A 112 -9.60 4.55 -17.50
C PRO A 112 -11.00 3.94 -17.64
N ASN A 113 -11.17 2.69 -17.19
CA ASN A 113 -12.46 2.00 -17.26
C ASN A 113 -13.19 2.03 -15.93
N LEU A 114 -12.65 2.74 -14.93
CA LEU A 114 -13.27 2.85 -13.62
C LEU A 114 -13.38 4.32 -13.19
N SER A 115 -12.65 5.21 -13.88
CA SER A 115 -12.67 6.64 -13.60
C SER A 115 -13.01 7.45 -14.86
N GLY A 116 -13.37 6.77 -15.95
CA GLY A 116 -13.73 7.40 -17.20
C GLY A 116 -15.15 7.98 -17.15
N GLN A 117 -15.55 8.64 -18.24
CA GLN A 117 -16.87 9.26 -18.34
C GLN A 117 -17.48 9.08 -19.73
N GLY A 118 -16.86 8.22 -20.56
CA GLY A 118 -17.33 7.94 -21.92
C GLY A 118 -17.06 9.13 -22.84
N GLN A 1 22.14 27.22 14.90
CA GLN A 1 20.71 27.56 14.82
C GLN A 1 19.99 26.63 13.85
N LYS A 2 18.66 26.57 13.95
CA LYS A 2 17.83 25.72 13.11
C LYS A 2 16.56 26.46 12.69
N ILE A 3 15.85 25.87 11.72
CA ILE A 3 14.65 26.44 11.13
C ILE A 3 13.66 25.32 10.84
N SER A 4 12.39 25.68 10.60
CA SER A 4 11.32 24.71 10.37
C SER A 4 11.54 23.87 9.10
N ARG A 5 12.47 24.29 8.23
CA ARG A 5 12.84 23.54 7.04
C ARG A 5 14.31 23.78 6.72
N PRO A 6 15.21 22.91 7.18
CA PRO A 6 16.64 23.06 7.00
C PRO A 6 17.06 22.78 5.56
N GLY A 7 16.18 22.14 4.77
CA GLY A 7 16.44 21.87 3.36
C GLY A 7 15.84 22.95 2.46
N ASP A 8 16.40 23.11 1.26
CA ASP A 8 15.92 24.08 0.29
C ASP A 8 16.12 23.55 -1.13
N SER A 9 15.36 24.11 -2.08
CA SER A 9 15.39 23.72 -3.49
C SER A 9 15.10 22.24 -3.71
N ASP A 10 15.05 21.84 -4.99
CA ASP A 10 14.80 20.46 -5.41
C ASP A 10 13.55 19.86 -4.77
N ASP A 11 12.60 20.69 -4.37
CA ASP A 11 11.36 20.28 -3.72
C ASP A 11 11.61 19.43 -2.47
N SER A 12 12.78 19.61 -1.85
CA SER A 12 13.21 18.88 -0.67
C SER A 12 13.28 17.36 -0.90
N ARG A 13 13.68 16.61 0.13
CA ARG A 13 13.86 15.17 0.03
C ARG A 13 12.53 14.45 -0.15
N SER A 14 12.57 13.30 -0.83
CA SER A 14 11.40 12.47 -1.09
C SER A 14 11.85 11.04 -1.37
N VAL A 15 10.89 10.10 -1.44
CA VAL A 15 11.17 8.71 -1.75
C VAL A 15 10.30 8.25 -2.92
N ASN A 16 9.16 7.62 -2.64
CA ASN A 16 8.21 7.19 -3.65
C ASN A 16 6.82 7.01 -3.04
N SER A 17 5.80 6.94 -3.91
CA SER A 17 4.40 6.84 -3.48
C SER A 17 3.93 5.38 -3.46
N VAL A 18 4.86 4.43 -3.48
CA VAL A 18 4.54 3.02 -3.51
C VAL A 18 5.13 2.29 -2.30
N LEU A 19 4.42 1.27 -1.83
CA LEU A 19 4.76 0.56 -0.60
C LEU A 19 4.76 -0.95 -0.81
N LEU A 20 5.39 -1.66 0.14
CA LEU A 20 5.46 -3.11 0.18
C LEU A 20 4.88 -3.56 1.52
N PHE A 21 4.00 -4.57 1.47
CA PHE A 21 3.31 -5.08 2.65
C PHE A 21 3.64 -6.57 2.83
N THR A 22 3.75 -7.00 4.09
CA THR A 22 3.95 -8.41 4.42
C THR A 22 3.05 -8.76 5.60
N ILE A 23 2.48 -9.97 5.56
CA ILE A 23 1.59 -10.45 6.61
C ILE A 23 2.34 -11.51 7.42
N LEU A 24 2.22 -11.46 8.75
CA LEU A 24 2.99 -12.36 9.61
C LEU A 24 2.15 -13.53 10.13
N ASN A 25 0.83 -13.35 10.22
CA ASN A 25 -0.08 -14.35 10.75
C ASN A 25 -1.30 -14.48 9.84
N PRO A 26 -1.11 -14.88 8.57
CA PRO A 26 -2.15 -14.96 7.57
C PRO A 26 -3.07 -16.16 7.81
N ILE A 27 -3.74 -16.22 8.97
CA ILE A 27 -4.64 -17.31 9.29
C ILE A 27 -6.03 -17.09 8.69
N TYR A 28 -6.21 -15.96 7.98
CA TYR A 28 -7.42 -15.64 7.25
C TYR A 28 -7.05 -15.12 5.87
N SER A 29 -8.03 -15.01 4.97
CA SER A 29 -7.80 -14.60 3.59
C SER A 29 -7.64 -13.09 3.49
N ILE A 30 -6.88 -12.65 2.50
CA ILE A 30 -6.64 -11.25 2.21
C ILE A 30 -6.80 -11.05 0.70
N THR A 31 -7.45 -9.95 0.32
CA THR A 31 -7.71 -9.62 -1.08
C THR A 31 -7.56 -8.13 -1.30
N THR A 32 -7.65 -7.68 -2.55
CA THR A 32 -7.53 -6.28 -2.89
C THR A 32 -8.64 -5.46 -2.26
N ASP A 33 -9.76 -6.09 -1.89
CA ASP A 33 -10.87 -5.42 -1.24
C ASP A 33 -10.59 -5.23 0.26
N VAL A 34 -9.73 -6.07 0.84
CA VAL A 34 -9.35 -5.95 2.25
C VAL A 34 -8.25 -4.92 2.40
N LEU A 35 -7.32 -4.87 1.45
CA LEU A 35 -6.22 -3.93 1.51
C LEU A 35 -6.69 -2.53 1.12
N TYR A 36 -7.79 -2.42 0.37
CA TYR A 36 -8.30 -1.12 -0.03
C TYR A 36 -9.07 -0.46 1.12
N THR A 37 -9.78 -1.26 1.93
CA THR A 37 -10.58 -0.69 3.00
C THR A 37 -9.69 -0.25 4.17
N ILE A 38 -8.49 -0.82 4.31
CA ILE A 38 -7.57 -0.37 5.35
C ILE A 38 -6.65 0.75 4.87
N CYS A 39 -6.45 0.91 3.55
CA CYS A 39 -5.56 1.94 3.03
C CYS A 39 -6.30 3.21 2.57
N ASN A 40 -7.61 3.11 2.31
CA ASN A 40 -8.37 4.27 1.87
C ASN A 40 -8.45 5.38 2.95
N PRO A 41 -8.63 5.05 4.24
CA PRO A 41 -8.67 6.09 5.28
C PRO A 41 -7.28 6.69 5.53
N CYS A 42 -6.25 6.20 4.85
CA CYS A 42 -4.90 6.74 4.95
C CYS A 42 -4.57 7.65 3.78
N GLY A 43 -5.49 7.74 2.80
CA GLY A 43 -5.32 8.61 1.64
C GLY A 43 -5.86 7.96 0.37
N PRO A 44 -5.86 8.70 -0.74
CA PRO A 44 -6.35 8.23 -2.02
C PRO A 44 -5.42 7.16 -2.60
N VAL A 45 -5.90 5.91 -2.61
CA VAL A 45 -5.19 4.78 -3.19
C VAL A 45 -5.40 4.79 -4.70
N GLN A 46 -4.41 4.31 -5.47
CA GLN A 46 -4.47 4.28 -6.91
C GLN A 46 -4.48 2.85 -7.45
N ARG A 47 -3.69 1.95 -6.84
CA ARG A 47 -3.67 0.55 -7.26
C ARG A 47 -3.08 -0.36 -6.20
N ILE A 48 -3.43 -1.65 -6.28
CA ILE A 48 -3.00 -2.68 -5.34
C ILE A 48 -2.70 -3.97 -6.11
N VAL A 49 -1.70 -4.73 -5.64
CA VAL A 49 -1.38 -6.05 -6.17
C VAL A 49 -0.96 -6.96 -5.03
N ILE A 50 -1.26 -8.26 -5.15
CA ILE A 50 -1.05 -9.22 -4.07
C ILE A 50 -0.30 -10.44 -4.60
N PHE A 51 0.49 -11.06 -3.73
CA PHE A 51 1.24 -12.27 -4.05
C PHE A 51 0.95 -13.31 -2.97
N ARG A 52 0.47 -14.48 -3.39
CA ARG A 52 0.04 -15.54 -2.47
C ARG A 52 0.33 -16.94 -3.02
N LYS A 53 1.37 -17.06 -3.85
CA LYS A 53 1.74 -18.33 -4.47
C LYS A 53 2.46 -19.26 -3.48
N ASN A 54 2.98 -18.71 -2.38
CA ASN A 54 3.61 -19.52 -1.33
C ASN A 54 3.58 -18.74 -0.01
N GLY A 55 4.11 -17.52 -0.01
CA GLY A 55 4.03 -16.60 1.12
C GLY A 55 2.78 -15.75 1.02
N VAL A 56 2.71 -14.67 1.79
CA VAL A 56 1.60 -13.73 1.72
C VAL A 56 2.14 -12.30 1.82
N GLN A 57 2.11 -11.58 0.68
CA GLN A 57 2.59 -10.21 0.60
C GLN A 57 1.73 -9.42 -0.38
N ALA A 58 1.85 -8.09 -0.34
CA ALA A 58 1.08 -7.21 -1.21
C ALA A 58 1.84 -5.90 -1.42
N MET A 59 1.34 -5.06 -2.34
CA MET A 59 1.91 -3.75 -2.62
C MET A 59 0.78 -2.76 -2.87
N VAL A 60 1.01 -1.48 -2.54
CA VAL A 60 0.00 -0.44 -2.64
C VAL A 60 0.61 0.84 -3.22
N GLU A 61 -0.22 1.65 -3.88
CA GLU A 61 0.21 2.90 -4.49
C GLU A 61 -0.82 3.98 -4.20
N PHE A 62 -0.35 5.20 -3.93
CA PHE A 62 -1.19 6.35 -3.63
C PHE A 62 -0.98 7.45 -4.65
N ASP A 63 -1.86 8.46 -4.63
CA ASP A 63 -1.81 9.57 -5.56
C ASP A 63 -0.73 10.58 -5.16
N SER A 64 -0.17 10.43 -3.95
CA SER A 64 0.88 11.30 -3.45
C SER A 64 1.73 10.56 -2.44
N VAL A 65 3.00 10.94 -2.32
CA VAL A 65 3.91 10.35 -1.36
C VAL A 65 3.48 10.72 0.06
N GLN A 66 2.75 11.83 0.22
CA GLN A 66 2.30 12.26 1.54
C GLN A 66 1.30 11.26 2.12
N SER A 67 0.57 10.57 1.26
CA SER A 67 -0.39 9.55 1.70
C SER A 67 0.30 8.21 1.86
N ALA A 68 1.41 7.99 1.16
CA ALA A 68 2.19 6.78 1.35
C ALA A 68 2.98 6.87 2.66
N GLN A 69 3.33 8.09 3.08
CA GLN A 69 3.98 8.33 4.36
C GLN A 69 2.96 8.09 5.48
N ARG A 70 1.70 8.46 5.26
CA ARG A 70 0.65 8.30 6.25
C ARG A 70 0.22 6.85 6.35
N ALA A 71 0.26 6.11 5.24
CA ALA A 71 -0.17 4.73 5.22
C ALA A 71 0.75 3.85 6.06
N LYS A 72 2.07 3.94 5.88
CA LYS A 72 2.98 3.10 6.67
C LYS A 72 3.13 3.63 8.10
N ALA A 73 2.66 4.86 8.37
CA ALA A 73 2.69 5.41 9.71
C ALA A 73 1.43 5.02 10.50
N SER A 74 0.41 4.47 9.84
CA SER A 74 -0.83 4.10 10.50
C SER A 74 -1.26 2.66 10.22
N LEU A 75 -0.46 1.88 9.47
CA LEU A 75 -0.79 0.50 9.15
C LEU A 75 0.37 -0.45 9.42
N ASN A 76 1.54 0.06 9.80
CA ASN A 76 2.67 -0.79 10.11
C ASN A 76 2.51 -1.37 11.51
N GLY A 77 2.68 -2.69 11.65
CA GLY A 77 2.49 -3.36 12.93
C GLY A 77 1.01 -3.47 13.31
N ALA A 78 0.12 -3.08 12.40
CA ALA A 78 -1.32 -3.08 12.63
C ALA A 78 -1.92 -4.48 12.45
N ASP A 79 -3.23 -4.58 12.69
CA ASP A 79 -3.99 -5.81 12.53
C ASP A 79 -5.26 -5.50 11.74
N ILE A 80 -5.69 -6.42 10.88
CA ILE A 80 -6.87 -6.18 10.05
C ILE A 80 -8.15 -6.66 10.74
N TYR A 81 -8.02 -7.57 11.70
CA TYR A 81 -9.16 -8.14 12.40
C TYR A 81 -9.04 -7.93 13.92
N SER A 82 -8.39 -6.83 14.33
CA SER A 82 -8.11 -6.54 15.74
C SER A 82 -7.34 -7.67 16.41
N GLY A 83 -6.70 -8.51 15.59
CA GLY A 83 -5.91 -9.66 16.01
C GLY A 83 -5.53 -10.45 14.75
N CYS A 84 -4.44 -11.21 14.83
CA CYS A 84 -3.85 -11.96 13.72
C CYS A 84 -3.69 -11.12 12.45
N CYS A 85 -3.25 -11.75 11.36
CA CYS A 85 -2.99 -11.08 10.10
C CYS A 85 -2.17 -9.80 10.31
N THR A 86 -1.22 -9.86 11.24
CA THR A 86 -0.38 -8.72 11.60
C THR A 86 0.35 -8.20 10.37
N LEU A 87 0.44 -6.87 10.24
CA LEU A 87 1.02 -6.24 9.07
C LEU A 87 2.44 -5.74 9.33
N LYS A 88 3.21 -5.62 8.24
CA LYS A 88 4.53 -5.00 8.25
C LYS A 88 4.67 -4.25 6.94
N ILE A 89 5.17 -3.01 6.99
CA ILE A 89 5.28 -2.18 5.80
C ILE A 89 6.68 -1.60 5.64
N GLU A 90 7.07 -1.38 4.39
CA GLU A 90 8.31 -0.71 4.00
C GLU A 90 8.12 -0.14 2.60
N TYR A 91 9.05 0.69 2.12
CA TYR A 91 8.94 1.27 0.79
C TYR A 91 9.39 0.26 -0.26
N ALA A 92 8.73 0.27 -1.42
CA ALA A 92 9.03 -0.66 -2.49
C ALA A 92 10.21 -0.18 -3.33
N LYS A 93 10.77 -1.08 -4.14
CA LYS A 93 11.93 -0.78 -4.98
C LYS A 93 11.60 0.13 -6.18
N PRO A 94 10.51 -0.11 -6.93
CA PRO A 94 10.15 0.74 -8.05
C PRO A 94 9.54 2.04 -7.57
N THR A 95 9.21 2.94 -8.50
CA THR A 95 8.57 4.21 -8.16
C THR A 95 7.09 4.22 -8.57
N ARG A 96 6.64 3.20 -9.29
CA ARG A 96 5.26 3.08 -9.74
C ARG A 96 4.93 1.60 -9.94
N LEU A 97 3.75 1.16 -9.51
CA LEU A 97 3.30 -0.22 -9.65
C LEU A 97 2.55 -0.42 -10.97
N ASN A 98 2.14 -1.65 -11.26
CA ASN A 98 1.42 -1.97 -12.48
C ASN A 98 0.25 -2.91 -12.20
N VAL A 99 -0.78 -2.86 -13.06
CA VAL A 99 -1.98 -3.68 -12.93
C VAL A 99 -2.38 -4.19 -14.32
N PHE A 100 -3.06 -5.34 -14.37
CA PHE A 100 -3.42 -5.98 -15.62
C PHE A 100 -4.92 -6.30 -15.68
N LYS A 101 -5.59 -6.26 -14.53
CA LYS A 101 -7.00 -6.63 -14.39
C LYS A 101 -7.52 -6.15 -13.04
N ASN A 102 -8.82 -6.34 -12.81
CA ASN A 102 -9.45 -6.07 -11.52
C ASN A 102 -10.05 -7.35 -10.96
N ASP A 103 -9.35 -7.98 -10.01
CA ASP A 103 -9.81 -9.18 -9.32
C ASP A 103 -9.24 -9.23 -7.90
N GLN A 104 -9.39 -10.37 -7.23
CA GLN A 104 -8.97 -10.52 -5.84
C GLN A 104 -7.44 -10.56 -5.65
N ASP A 105 -6.66 -10.47 -6.73
CA ASP A 105 -5.20 -10.52 -6.64
C ASP A 105 -4.57 -9.21 -7.11
N THR A 106 -5.28 -8.41 -7.91
CA THR A 106 -4.80 -7.09 -8.31
C THR A 106 -5.97 -6.21 -8.72
N TRP A 107 -5.89 -4.92 -8.45
CA TRP A 107 -6.98 -3.99 -8.75
C TRP A 107 -6.44 -2.58 -8.97
N ASP A 108 -7.13 -1.79 -9.80
CA ASP A 108 -6.79 -0.41 -10.05
C ASP A 108 -8.01 0.48 -9.79
N TYR A 109 -7.77 1.64 -9.17
CA TYR A 109 -8.84 2.54 -8.74
C TYR A 109 -8.74 3.92 -9.40
N THR A 110 -7.96 4.02 -10.48
CA THR A 110 -7.77 5.29 -11.18
C THR A 110 -7.95 5.14 -12.70
N ASN A 111 -8.18 3.91 -13.17
CA ASN A 111 -8.44 3.64 -14.58
C ASN A 111 -9.90 3.91 -14.92
N PRO A 112 -10.21 4.21 -16.20
CA PRO A 112 -11.55 4.48 -16.66
C PRO A 112 -12.38 3.20 -16.75
N ASN A 113 -11.76 2.03 -16.54
CA ASN A 113 -12.43 0.75 -16.63
C ASN A 113 -13.25 0.45 -15.38
N LEU A 114 -13.17 1.31 -14.36
CA LEU A 114 -13.91 1.14 -13.12
C LEU A 114 -15.23 1.92 -13.15
N SER A 115 -15.41 2.78 -14.17
CA SER A 115 -16.62 3.60 -14.31
C SER A 115 -17.13 3.57 -15.75
N GLY A 116 -16.60 2.67 -16.58
CA GLY A 116 -16.99 2.55 -17.97
C GLY A 116 -16.20 1.44 -18.66
N GLN A 117 -16.29 1.37 -19.99
CA GLN A 117 -15.60 0.35 -20.77
C GLN A 117 -14.21 0.84 -21.19
N GLY A 118 -13.85 2.06 -20.81
CA GLY A 118 -12.55 2.65 -21.14
C GLY A 118 -12.44 2.92 -22.65
N GLN A 1 23.55 32.72 12.08
CA GLN A 1 22.75 32.98 10.86
C GLN A 1 22.29 31.65 10.26
N LYS A 2 21.30 31.71 9.35
CA LYS A 2 20.75 30.54 8.70
C LYS A 2 20.31 30.90 7.27
N ILE A 3 20.11 29.89 6.43
CA ILE A 3 19.68 30.08 5.04
C ILE A 3 18.31 30.75 5.01
N SER A 4 18.02 31.47 3.91
CA SER A 4 16.76 32.21 3.74
C SER A 4 15.61 31.29 3.35
N ARG A 5 15.86 29.99 3.23
CA ARG A 5 14.85 29.00 2.88
C ARG A 5 15.06 27.74 3.73
N PRO A 6 14.82 27.83 5.04
CA PRO A 6 15.01 26.72 5.97
C PRO A 6 13.91 25.69 5.82
N GLY A 7 14.15 24.47 6.34
CA GLY A 7 13.18 23.39 6.31
C GLY A 7 12.10 23.60 7.38
N ASP A 8 11.10 22.72 7.39
CA ASP A 8 9.99 22.80 8.34
C ASP A 8 9.54 21.40 8.74
N SER A 9 9.18 21.23 10.01
CA SER A 9 8.76 19.99 10.66
C SER A 9 9.78 18.85 10.60
N ASP A 10 10.76 18.91 9.69
CA ASP A 10 11.80 17.91 9.51
C ASP A 10 11.23 16.49 9.34
N ASP A 11 12.11 15.49 9.35
CA ASP A 11 11.74 14.09 9.21
C ASP A 11 10.90 13.83 7.95
N SER A 12 10.15 12.73 7.92
CA SER A 12 9.30 12.29 6.82
C SER A 12 10.08 12.01 5.53
N ARG A 13 10.63 13.05 4.89
CA ARG A 13 11.32 12.97 3.61
C ARG A 13 10.42 12.32 2.53
N SER A 14 11.00 12.02 1.37
CA SER A 14 10.29 11.41 0.27
C SER A 14 11.21 10.46 -0.51
N VAL A 15 10.62 9.45 -1.14
CA VAL A 15 11.38 8.51 -1.96
C VAL A 15 10.52 7.97 -3.10
N ASN A 16 9.31 7.49 -2.80
CA ASN A 16 8.35 7.04 -3.81
C ASN A 16 6.95 6.91 -3.19
N SER A 17 5.94 6.75 -4.03
CA SER A 17 4.54 6.66 -3.60
C SER A 17 4.05 5.20 -3.58
N VAL A 18 4.97 4.24 -3.61
CA VAL A 18 4.64 2.82 -3.65
C VAL A 18 5.20 2.09 -2.42
N LEU A 19 4.45 1.10 -1.92
CA LEU A 19 4.79 0.40 -0.70
C LEU A 19 4.72 -1.11 -0.88
N LEU A 20 5.32 -1.83 0.07
CA LEU A 20 5.33 -3.28 0.13
C LEU A 20 4.75 -3.70 1.48
N PHE A 21 3.84 -4.68 1.46
CA PHE A 21 3.15 -5.15 2.64
C PHE A 21 3.43 -6.64 2.85
N THR A 22 3.49 -7.07 4.11
CA THR A 22 3.67 -8.48 4.46
C THR A 22 2.72 -8.82 5.60
N ILE A 23 2.17 -10.05 5.58
CA ILE A 23 1.27 -10.51 6.62
C ILE A 23 1.97 -11.58 7.44
N LEU A 24 1.85 -11.52 8.77
CA LEU A 24 2.60 -12.40 9.67
C LEU A 24 1.80 -13.60 10.15
N ASN A 25 0.49 -13.44 10.32
CA ASN A 25 -0.39 -14.49 10.83
C ASN A 25 -1.65 -14.59 9.95
N PRO A 26 -1.50 -15.07 8.70
CA PRO A 26 -2.55 -15.12 7.71
C PRO A 26 -3.57 -16.24 7.99
N ILE A 27 -4.17 -16.24 9.19
CA ILE A 27 -5.17 -17.24 9.54
C ILE A 27 -6.54 -16.89 8.95
N TYR A 28 -6.65 -15.74 8.29
CA TYR A 28 -7.86 -15.29 7.62
C TYR A 28 -7.54 -14.87 6.20
N SER A 29 -8.56 -14.66 5.38
CA SER A 29 -8.38 -14.32 3.98
C SER A 29 -8.09 -12.82 3.80
N ILE A 30 -7.37 -12.49 2.72
CA ILE A 30 -7.01 -11.12 2.37
C ILE A 30 -7.17 -10.97 0.86
N THR A 31 -7.71 -9.82 0.44
CA THR A 31 -7.93 -9.52 -0.97
C THR A 31 -7.68 -8.03 -1.21
N THR A 32 -7.69 -7.61 -2.48
CA THR A 32 -7.50 -6.22 -2.84
C THR A 32 -8.61 -5.33 -2.29
N ASP A 33 -9.76 -5.93 -1.92
CA ASP A 33 -10.86 -5.19 -1.35
C ASP A 33 -10.65 -5.00 0.16
N VAL A 34 -9.90 -5.89 0.81
CA VAL A 34 -9.60 -5.77 2.22
C VAL A 34 -8.45 -4.79 2.42
N LEU A 35 -7.48 -4.80 1.51
CA LEU A 35 -6.34 -3.90 1.59
C LEU A 35 -6.75 -2.49 1.18
N TYR A 36 -7.80 -2.35 0.38
CA TYR A 36 -8.26 -1.02 -0.02
C TYR A 36 -9.04 -0.35 1.11
N THR A 37 -9.83 -1.11 1.88
CA THR A 37 -10.64 -0.51 2.93
C THR A 37 -9.79 -0.14 4.15
N ILE A 38 -8.61 -0.73 4.30
CA ILE A 38 -7.71 -0.36 5.39
C ILE A 38 -6.70 0.71 4.95
N CYS A 39 -6.52 0.92 3.64
CA CYS A 39 -5.64 1.96 3.14
C CYS A 39 -6.39 3.24 2.76
N ASN A 40 -7.70 3.14 2.52
CA ASN A 40 -8.50 4.29 2.11
C ASN A 40 -8.54 5.41 3.17
N PRO A 41 -8.71 5.11 4.47
CA PRO A 41 -8.71 6.14 5.49
C PRO A 41 -7.31 6.71 5.73
N CYS A 42 -6.28 6.08 5.17
CA CYS A 42 -4.91 6.53 5.33
C CYS A 42 -4.47 7.43 4.17
N GLY A 43 -5.15 7.33 3.02
CA GLY A 43 -4.85 8.17 1.87
C GLY A 43 -5.55 7.66 0.61
N PRO A 44 -5.54 8.46 -0.46
CA PRO A 44 -6.14 8.12 -1.74
C PRO A 44 -5.34 7.05 -2.45
N VAL A 45 -5.79 5.80 -2.36
CA VAL A 45 -5.16 4.67 -3.03
C VAL A 45 -5.48 4.70 -4.52
N GLN A 46 -4.53 4.31 -5.36
CA GLN A 46 -4.70 4.31 -6.81
C GLN A 46 -4.71 2.88 -7.36
N ARG A 47 -3.94 1.97 -6.75
CA ARG A 47 -3.94 0.58 -7.18
C ARG A 47 -3.32 -0.33 -6.13
N ILE A 48 -3.67 -1.63 -6.18
CA ILE A 48 -3.18 -2.64 -5.25
C ILE A 48 -2.96 -3.96 -5.99
N VAL A 49 -1.91 -4.69 -5.62
CA VAL A 49 -1.64 -6.03 -6.17
C VAL A 49 -1.19 -6.95 -5.04
N ILE A 50 -1.35 -8.27 -5.23
CA ILE A 50 -1.05 -9.27 -4.21
C ILE A 50 -0.21 -10.39 -4.79
N PHE A 51 0.63 -11.00 -3.95
CA PHE A 51 1.47 -12.13 -4.33
C PHE A 51 1.47 -13.17 -3.21
N ARG A 52 1.51 -14.45 -3.58
CA ARG A 52 1.47 -15.55 -2.62
C ARG A 52 2.34 -16.73 -3.08
N LYS A 53 3.21 -16.50 -4.07
CA LYS A 53 4.02 -17.56 -4.66
C LYS A 53 5.28 -17.87 -3.84
N ASN A 54 5.51 -17.14 -2.74
CA ASN A 54 6.66 -17.33 -1.88
C ASN A 54 6.32 -17.05 -0.41
N GLY A 55 5.03 -16.91 -0.10
CA GLY A 55 4.55 -16.52 1.22
C GLY A 55 3.21 -15.80 1.06
N VAL A 56 3.05 -14.67 1.76
CA VAL A 56 1.88 -13.82 1.57
C VAL A 56 2.29 -12.36 1.71
N GLN A 57 2.14 -11.60 0.62
CA GLN A 57 2.52 -10.19 0.56
C GLN A 57 1.62 -9.44 -0.41
N ALA A 58 1.67 -8.10 -0.34
CA ALA A 58 0.88 -7.24 -1.20
C ALA A 58 1.63 -5.93 -1.45
N MET A 59 1.14 -5.13 -2.39
CA MET A 59 1.74 -3.83 -2.70
C MET A 59 0.64 -2.81 -2.93
N VAL A 60 0.92 -1.54 -2.59
CA VAL A 60 -0.07 -0.47 -2.66
C VAL A 60 0.56 0.78 -3.27
N GLU A 61 -0.25 1.60 -3.93
CA GLU A 61 0.19 2.84 -4.55
C GLU A 61 -0.81 3.94 -4.26
N PHE A 62 -0.30 5.14 -3.96
CA PHE A 62 -1.10 6.31 -3.63
C PHE A 62 -0.86 7.43 -4.65
N ASP A 63 -1.67 8.49 -4.59
CA ASP A 63 -1.57 9.60 -5.52
C ASP A 63 -0.40 10.51 -5.19
N SER A 64 0.15 10.39 -3.98
CA SER A 64 1.27 11.20 -3.53
C SER A 64 2.11 10.44 -2.52
N VAL A 65 3.40 10.80 -2.42
CA VAL A 65 4.30 10.20 -1.46
C VAL A 65 3.89 10.59 -0.04
N GLN A 66 3.23 11.74 0.13
CA GLN A 66 2.79 12.18 1.44
C GLN A 66 1.71 11.24 1.97
N SER A 67 0.93 10.67 1.06
CA SER A 67 -0.12 9.72 1.42
C SER A 67 0.47 8.35 1.71
N ALA A 68 1.62 8.03 1.11
CA ALA A 68 2.30 6.78 1.37
C ALA A 68 3.10 6.85 2.67
N GLN A 69 3.51 8.05 3.06
CA GLN A 69 4.20 8.26 4.33
C GLN A 69 3.22 8.06 5.48
N ARG A 70 1.97 8.47 5.29
CA ARG A 70 0.94 8.31 6.32
C ARG A 70 0.42 6.87 6.35
N ALA A 71 0.51 6.17 5.22
CA ALA A 71 0.02 4.80 5.13
C ALA A 71 0.85 3.86 6.01
N LYS A 72 2.18 3.85 5.85
CA LYS A 72 3.00 2.95 6.66
C LYS A 72 3.16 3.48 8.10
N ALA A 73 2.82 4.75 8.34
CA ALA A 73 2.86 5.32 9.68
C ALA A 73 1.57 5.03 10.45
N SER A 74 0.54 4.53 9.76
CA SER A 74 -0.74 4.23 10.39
C SER A 74 -1.18 2.78 10.18
N LEU A 75 -0.40 1.96 9.47
CA LEU A 75 -0.76 0.58 9.20
C LEU A 75 0.35 -0.42 9.51
N ASN A 76 1.55 0.05 9.88
CA ASN A 76 2.62 -0.86 10.23
C ASN A 76 2.38 -1.42 11.62
N GLY A 77 2.49 -2.75 11.76
CA GLY A 77 2.24 -3.42 13.03
C GLY A 77 0.74 -3.47 13.37
N ALA A 78 -0.12 -3.05 12.43
CA ALA A 78 -1.56 -3.05 12.66
C ALA A 78 -2.17 -4.44 12.43
N ASP A 79 -3.46 -4.56 12.72
CA ASP A 79 -4.22 -5.79 12.53
C ASP A 79 -5.53 -5.45 11.82
N ILE A 80 -6.02 -6.35 10.96
CA ILE A 80 -7.22 -6.10 10.18
C ILE A 80 -8.45 -6.71 10.86
N TYR A 81 -8.23 -7.64 11.80
CA TYR A 81 -9.31 -8.33 12.50
C TYR A 81 -9.17 -8.16 14.02
N SER A 82 -8.54 -7.07 14.45
CA SER A 82 -8.26 -6.78 15.86
C SER A 82 -7.46 -7.91 16.52
N GLY A 83 -6.84 -8.76 15.71
CA GLY A 83 -6.01 -9.86 16.15
C GLY A 83 -5.61 -10.71 14.94
N CYS A 84 -4.39 -11.23 14.94
CA CYS A 84 -3.81 -11.96 13.82
C CYS A 84 -3.85 -11.16 12.52
N CYS A 85 -3.37 -11.75 11.43
CA CYS A 85 -3.22 -11.06 10.15
C CYS A 85 -2.45 -9.75 10.33
N THR A 86 -1.50 -9.73 11.28
CA THR A 86 -0.72 -8.55 11.60
C THR A 86 0.05 -8.10 10.36
N LEU A 87 0.12 -6.77 10.16
CA LEU A 87 0.73 -6.18 8.99
C LEU A 87 2.17 -5.72 9.26
N LYS A 88 2.98 -5.69 8.20
CA LYS A 88 4.31 -5.11 8.21
C LYS A 88 4.49 -4.38 6.90
N ILE A 89 5.04 -3.16 6.96
CA ILE A 89 5.17 -2.33 5.76
C ILE A 89 6.59 -1.79 5.61
N GLU A 90 7.00 -1.61 4.35
CA GLU A 90 8.26 -0.98 3.97
C GLU A 90 8.09 -0.41 2.57
N TYR A 91 9.05 0.41 2.10
CA TYR A 91 8.97 0.99 0.78
C TYR A 91 9.39 -0.03 -0.28
N ALA A 92 8.71 -0.02 -1.43
CA ALA A 92 9.03 -0.93 -2.52
C ALA A 92 10.18 -0.36 -3.36
N LYS A 93 10.80 -1.21 -4.19
CA LYS A 93 11.96 -0.81 -4.97
C LYS A 93 11.65 -0.05 -6.27
N PRO A 94 10.49 -0.20 -6.92
CA PRO A 94 10.16 0.58 -8.10
C PRO A 94 9.65 1.96 -7.70
N THR A 95 9.36 2.81 -8.68
CA THR A 95 8.77 4.12 -8.43
C THR A 95 7.29 4.15 -8.83
N ARG A 96 6.81 3.05 -9.43
CA ARG A 96 5.43 2.92 -9.87
C ARG A 96 5.03 1.45 -9.90
N LEU A 97 3.72 1.19 -9.77
CA LEU A 97 3.15 -0.14 -9.91
C LEU A 97 2.19 -0.17 -11.08
N ASN A 98 1.75 -1.36 -11.48
CA ASN A 98 0.83 -1.53 -12.59
C ASN A 98 -0.21 -2.61 -12.31
N VAL A 99 -1.26 -2.65 -13.14
CA VAL A 99 -2.35 -3.62 -13.04
C VAL A 99 -2.71 -4.10 -14.43
N PHE A 100 -3.29 -5.30 -14.54
CA PHE A 100 -3.60 -5.91 -15.83
C PHE A 100 -5.09 -6.21 -15.96
N LYS A 101 -5.77 -6.42 -14.83
CA LYS A 101 -7.20 -6.65 -14.74
C LYS A 101 -7.66 -6.46 -13.30
N ASN A 102 -8.99 -6.40 -13.08
CA ASN A 102 -9.53 -6.21 -11.75
C ASN A 102 -10.13 -7.50 -11.21
N ASP A 103 -9.57 -8.00 -10.11
CA ASP A 103 -10.04 -9.17 -9.39
C ASP A 103 -9.53 -9.12 -7.94
N GLN A 104 -9.80 -10.17 -7.17
CA GLN A 104 -9.49 -10.18 -5.74
C GLN A 104 -7.99 -10.27 -5.42
N ASP A 105 -7.13 -10.38 -6.43
CA ASP A 105 -5.68 -10.47 -6.22
C ASP A 105 -4.94 -9.31 -6.87
N THR A 106 -5.59 -8.55 -7.75
CA THR A 106 -5.02 -7.35 -8.34
C THR A 106 -6.15 -6.43 -8.79
N TRP A 107 -6.04 -5.13 -8.51
CA TRP A 107 -7.12 -4.19 -8.82
C TRP A 107 -6.58 -2.78 -9.02
N ASP A 108 -7.24 -2.02 -9.90
CA ASP A 108 -6.90 -0.65 -10.19
C ASP A 108 -8.07 0.26 -9.88
N TYR A 109 -7.81 1.39 -9.21
CA TYR A 109 -8.84 2.31 -8.76
C TYR A 109 -8.74 3.69 -9.41
N THR A 110 -7.96 3.81 -10.49
CA THR A 110 -7.76 5.10 -11.15
C THR A 110 -7.84 4.99 -12.68
N ASN A 111 -7.95 3.77 -13.22
CA ASN A 111 -8.04 3.58 -14.65
C ASN A 111 -9.46 3.83 -15.17
N PRO A 112 -9.61 4.08 -16.48
CA PRO A 112 -10.90 4.34 -17.12
C PRO A 112 -11.89 3.17 -17.01
N ASN A 113 -11.41 2.01 -16.54
CA ASN A 113 -12.25 0.81 -16.42
C ASN A 113 -13.08 0.84 -15.14
N LEU A 114 -12.86 1.84 -14.28
CA LEU A 114 -13.62 1.99 -13.04
C LEU A 114 -13.98 3.46 -12.79
N SER A 115 -13.58 4.34 -13.71
CA SER A 115 -13.84 5.78 -13.62
C SER A 115 -13.30 6.39 -12.32
N GLY A 116 -12.21 5.84 -11.78
CA GLY A 116 -11.61 6.34 -10.56
C GLY A 116 -12.27 5.78 -9.30
N GLN A 117 -12.00 6.41 -8.16
CA GLN A 117 -12.55 5.98 -6.87
C GLN A 117 -14.03 6.35 -6.78
N GLY A 118 -14.51 7.20 -7.68
CA GLY A 118 -15.90 7.64 -7.71
C GLY A 118 -16.12 8.67 -8.81
N GLN A 1 34.59 24.20 7.48
CA GLN A 1 34.32 23.02 6.61
C GLN A 1 33.18 22.20 7.19
N LYS A 2 32.38 21.57 6.31
CA LYS A 2 31.25 20.74 6.72
C LYS A 2 31.12 19.53 5.80
N ILE A 3 30.49 18.46 6.28
CA ILE A 3 30.27 17.26 5.52
C ILE A 3 29.26 17.50 4.40
N SER A 4 29.32 16.70 3.34
CA SER A 4 28.43 16.85 2.18
C SER A 4 27.05 16.24 2.40
N ARG A 5 26.82 15.64 3.57
CA ARG A 5 25.56 15.01 3.93
C ARG A 5 25.21 15.28 5.40
N PRO A 6 25.02 16.56 5.76
CA PRO A 6 24.77 16.99 7.13
C PRO A 6 23.36 16.63 7.60
N GLY A 7 22.50 16.18 6.70
CA GLY A 7 21.14 15.76 7.05
C GLY A 7 21.17 14.45 7.84
N ASP A 8 20.14 14.23 8.67
CA ASP A 8 20.05 13.03 9.49
C ASP A 8 18.59 12.71 9.81
N SER A 9 18.35 11.43 10.15
CA SER A 9 17.05 10.86 10.52
C SER A 9 15.93 11.10 9.50
N ASP A 10 14.77 10.49 9.77
CA ASP A 10 13.57 10.58 8.95
C ASP A 10 13.81 10.22 7.47
N ASP A 11 14.91 9.53 7.18
CA ASP A 11 15.28 9.12 5.83
C ASP A 11 15.25 10.28 4.83
N SER A 12 15.52 11.51 5.31
CA SER A 12 15.45 12.73 4.52
C SER A 12 14.08 12.96 3.88
N ARG A 13 13.09 12.15 4.29
CA ARG A 13 11.70 12.17 3.85
C ARG A 13 11.50 11.96 2.35
N SER A 14 10.44 11.19 2.02
CA SER A 14 10.03 10.83 0.67
C SER A 14 11.07 10.08 -0.16
N VAL A 15 10.61 9.16 -0.99
CA VAL A 15 11.46 8.42 -1.93
C VAL A 15 10.63 7.90 -3.11
N ASN A 16 9.42 7.39 -2.82
CA ASN A 16 8.48 6.97 -3.84
C ASN A 16 7.07 6.83 -3.23
N SER A 17 6.05 6.74 -4.08
CA SER A 17 4.66 6.63 -3.64
C SER A 17 4.19 5.18 -3.62
N VAL A 18 5.12 4.22 -3.72
CA VAL A 18 4.78 2.80 -3.76
C VAL A 18 5.30 2.09 -2.51
N LEU A 19 4.51 1.14 -2.01
CA LEU A 19 4.80 0.43 -0.78
C LEU A 19 4.72 -1.08 -0.97
N LEU A 20 5.30 -1.81 0.00
CA LEU A 20 5.30 -3.26 0.04
C LEU A 20 4.69 -3.69 1.39
N PHE A 21 3.77 -4.65 1.34
CA PHE A 21 3.05 -5.13 2.51
C PHE A 21 3.32 -6.62 2.70
N THR A 22 3.41 -7.05 3.96
CA THR A 22 3.61 -8.44 4.31
C THR A 22 2.74 -8.79 5.50
N ILE A 23 2.21 -10.02 5.52
CA ILE A 23 1.37 -10.48 6.62
C ILE A 23 2.19 -11.47 7.45
N LEU A 24 2.15 -11.33 8.77
CA LEU A 24 3.00 -12.12 9.66
C LEU A 24 2.34 -13.43 10.08
N ASN A 25 1.02 -13.41 10.30
CA ASN A 25 0.26 -14.58 10.76
C ASN A 25 -0.99 -14.77 9.89
N PRO A 26 -0.82 -15.05 8.59
CA PRO A 26 -1.93 -15.17 7.66
C PRO A 26 -2.74 -16.44 7.94
N ILE A 27 -3.90 -16.26 8.58
CA ILE A 27 -4.83 -17.35 8.84
C ILE A 27 -6.24 -17.00 8.37
N TYR A 28 -6.41 -15.80 7.79
CA TYR A 28 -7.67 -15.34 7.24
C TYR A 28 -7.44 -14.82 5.83
N SER A 29 -8.52 -14.60 5.07
CA SER A 29 -8.41 -14.17 3.68
C SER A 29 -8.04 -12.69 3.59
N ILE A 30 -7.28 -12.33 2.55
CA ILE A 30 -6.89 -10.96 2.26
C ILE A 30 -7.04 -10.75 0.74
N THR A 31 -7.67 -9.64 0.36
CA THR A 31 -7.94 -9.32 -1.04
C THR A 31 -7.78 -7.84 -1.29
N THR A 32 -7.92 -7.43 -2.56
CA THR A 32 -7.82 -6.02 -2.93
C THR A 32 -8.92 -5.20 -2.27
N ASP A 33 -10.02 -5.83 -1.88
CA ASP A 33 -11.12 -5.15 -1.23
C ASP A 33 -10.82 -4.94 0.26
N VAL A 34 -9.99 -5.80 0.85
CA VAL A 34 -9.63 -5.70 2.26
C VAL A 34 -8.48 -4.71 2.42
N LEU A 35 -7.54 -4.71 1.47
CA LEU A 35 -6.39 -3.82 1.54
C LEU A 35 -6.78 -2.39 1.16
N TYR A 36 -7.84 -2.22 0.36
CA TYR A 36 -8.29 -0.90 -0.02
C TYR A 36 -9.06 -0.23 1.12
N THR A 37 -9.85 -0.98 1.87
CA THR A 37 -10.65 -0.39 2.94
C THR A 37 -9.79 -0.04 4.15
N ILE A 38 -8.60 -0.64 4.28
CA ILE A 38 -7.69 -0.30 5.37
C ILE A 38 -6.66 0.75 4.92
N CYS A 39 -6.49 0.97 3.61
CA CYS A 39 -5.57 1.99 3.12
C CYS A 39 -6.30 3.29 2.77
N ASN A 40 -7.60 3.23 2.51
CA ASN A 40 -8.39 4.40 2.14
C ASN A 40 -8.41 5.50 3.20
N PRO A 41 -8.55 5.20 4.50
CA PRO A 41 -8.58 6.21 5.54
C PRO A 41 -7.19 6.83 5.77
N CYS A 42 -6.14 6.26 5.18
CA CYS A 42 -4.79 6.78 5.34
C CYS A 42 -4.41 7.69 4.18
N GLY A 43 -5.10 7.58 3.04
CA GLY A 43 -4.84 8.42 1.88
C GLY A 43 -5.45 7.83 0.62
N PRO A 44 -5.46 8.60 -0.48
CA PRO A 44 -6.00 8.18 -1.76
C PRO A 44 -5.16 7.06 -2.36
N VAL A 45 -5.75 5.88 -2.51
CA VAL A 45 -5.08 4.75 -3.14
C VAL A 45 -5.33 4.78 -4.64
N GLN A 46 -4.36 4.31 -5.43
CA GLN A 46 -4.45 4.29 -6.88
C GLN A 46 -4.53 2.86 -7.40
N ARG A 47 -3.78 1.92 -6.81
CA ARG A 47 -3.85 0.53 -7.24
C ARG A 47 -3.31 -0.43 -6.20
N ILE A 48 -3.70 -1.71 -6.28
CA ILE A 48 -3.30 -2.74 -5.34
C ILE A 48 -3.07 -4.07 -6.07
N VAL A 49 -2.12 -4.87 -5.58
CA VAL A 49 -1.85 -6.21 -6.11
C VAL A 49 -1.39 -7.13 -4.97
N ILE A 50 -1.78 -8.40 -5.04
CA ILE A 50 -1.45 -9.39 -4.02
C ILE A 50 -0.44 -10.39 -4.58
N PHE A 51 0.41 -10.96 -3.71
CA PHE A 51 1.38 -11.97 -4.06
C PHE A 51 1.38 -13.08 -3.00
N ARG A 52 1.68 -14.31 -3.42
CA ARG A 52 1.67 -15.48 -2.55
C ARG A 52 2.82 -16.43 -2.83
N LYS A 53 3.86 -15.96 -3.55
CA LYS A 53 5.01 -16.79 -3.88
C LYS A 53 5.74 -17.24 -2.61
N ASN A 54 5.63 -16.46 -1.54
CA ASN A 54 6.17 -16.81 -0.23
C ASN A 54 5.30 -16.14 0.83
N GLY A 55 4.68 -16.93 1.72
CA GLY A 55 3.76 -16.38 2.70
C GLY A 55 2.63 -15.65 2.00
N VAL A 56 2.20 -14.52 2.58
CA VAL A 56 1.21 -13.66 1.95
C VAL A 56 1.75 -12.23 1.96
N GLN A 57 1.68 -11.57 0.81
CA GLN A 57 2.21 -10.22 0.62
C GLN A 57 1.32 -9.44 -0.35
N ALA A 58 1.52 -8.12 -0.41
CA ALA A 58 0.79 -7.26 -1.31
C ALA A 58 1.59 -5.97 -1.57
N MET A 59 1.13 -5.16 -2.52
CA MET A 59 1.74 -3.87 -2.81
C MET A 59 0.65 -2.83 -3.04
N VAL A 60 0.95 -1.57 -2.74
CA VAL A 60 -0.02 -0.48 -2.83
C VAL A 60 0.66 0.77 -3.38
N GLU A 61 -0.11 1.62 -4.05
CA GLU A 61 0.37 2.90 -4.57
C GLU A 61 -0.67 3.97 -4.29
N PHE A 62 -0.20 5.18 -3.94
CA PHE A 62 -1.05 6.31 -3.61
C PHE A 62 -0.88 7.44 -4.61
N ASP A 63 -1.78 8.43 -4.56
CA ASP A 63 -1.77 9.55 -5.49
C ASP A 63 -0.65 10.53 -5.17
N SER A 64 -0.03 10.41 -3.99
CA SER A 64 1.06 11.26 -3.57
C SER A 64 1.95 10.52 -2.58
N VAL A 65 3.23 10.90 -2.51
CA VAL A 65 4.16 10.28 -1.57
C VAL A 65 3.82 10.69 -0.15
N GLN A 66 3.18 11.85 0.04
CA GLN A 66 2.74 12.26 1.36
C GLN A 66 1.67 11.31 1.89
N SER A 67 0.93 10.68 0.98
CA SER A 67 -0.12 9.74 1.35
C SER A 67 0.46 8.36 1.63
N ALA A 68 1.61 8.05 1.01
CA ALA A 68 2.29 6.78 1.27
C ALA A 68 3.09 6.86 2.57
N GLN A 69 3.49 8.08 2.97
CA GLN A 69 4.18 8.30 4.22
C GLN A 69 3.22 8.10 5.39
N ARG A 70 1.97 8.53 5.23
CA ARG A 70 0.95 8.36 6.26
C ARG A 70 0.43 6.93 6.28
N ALA A 71 0.53 6.22 5.15
CA ALA A 71 0.03 4.86 5.06
C ALA A 71 0.84 3.92 5.93
N LYS A 72 2.16 3.87 5.76
CA LYS A 72 2.97 2.97 6.57
C LYS A 72 3.15 3.49 8.00
N ALA A 73 2.86 4.78 8.23
CA ALA A 73 2.93 5.34 9.56
C ALA A 73 1.66 5.07 10.36
N SER A 74 0.59 4.58 9.71
CA SER A 74 -0.68 4.29 10.37
C SER A 74 -1.14 2.85 10.17
N LEU A 75 -0.38 2.03 9.42
CA LEU A 75 -0.79 0.66 9.11
C LEU A 75 0.32 -0.36 9.39
N ASN A 76 1.52 0.07 9.78
CA ASN A 76 2.59 -0.85 10.09
C ASN A 76 2.34 -1.45 11.48
N GLY A 77 2.41 -2.77 11.60
CA GLY A 77 2.13 -3.46 12.85
C GLY A 77 0.64 -3.50 13.17
N ALA A 78 -0.21 -3.04 12.24
CA ALA A 78 -1.66 -3.00 12.43
C ALA A 78 -2.27 -4.40 12.29
N ASP A 79 -3.58 -4.49 12.52
CA ASP A 79 -4.32 -5.74 12.48
C ASP A 79 -5.68 -5.51 11.81
N ILE A 80 -6.23 -6.53 11.16
CA ILE A 80 -7.48 -6.40 10.41
C ILE A 80 -8.60 -7.24 11.04
N TYR A 81 -8.25 -8.22 11.88
CA TYR A 81 -9.23 -9.11 12.48
C TYR A 81 -9.12 -9.09 14.01
N SER A 82 -8.55 -8.02 14.57
CA SER A 82 -8.31 -7.88 16.00
C SER A 82 -7.49 -9.04 16.56
N GLY A 83 -6.76 -9.74 15.70
CA GLY A 83 -5.92 -10.87 16.04
C GLY A 83 -5.45 -11.57 14.77
N CYS A 84 -4.17 -11.95 14.75
CA CYS A 84 -3.53 -12.56 13.60
C CYS A 84 -3.64 -11.69 12.34
N CYS A 85 -3.10 -12.17 11.23
CA CYS A 85 -3.03 -11.40 9.99
C CYS A 85 -2.40 -10.02 10.22
N THR A 86 -1.50 -9.92 11.18
CA THR A 86 -0.83 -8.67 11.51
C THR A 86 -0.05 -8.16 10.30
N LEU A 87 -0.08 -6.85 10.08
CA LEU A 87 0.53 -6.22 8.93
C LEU A 87 1.96 -5.77 9.21
N LYS A 88 2.76 -5.67 8.15
CA LYS A 88 4.11 -5.12 8.18
C LYS A 88 4.31 -4.39 6.85
N ILE A 89 4.88 -3.18 6.89
CA ILE A 89 5.04 -2.36 5.70
C ILE A 89 6.47 -1.85 5.57
N GLU A 90 6.91 -1.66 4.32
CA GLU A 90 8.17 -1.05 3.97
C GLU A 90 8.05 -0.46 2.56
N TYR A 91 9.01 0.35 2.12
CA TYR A 91 8.95 0.93 0.78
C TYR A 91 9.41 -0.07 -0.26
N ALA A 92 8.78 -0.04 -1.44
CA ALA A 92 9.12 -0.94 -2.53
C ALA A 92 10.28 -0.38 -3.35
N LYS A 93 10.89 -1.20 -4.20
CA LYS A 93 12.06 -0.80 -4.98
C LYS A 93 11.76 -0.05 -6.28
N PRO A 94 10.59 -0.21 -6.93
CA PRO A 94 10.30 0.53 -8.15
C PRO A 94 9.79 1.92 -7.80
N THR A 95 9.48 2.72 -8.82
CA THR A 95 8.90 4.06 -8.63
C THR A 95 7.44 4.09 -9.05
N ARG A 96 6.94 2.97 -9.59
CA ARG A 96 5.57 2.82 -10.04
C ARG A 96 5.15 1.36 -9.99
N LEU A 97 3.85 1.10 -9.83
CA LEU A 97 3.28 -0.23 -9.90
C LEU A 97 2.34 -0.32 -11.11
N ASN A 98 1.91 -1.54 -11.44
CA ASN A 98 1.04 -1.76 -12.59
C ASN A 98 -0.01 -2.82 -12.29
N VAL A 99 -1.11 -2.82 -13.04
CA VAL A 99 -2.22 -3.76 -12.87
C VAL A 99 -2.69 -4.20 -14.25
N PHE A 100 -3.33 -5.38 -14.32
CA PHE A 100 -3.73 -5.98 -15.59
C PHE A 100 -5.22 -6.30 -15.63
N LYS A 101 -5.90 -6.29 -14.48
CA LYS A 101 -7.31 -6.64 -14.36
C LYS A 101 -7.86 -6.12 -13.03
N ASN A 102 -9.18 -6.28 -12.84
CA ASN A 102 -9.85 -5.89 -11.61
C ASN A 102 -10.54 -7.11 -10.98
N ASP A 103 -9.86 -7.76 -10.04
CA ASP A 103 -10.39 -8.89 -9.30
C ASP A 103 -9.81 -8.94 -7.88
N GLN A 104 -10.07 -10.03 -7.15
CA GLN A 104 -9.64 -10.16 -5.76
C GLN A 104 -8.13 -10.32 -5.60
N ASP A 105 -7.37 -10.43 -6.69
CA ASP A 105 -5.93 -10.63 -6.62
C ASP A 105 -5.17 -9.38 -7.07
N THR A 106 -5.80 -8.53 -7.88
CA THR A 106 -5.24 -7.24 -8.26
C THR A 106 -6.36 -6.31 -8.74
N TRP A 107 -6.26 -5.02 -8.43
CA TRP A 107 -7.30 -4.06 -8.78
C TRP A 107 -6.68 -2.69 -8.96
N ASP A 108 -7.27 -1.87 -9.83
CA ASP A 108 -6.81 -0.52 -10.08
C ASP A 108 -7.98 0.45 -9.93
N TYR A 109 -7.74 1.59 -9.28
CA TYR A 109 -8.77 2.56 -8.96
C TYR A 109 -8.59 3.88 -9.70
N THR A 110 -7.62 3.95 -10.61
CA THR A 110 -7.37 5.16 -11.40
C THR A 110 -7.31 4.82 -12.89
N ASN A 111 -7.38 3.53 -13.24
CA ASN A 111 -7.37 3.04 -14.60
C ASN A 111 -8.77 3.19 -15.22
N PRO A 112 -8.90 3.84 -16.38
CA PRO A 112 -10.16 4.01 -17.07
C PRO A 112 -10.84 2.69 -17.44
N ASN A 113 -10.12 1.58 -17.41
CA ASN A 113 -10.72 0.29 -17.69
C ASN A 113 -11.69 -0.04 -16.55
N LEU A 114 -12.96 -0.24 -16.90
CA LEU A 114 -14.05 -0.52 -15.96
C LEU A 114 -14.16 0.60 -14.93
N SER A 115 -13.69 1.80 -15.27
CA SER A 115 -13.69 2.98 -14.42
C SER A 115 -13.07 2.73 -13.05
N GLY A 116 -12.33 1.61 -12.89
CA GLY A 116 -11.69 1.26 -11.64
C GLY A 116 -12.69 0.89 -10.55
N GLN A 117 -13.97 0.70 -10.90
CA GLN A 117 -15.00 0.38 -9.93
C GLN A 117 -15.99 -0.68 -10.43
N GLY A 118 -15.86 -1.12 -11.69
CA GLY A 118 -16.74 -2.12 -12.26
C GLY A 118 -18.17 -1.62 -12.38
#